data_1WII
#
_entry.id   1WII
#
loop_
_entity.id
_entity.type
_entity.pdbx_description
1 polymer 'Hypothetical UPF0222 protein MGC4549'
2 non-polymer 'ZINC ION'
#
_entity_poly.entity_id   1
_entity_poly.type   'polypeptide(L)'
_entity_poly.pdbx_seq_one_letter_code
;GSSGSSGRKPPPKKKMTGTLETQFTCPFCNHEKSCDVKMDRARNTGVISCTVCLEEFQTPITYLSEPVDVYSDWIDACES
GPSSG
;
_entity_poly.pdbx_strand_id   A
#
loop_
_chem_comp.id
_chem_comp.type
_chem_comp.name
_chem_comp.formula
ZN non-polymer 'ZINC ION' 'Zn 2'
#
# COMPACT_ATOMS: atom_id res chain seq x y z
N GLY A 1 -37.08 -7.16 34.77
CA GLY A 1 -35.64 -7.17 34.54
C GLY A 1 -34.96 -5.95 35.12
N SER A 2 -34.07 -5.33 34.34
CA SER A 2 -33.34 -4.16 34.80
C SER A 2 -33.26 -3.11 33.68
N SER A 3 -32.88 -1.90 34.05
CA SER A 3 -32.76 -0.80 33.09
C SER A 3 -32.44 0.51 33.79
N GLY A 4 -31.83 1.44 33.05
CA GLY A 4 -31.48 2.72 33.62
C GLY A 4 -31.67 3.86 32.63
N SER A 5 -31.01 3.75 31.48
CA SER A 5 -31.11 4.79 30.45
C SER A 5 -30.52 6.10 30.95
N SER A 6 -30.03 6.92 30.03
CA SER A 6 -29.43 8.21 30.37
C SER A 6 -29.45 9.15 29.17
N GLY A 7 -29.00 8.65 28.02
CA GLY A 7 -28.97 9.46 26.82
C GLY A 7 -27.65 10.20 26.66
N ARG A 8 -27.70 11.35 25.98
CA ARG A 8 -26.51 12.15 25.76
C ARG A 8 -25.49 11.38 24.93
N LYS A 9 -24.96 12.01 23.89
CA LYS A 9 -23.98 11.39 23.03
C LYS A 9 -23.23 12.44 22.20
N PRO A 10 -22.05 12.84 22.70
CA PRO A 10 -21.21 13.85 22.03
C PRO A 10 -20.60 13.31 20.73
N PRO A 11 -20.40 14.21 19.76
CA PRO A 11 -19.82 13.85 18.46
C PRO A 11 -18.35 13.50 18.56
N PRO A 12 -17.92 12.49 17.79
CA PRO A 12 -16.53 12.03 17.77
C PRO A 12 -15.59 13.05 17.14
N LYS A 13 -14.34 13.06 17.59
CA LYS A 13 -13.34 13.98 17.06
C LYS A 13 -13.11 13.75 15.57
N LYS A 14 -12.73 14.80 14.86
CA LYS A 14 -12.48 14.71 13.42
C LYS A 14 -11.11 14.08 13.15
N LYS A 15 -11.12 13.00 12.37
CA LYS A 15 -9.88 12.30 12.04
C LYS A 15 -10.05 11.49 10.76
N MET A 16 -9.58 12.06 9.64
CA MET A 16 -9.69 11.39 8.35
C MET A 16 -8.33 10.84 7.91
N THR A 17 -8.32 10.08 6.83
CA THR A 17 -7.09 9.50 6.31
C THR A 17 -6.68 10.16 5.01
N GLY A 18 -5.51 10.80 5.01
CA GLY A 18 -5.02 11.46 3.81
C GLY A 18 -4.25 10.53 2.91
N THR A 19 -4.93 9.97 1.91
CA THR A 19 -4.30 9.05 0.97
C THR A 19 -3.55 9.82 -0.12
N LEU A 20 -2.93 9.07 -1.04
CA LEU A 20 -2.19 9.67 -2.13
C LEU A 20 -0.89 10.30 -1.64
N GLU A 21 -0.27 9.67 -0.64
CA GLU A 21 0.97 10.16 -0.08
C GLU A 21 2.13 9.21 -0.37
N THR A 22 2.08 8.57 -1.54
CA THR A 22 3.12 7.63 -1.93
C THR A 22 3.53 6.75 -0.76
N GLN A 23 2.64 6.59 0.20
CA GLN A 23 2.91 5.77 1.38
C GLN A 23 1.72 4.88 1.71
N PHE A 24 1.99 3.64 2.06
CA PHE A 24 0.95 2.68 2.40
C PHE A 24 1.48 1.57 3.31
N THR A 25 0.57 0.92 4.03
CA THR A 25 0.96 -0.15 4.94
C THR A 25 1.41 -1.39 4.17
N CYS A 26 2.33 -2.15 4.76
CA CYS A 26 2.85 -3.35 4.13
C CYS A 26 2.31 -4.60 4.83
N PRO A 27 1.55 -5.42 4.07
CA PRO A 27 0.96 -6.65 4.60
C PRO A 27 2.01 -7.73 4.88
N PHE A 28 3.21 -7.51 4.35
CA PHE A 28 4.30 -8.47 4.54
C PHE A 28 4.91 -8.32 5.94
N CYS A 29 5.28 -7.10 6.28
CA CYS A 29 5.87 -6.82 7.59
C CYS A 29 4.95 -5.95 8.44
N ASN A 30 4.23 -5.05 7.79
CA ASN A 30 3.30 -4.16 8.48
C ASN A 30 4.05 -3.25 9.44
N HIS A 31 4.66 -2.19 8.90
CA HIS A 31 5.42 -1.24 9.71
C HIS A 31 4.94 0.19 9.44
N GLU A 32 3.64 0.34 9.21
CA GLU A 32 3.08 1.66 8.93
C GLU A 32 3.71 2.28 7.70
N LYS A 33 3.32 3.51 7.39
CA LYS A 33 3.84 4.22 6.24
C LYS A 33 5.32 3.87 6.01
N SER A 34 5.54 2.85 5.18
CA SER A 34 6.91 2.41 4.87
C SER A 34 6.97 1.76 3.50
N CYS A 35 6.33 2.39 2.51
CA CYS A 35 6.32 1.88 1.15
C CYS A 35 6.19 3.01 0.14
N ASP A 36 6.83 2.85 -1.00
CA ASP A 36 6.79 3.86 -2.06
C ASP A 36 6.18 3.28 -3.33
N VAL A 37 5.23 4.01 -3.90
CA VAL A 37 4.57 3.59 -5.13
C VAL A 37 5.12 4.32 -6.34
N LYS A 38 5.65 3.57 -7.30
CA LYS A 38 6.21 4.15 -8.51
C LYS A 38 5.22 4.06 -9.67
N MET A 39 4.67 5.20 -10.05
CA MET A 39 3.71 5.26 -11.15
C MET A 39 4.40 5.55 -12.47
N ASP A 40 4.71 4.50 -13.22
CA ASP A 40 5.38 4.65 -14.51
C ASP A 40 4.37 4.72 -15.64
N ARG A 41 4.15 5.93 -16.16
CA ARG A 41 3.20 6.12 -17.25
C ARG A 41 3.75 5.57 -18.56
N ALA A 42 4.94 6.02 -18.93
CA ALA A 42 5.58 5.57 -20.17
C ALA A 42 5.32 4.09 -20.40
N ARG A 43 5.39 3.29 -19.33
CA ARG A 43 5.17 1.87 -19.42
C ARG A 43 3.80 1.48 -18.86
N ASN A 44 3.14 2.45 -18.24
CA ASN A 44 1.82 2.22 -17.66
C ASN A 44 1.84 1.03 -16.71
N THR A 45 2.83 1.01 -15.83
CA THR A 45 2.97 -0.08 -14.86
C THR A 45 3.41 0.45 -13.50
N GLY A 46 2.53 0.31 -12.51
CA GLY A 46 2.83 0.79 -11.17
C GLY A 46 3.58 -0.25 -10.35
N VAL A 47 4.76 0.14 -9.87
CA VAL A 47 5.59 -0.77 -9.07
C VAL A 47 5.69 -0.28 -7.63
N ILE A 48 5.25 -1.11 -6.70
CA ILE A 48 5.31 -0.77 -5.27
C ILE A 48 6.50 -1.42 -4.59
N SER A 49 6.89 -0.88 -3.45
CA SER A 49 8.02 -1.41 -2.69
C SER A 49 7.89 -1.08 -1.21
N CYS A 50 8.62 -1.82 -0.38
CA CYS A 50 8.59 -1.60 1.06
C CYS A 50 9.89 -0.98 1.55
N THR A 51 9.87 -0.45 2.77
CA THR A 51 11.05 0.17 3.36
C THR A 51 11.38 -0.45 4.73
N VAL A 52 11.15 -1.74 4.85
CA VAL A 52 11.42 -2.45 6.10
C VAL A 52 11.78 -3.91 5.83
N CYS A 53 11.03 -4.56 4.95
CA CYS A 53 11.28 -5.95 4.61
C CYS A 53 11.97 -6.07 3.26
N LEU A 54 12.07 -4.94 2.54
CA LEU A 54 12.71 -4.92 1.24
C LEU A 54 11.91 -5.74 0.22
N GLU A 55 10.65 -5.34 0.01
CA GLU A 55 9.79 -6.04 -0.94
C GLU A 55 9.44 -5.13 -2.12
N GLU A 56 8.91 -5.74 -3.18
CA GLU A 56 8.53 -4.98 -4.37
C GLU A 56 7.52 -5.76 -5.20
N PHE A 57 6.64 -5.03 -5.89
CA PHE A 57 5.61 -5.65 -6.72
C PHE A 57 5.32 -4.79 -7.94
N GLN A 58 4.94 -5.45 -9.04
CA GLN A 58 4.63 -4.76 -10.29
C GLN A 58 3.19 -4.99 -10.70
N THR A 59 2.58 -3.98 -11.31
CA THR A 59 1.20 -4.07 -11.75
C THR A 59 0.88 -3.01 -12.80
N PRO A 60 0.06 -3.39 -13.79
CA PRO A 60 -0.34 -2.49 -14.88
C PRO A 60 -1.27 -1.38 -14.39
N ILE A 61 -0.94 -0.14 -14.73
CA ILE A 61 -1.74 1.01 -14.34
C ILE A 61 -1.94 1.97 -15.50
N THR A 62 -2.56 3.11 -15.22
CA THR A 62 -2.81 4.12 -16.25
C THR A 62 -2.78 5.52 -15.66
N TYR A 63 -3.11 6.51 -16.47
CA TYR A 63 -3.12 7.90 -16.03
C TYR A 63 -4.22 8.13 -15.01
N LEU A 64 -5.37 7.50 -15.22
CA LEU A 64 -6.50 7.64 -14.32
C LEU A 64 -6.21 6.96 -12.98
N SER A 65 -5.55 5.80 -13.04
CA SER A 65 -5.22 5.06 -11.83
C SER A 65 -4.63 5.97 -10.77
N GLU A 66 -4.60 5.49 -9.53
CA GLU A 66 -4.06 6.27 -8.42
C GLU A 66 -3.03 5.46 -7.63
N PRO A 67 -2.16 6.16 -6.90
CA PRO A 67 -1.11 5.53 -6.09
C PRO A 67 -1.69 4.79 -4.88
N VAL A 68 -2.98 4.98 -4.63
CA VAL A 68 -3.64 4.32 -3.52
C VAL A 68 -4.26 2.99 -3.95
N ASP A 69 -4.63 2.90 -5.22
CA ASP A 69 -5.24 1.68 -5.75
C ASP A 69 -4.21 0.56 -5.83
N VAL A 70 -3.06 0.86 -6.41
CA VAL A 70 -1.99 -0.13 -6.55
C VAL A 70 -1.79 -0.91 -5.25
N TYR A 71 -1.83 -0.19 -4.14
CA TYR A 71 -1.65 -0.82 -2.83
C TYR A 71 -2.64 -1.95 -2.62
N SER A 72 -3.92 -1.65 -2.79
CA SER A 72 -4.98 -2.64 -2.62
C SER A 72 -4.70 -3.87 -3.48
N ASP A 73 -4.45 -3.65 -4.77
CA ASP A 73 -4.17 -4.74 -5.69
C ASP A 73 -3.05 -5.63 -5.16
N TRP A 74 -1.98 -5.01 -4.70
CA TRP A 74 -0.83 -5.75 -4.16
C TRP A 74 -1.28 -6.74 -3.10
N ILE A 75 -2.29 -6.35 -2.32
CA ILE A 75 -2.81 -7.21 -1.26
C ILE A 75 -3.40 -8.49 -1.84
N ASP A 76 -4.49 -8.35 -2.59
CA ASP A 76 -5.14 -9.51 -3.20
C ASP A 76 -4.16 -10.29 -4.07
N ALA A 77 -3.21 -9.58 -4.67
CA ALA A 77 -2.21 -10.21 -5.53
C ALA A 77 -1.30 -11.13 -4.74
N CYS A 78 -1.14 -10.84 -3.45
CA CYS A 78 -0.29 -11.64 -2.58
C CYS A 78 -1.11 -12.73 -1.89
N GLU A 79 -2.21 -12.33 -1.25
CA GLU A 79 -3.07 -13.27 -0.56
C GLU A 79 -3.70 -14.26 -1.54
N SER A 80 -3.71 -13.89 -2.81
CA SER A 80 -4.29 -14.75 -3.85
C SER A 80 -4.30 -14.03 -5.19
N GLY A 81 -3.17 -14.08 -5.89
CA GLY A 81 -3.07 -13.43 -7.19
C GLY A 81 -1.64 -13.23 -7.63
N PRO A 82 -0.93 -14.34 -7.89
CA PRO A 82 0.47 -14.31 -8.31
C PRO A 82 0.62 -13.76 -9.73
N SER A 83 1.08 -12.52 -9.84
CA SER A 83 1.27 -11.88 -11.14
C SER A 83 2.53 -12.40 -11.81
N SER A 84 2.49 -12.46 -13.15
CA SER A 84 3.63 -12.94 -13.92
C SER A 84 4.35 -11.79 -14.61
N GLY A 85 3.61 -11.01 -15.39
CA GLY A 85 4.19 -9.89 -16.09
C GLY A 85 4.24 -10.10 -17.59
ZN ZN B . 7.25 -4.84 4.21
N GLY A 1 -17.67 26.44 46.90
CA GLY A 1 -17.02 25.62 45.89
C GLY A 1 -17.79 25.62 44.57
N SER A 2 -17.10 26.03 43.51
CA SER A 2 -17.72 26.08 42.18
C SER A 2 -16.73 26.61 41.15
N SER A 3 -16.08 27.72 41.47
CA SER A 3 -15.10 28.33 40.56
C SER A 3 -14.33 27.25 39.80
N GLY A 4 -14.09 27.51 38.52
CA GLY A 4 -13.36 26.57 37.69
C GLY A 4 -13.56 26.81 36.21
N SER A 5 -12.78 26.13 35.38
CA SER A 5 -12.87 26.28 33.94
C SER A 5 -11.92 25.32 33.23
N SER A 6 -12.13 25.15 31.93
CA SER A 6 -11.29 24.25 31.14
C SER A 6 -10.51 25.03 30.08
N GLY A 7 -9.57 24.35 29.43
CA GLY A 7 -8.77 25.00 28.40
C GLY A 7 -9.06 24.46 27.01
N ARG A 8 -8.53 23.27 26.72
CA ARG A 8 -8.73 22.65 25.42
C ARG A 8 -10.11 22.01 25.33
N LYS A 9 -10.72 22.10 24.15
CA LYS A 9 -12.04 21.53 23.93
C LYS A 9 -12.43 21.60 22.45
N PRO A 10 -12.59 22.83 21.94
CA PRO A 10 -12.94 23.06 20.54
C PRO A 10 -11.82 22.69 19.58
N PRO A 11 -12.08 21.71 18.70
CA PRO A 11 -11.10 21.25 17.72
C PRO A 11 -10.83 22.28 16.63
N PRO A 12 -9.77 22.06 15.84
CA PRO A 12 -9.39 22.97 14.75
C PRO A 12 -10.38 22.92 13.59
N LYS A 13 -10.38 23.96 12.77
CA LYS A 13 -11.27 24.03 11.63
C LYS A 13 -10.65 23.34 10.42
N LYS A 14 -11.38 22.37 9.86
CA LYS A 14 -10.91 21.63 8.69
C LYS A 14 -11.90 21.75 7.54
N LYS A 15 -13.13 21.32 7.76
CA LYS A 15 -14.17 21.38 6.74
C LYS A 15 -13.94 20.32 5.68
N MET A 16 -12.83 20.42 4.97
CA MET A 16 -12.49 19.46 3.91
C MET A 16 -11.12 18.83 4.17
N THR A 17 -11.10 17.52 4.34
CA THR A 17 -9.86 16.80 4.59
C THR A 17 -9.74 15.58 3.67
N GLY A 18 -8.98 15.73 2.60
CA GLY A 18 -8.79 14.64 1.66
C GLY A 18 -7.55 14.81 0.80
N THR A 19 -6.41 14.37 1.32
CA THR A 19 -5.15 14.49 0.59
C THR A 19 -4.66 13.13 0.13
N LEU A 20 -4.00 13.11 -1.03
CA LEU A 20 -3.48 11.86 -1.59
C LEU A 20 -2.05 11.61 -1.11
N GLU A 21 -1.92 10.84 -0.03
CA GLU A 21 -0.61 10.52 0.51
C GLU A 21 0.13 9.53 -0.38
N THR A 22 1.46 9.60 -0.36
CA THR A 22 2.29 8.72 -1.17
C THR A 22 2.92 7.63 -0.32
N GLN A 23 2.14 7.04 0.58
CA GLN A 23 2.63 6.00 1.47
C GLN A 23 1.51 5.03 1.84
N PHE A 24 1.88 3.79 2.14
CA PHE A 24 0.90 2.77 2.52
C PHE A 24 1.51 1.78 3.50
N THR A 25 0.66 0.92 4.06
CA THR A 25 1.12 -0.08 5.01
C THR A 25 1.46 -1.40 4.32
N CYS A 26 2.59 -1.98 4.68
CA CYS A 26 3.03 -3.24 4.10
C CYS A 26 2.42 -4.43 4.84
N PRO A 27 1.57 -5.19 4.13
CA PRO A 27 0.91 -6.36 4.69
C PRO A 27 1.88 -7.51 4.96
N PHE A 28 3.09 -7.40 4.41
CA PHE A 28 4.10 -8.42 4.58
C PHE A 28 4.75 -8.33 5.97
N CYS A 29 5.29 -7.16 6.27
CA CYS A 29 5.94 -6.93 7.55
C CYS A 29 5.06 -6.11 8.47
N ASN A 30 4.37 -5.12 7.90
CA ASN A 30 3.47 -4.26 8.68
C ASN A 30 4.28 -3.21 9.44
N HIS A 31 4.62 -2.12 8.77
CA HIS A 31 5.38 -1.05 9.38
C HIS A 31 4.77 0.31 9.06
N GLU A 32 4.03 0.87 10.01
CA GLU A 32 3.40 2.18 9.81
C GLU A 32 4.26 3.07 8.91
N LYS A 33 3.77 3.31 7.71
CA LYS A 33 4.49 4.16 6.75
C LYS A 33 5.82 3.54 6.39
N SER A 34 5.82 2.69 5.37
CA SER A 34 7.04 2.03 4.91
C SER A 34 6.83 1.40 3.53
N CYS A 35 6.17 2.14 2.66
CA CYS A 35 5.92 1.66 1.30
C CYS A 35 5.94 2.81 0.30
N ASP A 36 6.50 2.54 -0.88
CA ASP A 36 6.60 3.55 -1.92
C ASP A 36 6.00 3.05 -3.24
N VAL A 37 5.14 3.85 -3.85
CA VAL A 37 4.51 3.48 -5.11
C VAL A 37 5.11 4.25 -6.28
N LYS A 38 5.57 3.52 -7.28
CA LYS A 38 6.18 4.12 -8.47
C LYS A 38 5.21 4.11 -9.64
N MET A 39 4.56 5.24 -9.90
CA MET A 39 3.62 5.35 -11.00
C MET A 39 4.34 5.64 -12.31
N ASP A 40 4.62 4.59 -13.06
CA ASP A 40 5.31 4.73 -14.34
C ASP A 40 4.31 4.85 -15.49
N ARG A 41 4.18 6.05 -16.03
CA ARG A 41 3.26 6.30 -17.13
C ARG A 41 3.81 5.76 -18.44
N ALA A 42 5.02 6.18 -18.79
CA ALA A 42 5.66 5.74 -20.01
C ALA A 42 5.38 4.26 -20.29
N ARG A 43 5.44 3.45 -19.23
CA ARG A 43 5.19 2.02 -19.35
C ARG A 43 3.79 1.67 -18.85
N ASN A 44 3.20 2.59 -18.10
CA ASN A 44 1.85 2.38 -17.56
C ASN A 44 1.83 1.16 -16.63
N THR A 45 2.83 1.07 -15.76
CA THR A 45 2.92 -0.04 -14.82
C THR A 45 3.33 0.44 -13.43
N GLY A 46 2.40 0.33 -12.48
CA GLY A 46 2.69 0.76 -11.12
C GLY A 46 3.50 -0.26 -10.35
N VAL A 47 4.66 0.17 -9.86
CA VAL A 47 5.55 -0.72 -9.10
C VAL A 47 5.72 -0.22 -7.67
N ILE A 48 5.28 -1.03 -6.70
CA ILE A 48 5.39 -0.67 -5.29
C ILE A 48 6.52 -1.43 -4.62
N SER A 49 7.00 -0.89 -3.51
CA SER A 49 8.09 -1.52 -2.77
C SER A 49 7.99 -1.20 -1.28
N CYS A 50 8.73 -1.95 -0.47
CA CYS A 50 8.72 -1.75 0.97
C CYS A 50 10.06 -1.18 1.45
N THR A 51 10.07 -0.66 2.67
CA THR A 51 11.28 -0.07 3.24
C THR A 51 11.62 -0.72 4.58
N VAL A 52 11.30 -2.01 4.72
CA VAL A 52 11.58 -2.74 5.94
C VAL A 52 11.94 -4.19 5.65
N CYS A 53 11.12 -4.85 4.84
CA CYS A 53 11.35 -6.25 4.49
C CYS A 53 12.04 -6.35 3.13
N LEU A 54 12.11 -5.23 2.42
CA LEU A 54 12.75 -5.19 1.11
C LEU A 54 11.94 -5.99 0.10
N GLU A 55 10.69 -5.61 -0.10
CA GLU A 55 9.82 -6.29 -1.05
C GLU A 55 9.39 -5.35 -2.17
N GLU A 56 8.88 -5.93 -3.26
CA GLU A 56 8.45 -5.15 -4.41
C GLU A 56 7.38 -5.90 -5.21
N PHE A 57 6.60 -5.15 -5.99
CA PHE A 57 5.54 -5.74 -6.79
C PHE A 57 5.26 -4.89 -8.02
N GLN A 58 4.74 -5.53 -9.07
CA GLN A 58 4.43 -4.84 -10.31
C GLN A 58 2.96 -5.01 -10.68
N THR A 59 2.39 -3.99 -11.33
CA THR A 59 1.00 -4.04 -11.74
C THR A 59 0.70 -2.99 -12.81
N PRO A 60 -0.12 -3.37 -13.80
CA PRO A 60 -0.51 -2.47 -14.90
C PRO A 60 -1.41 -1.34 -14.44
N ILE A 61 -1.05 -0.12 -14.83
CA ILE A 61 -1.84 1.06 -14.46
C ILE A 61 -2.08 1.96 -15.66
N THR A 62 -2.78 3.07 -15.43
CA THR A 62 -3.07 4.02 -16.49
C THR A 62 -3.03 5.44 -15.98
N TYR A 63 -3.02 6.41 -16.90
CA TYR A 63 -2.98 7.82 -16.54
C TYR A 63 -4.04 8.14 -15.49
N LEU A 64 -5.16 7.45 -15.55
CA LEU A 64 -6.25 7.65 -14.59
C LEU A 64 -5.96 6.95 -13.27
N SER A 65 -5.31 5.80 -13.36
CA SER A 65 -4.98 5.02 -12.16
C SER A 65 -4.45 5.94 -11.06
N GLU A 66 -4.55 5.46 -9.82
CA GLU A 66 -4.09 6.23 -8.67
C GLU A 66 -3.08 5.44 -7.85
N PRO A 67 -2.30 6.15 -7.02
CA PRO A 67 -1.28 5.53 -6.17
C PRO A 67 -1.89 4.71 -5.04
N VAL A 68 -3.21 4.81 -4.88
CA VAL A 68 -3.91 4.05 -3.85
C VAL A 68 -4.41 2.72 -4.37
N ASP A 69 -4.71 2.68 -5.67
CA ASP A 69 -5.21 1.47 -6.30
C ASP A 69 -4.12 0.39 -6.33
N VAL A 70 -2.93 0.77 -6.74
CA VAL A 70 -1.81 -0.15 -6.81
C VAL A 70 -1.65 -0.94 -5.51
N TYR A 71 -1.85 -0.25 -4.39
CA TYR A 71 -1.74 -0.88 -3.09
C TYR A 71 -2.76 -2.00 -2.92
N SER A 72 -4.04 -1.65 -3.05
CA SER A 72 -5.11 -2.63 -2.92
C SER A 72 -4.84 -3.86 -3.78
N ASP A 73 -4.42 -3.63 -5.02
CA ASP A 73 -4.13 -4.71 -5.94
C ASP A 73 -3.02 -5.61 -5.38
N TRP A 74 -1.97 -4.99 -4.87
CA TRP A 74 -0.83 -5.72 -4.31
C TRP A 74 -1.31 -6.70 -3.23
N ILE A 75 -2.41 -6.36 -2.58
CA ILE A 75 -2.97 -7.21 -1.53
C ILE A 75 -3.53 -8.49 -2.10
N ASP A 76 -4.59 -8.37 -2.91
CA ASP A 76 -5.22 -9.52 -3.52
C ASP A 76 -4.18 -10.44 -4.16
N ALA A 77 -3.02 -9.88 -4.48
CA ALA A 77 -1.94 -10.66 -5.09
C ALA A 77 -1.02 -11.25 -4.03
N CYS A 78 -0.94 -10.58 -2.88
CA CYS A 78 -0.09 -11.05 -1.78
C CYS A 78 -0.79 -12.15 -1.00
N GLU A 79 -2.11 -12.08 -0.92
CA GLU A 79 -2.90 -13.08 -0.20
C GLU A 79 -2.89 -14.41 -0.94
N SER A 80 -2.69 -14.35 -2.25
CA SER A 80 -2.68 -15.56 -3.07
C SER A 80 -1.25 -16.07 -3.25
N GLY A 81 -1.12 -17.28 -3.79
CA GLY A 81 0.19 -17.86 -4.00
C GLY A 81 0.97 -17.15 -5.08
N PRO A 82 2.25 -17.52 -5.23
CA PRO A 82 3.14 -16.92 -6.23
C PRO A 82 2.76 -17.32 -7.65
N SER A 83 3.21 -16.51 -8.62
CA SER A 83 2.91 -16.77 -10.02
C SER A 83 1.44 -16.50 -10.33
N SER A 84 0.90 -15.47 -9.69
CA SER A 84 -0.50 -15.09 -9.89
C SER A 84 -0.70 -14.46 -11.27
N GLY A 85 -1.93 -14.53 -11.77
CA GLY A 85 -2.24 -13.97 -13.07
C GLY A 85 -2.41 -12.47 -13.03
ZN ZN B . 7.36 -4.96 4.14
N GLY A 1 -34.88 2.96 45.28
CA GLY A 1 -34.73 4.24 44.62
C GLY A 1 -33.37 4.85 44.86
N SER A 2 -32.82 5.51 43.84
CA SER A 2 -31.51 6.14 43.94
C SER A 2 -31.53 7.53 43.34
N SER A 3 -30.40 8.24 43.44
CA SER A 3 -30.29 9.59 42.91
C SER A 3 -29.69 9.57 41.51
N GLY A 4 -30.00 10.60 40.72
CA GLY A 4 -29.48 10.68 39.37
C GLY A 4 -28.18 11.46 39.30
N SER A 5 -27.29 11.04 38.41
CA SER A 5 -25.99 11.70 38.26
C SER A 5 -25.79 12.15 36.82
N SER A 6 -24.92 13.13 36.63
CA SER A 6 -24.63 13.67 35.30
C SER A 6 -23.23 13.27 34.85
N GLY A 7 -23.13 12.74 33.63
CA GLY A 7 -21.85 12.34 33.10
C GLY A 7 -21.29 13.33 32.10
N ARG A 8 -20.03 13.13 31.71
CA ARG A 8 -19.39 14.03 30.76
C ARG A 8 -19.43 13.45 29.35
N LYS A 9 -19.31 14.31 28.36
CA LYS A 9 -19.34 13.89 26.96
C LYS A 9 -18.34 14.69 26.12
N PRO A 10 -17.41 13.97 25.47
CA PRO A 10 -16.38 14.58 24.63
C PRO A 10 -16.96 15.19 23.35
N PRO A 11 -16.76 16.50 23.16
CA PRO A 11 -17.25 17.21 21.98
C PRO A 11 -16.51 16.81 20.71
N PRO A 12 -17.22 16.86 19.57
CA PRO A 12 -16.66 16.50 18.27
C PRO A 12 -15.63 17.52 17.78
N LYS A 13 -15.14 17.33 16.57
CA LYS A 13 -14.16 18.23 15.99
C LYS A 13 -13.76 17.77 14.58
N LYS A 14 -12.97 18.59 13.90
CA LYS A 14 -12.52 18.28 12.55
C LYS A 14 -11.01 18.49 12.41
N LYS A 15 -10.32 17.45 11.97
CA LYS A 15 -8.87 17.52 11.80
C LYS A 15 -8.36 16.32 10.99
N MET A 16 -7.86 16.59 9.80
CA MET A 16 -7.34 15.54 8.93
C MET A 16 -6.69 16.13 7.69
N THR A 17 -5.56 15.54 7.28
CA THR A 17 -4.84 16.01 6.11
C THR A 17 -4.95 15.02 4.96
N GLY A 18 -5.73 15.39 3.94
CA GLY A 18 -5.90 14.52 2.80
C GLY A 18 -5.38 15.13 1.51
N THR A 19 -4.35 14.51 0.93
CA THR A 19 -3.76 15.01 -0.30
C THR A 19 -3.29 13.85 -1.18
N LEU A 20 -3.64 12.64 -0.80
CA LEU A 20 -3.27 11.45 -1.56
C LEU A 20 -1.76 11.22 -1.49
N GLU A 21 -1.31 10.64 -0.38
CA GLU A 21 0.12 10.36 -0.20
C GLU A 21 0.53 9.10 -0.96
N THR A 22 1.82 9.01 -1.27
CA THR A 22 2.34 7.86 -2.00
C THR A 22 2.93 6.83 -1.05
N GLN A 23 2.24 6.60 0.06
CA GLN A 23 2.68 5.63 1.06
C GLN A 23 1.51 4.83 1.61
N PHE A 24 1.78 3.61 2.06
CA PHE A 24 0.75 2.75 2.60
C PHE A 24 1.35 1.71 3.55
N THR A 25 0.48 0.98 4.25
CA THR A 25 0.92 -0.03 5.19
C THR A 25 1.27 -1.33 4.48
N CYS A 26 2.46 -1.86 4.74
CA CYS A 26 2.91 -3.09 4.11
C CYS A 26 2.32 -4.31 4.84
N PRO A 27 1.56 -5.13 4.09
CA PRO A 27 0.93 -6.33 4.63
C PRO A 27 1.94 -7.42 4.97
N PHE A 28 3.09 -7.39 4.28
CA PHE A 28 4.14 -8.38 4.50
C PHE A 28 4.72 -8.24 5.90
N CYS A 29 5.13 -7.03 6.25
CA CYS A 29 5.72 -6.76 7.56
C CYS A 29 4.84 -5.81 8.36
N ASN A 30 4.37 -4.75 7.70
CA ASN A 30 3.52 -3.76 8.35
C ASN A 30 4.33 -2.92 9.34
N HIS A 31 4.85 -1.78 8.86
CA HIS A 31 5.63 -0.89 9.71
C HIS A 31 4.99 0.50 9.77
N GLU A 32 3.67 0.54 9.68
CA GLU A 32 2.94 1.80 9.71
C GLU A 32 3.48 2.77 8.67
N LYS A 33 3.04 2.59 7.43
CA LYS A 33 3.49 3.45 6.33
C LYS A 33 4.98 3.31 6.09
N SER A 34 5.34 2.37 5.22
CA SER A 34 6.75 2.14 4.89
C SER A 34 6.90 1.56 3.49
N CYS A 35 6.15 2.12 2.55
CA CYS A 35 6.20 1.66 1.16
C CYS A 35 6.07 2.84 0.20
N ASP A 36 6.66 2.70 -0.98
CA ASP A 36 6.62 3.74 -1.99
C ASP A 36 6.01 3.22 -3.29
N VAL A 37 5.07 3.98 -3.85
CA VAL A 37 4.41 3.58 -5.10
C VAL A 37 4.98 4.36 -6.28
N LYS A 38 5.49 3.63 -7.26
CA LYS A 38 6.06 4.25 -8.46
C LYS A 38 5.08 4.20 -9.62
N MET A 39 4.45 5.34 -9.91
CA MET A 39 3.49 5.41 -11.01
C MET A 39 4.19 5.73 -12.33
N ASP A 40 4.40 4.70 -13.13
CA ASP A 40 5.06 4.87 -14.42
C ASP A 40 4.04 4.93 -15.55
N ARG A 41 3.82 6.13 -16.08
CA ARG A 41 2.86 6.33 -17.16
C ARG A 41 3.43 5.84 -18.49
N ALA A 42 4.64 6.30 -18.81
CA ALA A 42 5.30 5.91 -20.05
C ALA A 42 5.10 4.41 -20.32
N ARG A 43 5.21 3.61 -19.28
CA ARG A 43 5.05 2.17 -19.40
C ARG A 43 3.66 1.73 -18.98
N ASN A 44 2.99 2.56 -18.17
CA ASN A 44 1.66 2.27 -17.70
C ASN A 44 1.66 1.08 -16.74
N THR A 45 2.61 1.08 -15.82
CA THR A 45 2.74 0.00 -14.84
C THR A 45 3.21 0.53 -13.49
N GLY A 46 2.38 0.35 -12.47
CA GLY A 46 2.74 0.81 -11.14
C GLY A 46 3.55 -0.20 -10.37
N VAL A 47 4.70 0.24 -9.84
CA VAL A 47 5.57 -0.64 -9.08
C VAL A 47 5.76 -0.13 -7.65
N ILE A 48 5.39 -0.95 -6.68
CA ILE A 48 5.52 -0.59 -5.27
C ILE A 48 6.64 -1.37 -4.61
N SER A 49 7.08 -0.89 -3.45
CA SER A 49 8.15 -1.54 -2.70
C SER A 49 8.07 -1.20 -1.22
N CYS A 50 8.77 -1.98 -0.40
CA CYS A 50 8.78 -1.76 1.04
C CYS A 50 10.14 -1.28 1.51
N THR A 51 10.19 -0.70 2.70
CA THR A 51 11.44 -0.19 3.26
C THR A 51 11.76 -0.89 4.58
N VAL A 52 11.29 -2.12 4.73
CA VAL A 52 11.54 -2.89 5.95
C VAL A 52 11.86 -4.34 5.62
N CYS A 53 10.99 -4.98 4.84
CA CYS A 53 11.19 -6.37 4.46
C CYS A 53 11.89 -6.47 3.11
N LEU A 54 11.98 -5.33 2.41
CA LEU A 54 12.62 -5.30 1.09
C LEU A 54 11.81 -6.07 0.07
N GLU A 55 10.56 -5.68 -0.12
CA GLU A 55 9.67 -6.33 -1.07
C GLU A 55 9.30 -5.39 -2.21
N GLU A 56 8.85 -5.96 -3.33
CA GLU A 56 8.47 -5.17 -4.49
C GLU A 56 7.43 -5.91 -5.33
N PHE A 57 6.48 -5.16 -5.90
CA PHE A 57 5.44 -5.74 -6.72
C PHE A 57 5.14 -4.86 -7.93
N GLN A 58 4.65 -5.47 -8.99
CA GLN A 58 4.32 -4.74 -10.22
C GLN A 58 2.87 -4.97 -10.62
N THR A 59 2.28 -3.98 -11.28
CA THR A 59 0.89 -4.07 -11.72
C THR A 59 0.60 -3.04 -12.81
N PRO A 60 -0.21 -3.45 -13.80
CA PRO A 60 -0.60 -2.59 -14.92
C PRO A 60 -1.52 -1.46 -14.49
N ILE A 61 -1.14 -0.24 -14.79
CA ILE A 61 -1.96 0.93 -14.44
C ILE A 61 -2.12 1.86 -15.64
N THR A 62 -2.74 3.01 -15.39
CA THR A 62 -2.97 3.99 -16.45
C THR A 62 -2.83 5.41 -15.91
N TYR A 63 -2.52 6.35 -16.80
CA TYR A 63 -2.35 7.74 -16.43
C TYR A 63 -3.38 8.14 -15.38
N LEU A 64 -4.58 7.59 -15.50
CA LEU A 64 -5.66 7.89 -14.57
C LEU A 64 -5.45 7.18 -13.24
N SER A 65 -4.98 5.95 -13.29
CA SER A 65 -4.73 5.16 -12.10
C SER A 65 -4.20 6.04 -10.98
N GLU A 66 -4.45 5.63 -9.73
CA GLU A 66 -4.00 6.39 -8.57
C GLU A 66 -3.01 5.57 -7.74
N PRO A 67 -2.23 6.26 -6.90
CA PRO A 67 -1.24 5.62 -6.03
C PRO A 67 -1.87 4.80 -4.92
N VAL A 68 -3.19 4.91 -4.80
CA VAL A 68 -3.93 4.17 -3.78
C VAL A 68 -4.40 2.82 -4.30
N ASP A 69 -4.76 2.78 -5.58
CA ASP A 69 -5.22 1.55 -6.21
C ASP A 69 -4.12 0.49 -6.22
N VAL A 70 -2.94 0.87 -6.69
CA VAL A 70 -1.82 -0.05 -6.75
C VAL A 70 -1.61 -0.75 -5.42
N TYR A 71 -1.82 -0.03 -4.32
CA TYR A 71 -1.65 -0.58 -2.99
C TYR A 71 -2.55 -1.79 -2.79
N SER A 72 -3.83 -1.64 -3.14
CA SER A 72 -4.80 -2.72 -2.99
C SER A 72 -4.35 -3.95 -3.77
N ASP A 73 -3.96 -3.74 -5.02
CA ASP A 73 -3.51 -4.84 -5.88
C ASP A 73 -2.49 -5.71 -5.14
N TRP A 74 -1.43 -5.09 -4.64
CA TRP A 74 -0.39 -5.81 -3.92
C TRP A 74 -0.98 -6.72 -2.86
N ILE A 75 -2.00 -6.22 -2.16
CA ILE A 75 -2.66 -6.99 -1.12
C ILE A 75 -3.20 -8.32 -1.66
N ASP A 76 -4.14 -8.22 -2.59
CA ASP A 76 -4.73 -9.41 -3.20
C ASP A 76 -3.68 -10.24 -3.90
N ALA A 77 -2.58 -9.59 -4.30
CA ALA A 77 -1.49 -10.28 -4.99
C ALA A 77 -0.80 -11.27 -4.06
N CYS A 78 -0.73 -10.92 -2.78
CA CYS A 78 -0.09 -11.78 -1.78
C CYS A 78 -1.08 -12.77 -1.20
N GLU A 79 -2.28 -12.30 -0.89
CA GLU A 79 -3.32 -13.15 -0.33
C GLU A 79 -3.33 -14.51 -0.99
N SER A 80 -2.90 -14.56 -2.25
CA SER A 80 -2.87 -15.80 -3.01
C SER A 80 -1.54 -16.52 -2.81
N GLY A 81 -1.17 -16.72 -1.55
CA GLY A 81 0.08 -17.39 -1.24
C GLY A 81 1.26 -16.45 -1.24
N PRO A 82 1.72 -16.07 -0.04
CA PRO A 82 2.86 -15.16 0.12
C PRO A 82 4.17 -15.80 -0.28
N SER A 83 5.25 -15.01 -0.24
CA SER A 83 6.57 -15.50 -0.61
C SER A 83 7.03 -16.58 0.36
N SER A 84 6.57 -17.81 0.14
CA SER A 84 6.93 -18.93 1.00
C SER A 84 8.13 -19.69 0.42
N GLY A 85 9.06 -18.94 -0.16
CA GLY A 85 10.25 -19.56 -0.74
C GLY A 85 11.48 -18.70 -0.59
ZN ZN B . 7.21 -4.86 4.21
N GLY A 1 -12.15 20.78 53.87
CA GLY A 1 -11.23 20.40 52.81
C GLY A 1 -11.65 20.95 51.45
N SER A 2 -10.72 20.95 50.51
CA SER A 2 -11.00 21.46 49.16
C SER A 2 -9.82 21.19 48.24
N SER A 3 -10.13 20.83 46.99
CA SER A 3 -9.10 20.54 46.01
C SER A 3 -9.24 21.47 44.79
N GLY A 4 -10.46 21.91 44.53
CA GLY A 4 -10.71 22.79 43.40
C GLY A 4 -11.18 22.04 42.18
N SER A 5 -11.98 22.71 41.35
CA SER A 5 -12.50 22.11 40.14
C SER A 5 -12.82 23.17 39.08
N SER A 6 -13.10 22.71 37.86
CA SER A 6 -13.43 23.62 36.77
C SER A 6 -13.83 22.85 35.52
N GLY A 7 -14.55 23.52 34.63
CA GLY A 7 -14.99 22.88 33.41
C GLY A 7 -14.48 23.59 32.16
N ARG A 8 -14.82 23.06 30.99
CA ARG A 8 -14.39 23.65 29.72
C ARG A 8 -15.11 22.98 28.55
N LYS A 9 -14.87 23.51 27.36
CA LYS A 9 -15.49 22.98 26.14
C LYS A 9 -14.56 23.11 24.95
N PRO A 10 -14.20 21.97 24.34
CA PRO A 10 -13.32 21.94 23.18
C PRO A 10 -13.98 22.51 21.92
N PRO A 11 -13.38 23.58 21.38
CA PRO A 11 -13.89 24.25 20.18
C PRO A 11 -13.73 23.39 18.93
N PRO A 12 -14.86 22.90 18.39
CA PRO A 12 -14.86 22.07 17.19
C PRO A 12 -14.49 22.85 15.94
N LYS A 13 -13.90 22.16 14.97
CA LYS A 13 -13.50 22.79 13.71
C LYS A 13 -13.16 21.74 12.66
N LYS A 14 -13.21 22.15 11.39
CA LYS A 14 -12.91 21.24 10.29
C LYS A 14 -11.64 21.68 9.56
N LYS A 15 -10.49 21.16 10.02
CA LYS A 15 -9.22 21.48 9.41
C LYS A 15 -8.32 20.24 9.30
N MET A 16 -8.58 19.44 8.28
CA MET A 16 -7.80 18.22 8.06
C MET A 16 -6.95 18.34 6.81
N THR A 17 -5.94 17.46 6.69
CA THR A 17 -5.05 17.47 5.54
C THR A 17 -5.22 16.21 4.71
N GLY A 18 -5.73 16.37 3.50
CA GLY A 18 -5.93 15.23 2.62
C GLY A 18 -4.76 15.00 1.68
N THR A 19 -4.76 15.71 0.55
CA THR A 19 -3.69 15.58 -0.43
C THR A 19 -3.58 14.15 -0.95
N LEU A 20 -3.29 14.01 -2.23
CA LEU A 20 -3.16 12.70 -2.86
C LEU A 20 -1.88 12.00 -2.41
N GLU A 21 -1.91 11.43 -1.21
CA GLU A 21 -0.76 10.73 -0.67
C GLU A 21 -0.50 9.42 -1.42
N THR A 22 0.76 9.02 -1.48
CA THR A 22 1.13 7.78 -2.16
C THR A 22 1.86 6.83 -1.22
N GLN A 23 1.42 6.80 0.03
CA GLN A 23 2.04 5.93 1.04
C GLN A 23 1.01 4.95 1.61
N PHE A 24 1.49 3.80 2.06
CA PHE A 24 0.62 2.79 2.64
C PHE A 24 1.41 1.83 3.53
N THR A 25 0.69 1.03 4.31
CA THR A 25 1.32 0.07 5.21
C THR A 25 1.65 -1.23 4.49
N CYS A 26 2.70 -1.89 4.93
CA CYS A 26 3.14 -3.15 4.33
C CYS A 26 2.50 -4.35 5.04
N PRO A 27 1.63 -5.08 4.33
CA PRO A 27 0.95 -6.24 4.87
C PRO A 27 1.90 -7.43 5.10
N PHE A 28 2.99 -7.45 4.35
CA PHE A 28 3.98 -8.51 4.47
C PHE A 28 4.68 -8.46 5.83
N CYS A 29 5.21 -7.29 6.17
CA CYS A 29 5.90 -7.10 7.44
C CYS A 29 5.12 -6.16 8.35
N ASN A 30 4.68 -5.04 7.79
CA ASN A 30 3.93 -4.04 8.54
C ASN A 30 4.83 -3.30 9.51
N HIS A 31 5.39 -2.17 9.04
CA HIS A 31 6.28 -1.36 9.87
C HIS A 31 5.76 0.06 9.97
N GLU A 32 4.44 0.22 9.96
CA GLU A 32 3.83 1.54 10.05
C GLU A 32 4.22 2.41 8.86
N LYS A 33 3.35 2.46 7.86
CA LYS A 33 3.60 3.25 6.67
C LYS A 33 5.05 3.11 6.21
N SER A 34 5.29 2.17 5.30
CA SER A 34 6.62 1.92 4.79
C SER A 34 6.57 1.32 3.39
N CYS A 35 5.78 1.93 2.52
CA CYS A 35 5.63 1.45 1.15
C CYS A 35 5.66 2.62 0.16
N ASP A 36 6.40 2.43 -0.94
CA ASP A 36 6.51 3.47 -1.96
C ASP A 36 5.93 2.99 -3.29
N VAL A 37 5.03 3.79 -3.85
CA VAL A 37 4.39 3.45 -5.12
C VAL A 37 4.99 4.26 -6.27
N LYS A 38 5.61 3.55 -7.21
CA LYS A 38 6.23 4.21 -8.36
C LYS A 38 5.31 4.14 -9.57
N MET A 39 4.63 5.25 -9.86
CA MET A 39 3.72 5.32 -11.00
C MET A 39 4.49 5.56 -12.29
N ASP A 40 4.76 4.48 -13.02
CA ASP A 40 5.49 4.57 -14.28
C ASP A 40 4.53 4.76 -15.46
N ARG A 41 4.47 5.98 -15.97
CA ARG A 41 3.59 6.30 -17.09
C ARG A 41 4.16 5.76 -18.39
N ALA A 42 5.42 6.10 -18.68
CA ALA A 42 6.08 5.66 -19.89
C ALA A 42 5.78 4.19 -20.17
N ARG A 43 5.71 3.40 -19.12
CA ARG A 43 5.42 1.97 -19.26
C ARG A 43 4.01 1.64 -18.79
N ASN A 44 3.34 2.64 -18.20
CA ASN A 44 1.98 2.46 -17.72
C ASN A 44 1.89 1.26 -16.78
N THR A 45 2.88 1.14 -15.88
CA THR A 45 2.91 0.04 -14.93
C THR A 45 3.34 0.51 -13.55
N GLY A 46 2.44 0.41 -12.58
CA GLY A 46 2.76 0.83 -11.23
C GLY A 46 3.57 -0.20 -10.47
N VAL A 47 4.70 0.24 -9.92
CA VAL A 47 5.57 -0.66 -9.16
C VAL A 47 5.75 -0.16 -7.73
N ILE A 48 5.29 -0.97 -6.78
CA ILE A 48 5.40 -0.62 -5.37
C ILE A 48 6.53 -1.40 -4.70
N SER A 49 6.91 -0.95 -3.50
CA SER A 49 7.99 -1.60 -2.76
C SER A 49 7.95 -1.18 -1.29
N CYS A 50 8.61 -1.96 -0.44
CA CYS A 50 8.65 -1.68 0.99
C CYS A 50 9.99 -1.04 1.37
N THR A 51 10.05 -0.48 2.57
CA THR A 51 11.26 0.17 3.05
C THR A 51 11.74 -0.47 4.35
N VAL A 52 11.43 -1.75 4.52
CA VAL A 52 11.84 -2.48 5.73
C VAL A 52 12.24 -3.90 5.39
N CYS A 53 11.37 -4.61 4.67
CA CYS A 53 11.64 -5.99 4.28
C CYS A 53 12.28 -6.05 2.90
N LEU A 54 12.12 -4.98 2.13
CA LEU A 54 12.68 -4.91 0.78
C LEU A 54 11.85 -5.72 -0.19
N GLU A 55 10.56 -5.41 -0.28
CA GLU A 55 9.65 -6.11 -1.18
C GLU A 55 9.44 -5.31 -2.46
N GLU A 56 8.58 -5.83 -3.34
CA GLU A 56 8.30 -5.17 -4.61
C GLU A 56 7.15 -5.88 -5.33
N PHE A 57 6.31 -5.09 -6.00
CA PHE A 57 5.17 -5.63 -6.74
C PHE A 57 4.88 -4.79 -7.98
N GLN A 58 4.69 -5.46 -9.11
CA GLN A 58 4.39 -4.77 -10.36
C GLN A 58 2.92 -4.91 -10.73
N THR A 59 2.38 -3.88 -11.36
CA THR A 59 0.98 -3.89 -11.77
C THR A 59 0.71 -2.84 -12.84
N PRO A 60 -0.16 -3.17 -13.81
CA PRO A 60 -0.52 -2.27 -14.90
C PRO A 60 -1.36 -1.09 -14.42
N ILE A 61 -1.02 0.10 -14.87
CA ILE A 61 -1.74 1.31 -14.50
C ILE A 61 -1.84 2.28 -15.66
N THR A 62 -2.69 3.29 -15.51
CA THR A 62 -2.89 4.29 -16.55
C THR A 62 -2.90 5.70 -15.98
N TYR A 63 -2.72 6.69 -16.83
CA TYR A 63 -2.70 8.09 -16.41
C TYR A 63 -3.82 8.36 -15.41
N LEU A 64 -4.93 7.62 -15.55
CA LEU A 64 -6.07 7.78 -14.66
C LEU A 64 -5.85 7.05 -13.34
N SER A 65 -5.13 5.93 -13.40
CA SER A 65 -4.84 5.15 -12.22
C SER A 65 -4.34 6.02 -11.08
N GLU A 66 -4.36 5.49 -9.86
CA GLU A 66 -3.91 6.23 -8.69
C GLU A 66 -2.96 5.38 -7.85
N PRO A 67 -2.17 6.06 -6.99
CA PRO A 67 -1.21 5.39 -6.11
C PRO A 67 -1.89 4.58 -5.02
N VAL A 68 -3.20 4.71 -4.91
CA VAL A 68 -3.97 3.99 -3.90
C VAL A 68 -4.45 2.65 -4.44
N ASP A 69 -4.75 2.60 -5.73
CA ASP A 69 -5.22 1.37 -6.37
C ASP A 69 -4.14 0.30 -6.33
N VAL A 70 -2.94 0.65 -6.75
CA VAL A 70 -1.82 -0.29 -6.76
C VAL A 70 -1.70 -1.02 -5.43
N TYR A 71 -1.89 -0.29 -4.34
CA TYR A 71 -1.81 -0.87 -3.00
C TYR A 71 -2.83 -1.98 -2.82
N SER A 72 -4.10 -1.63 -2.99
CA SER A 72 -5.19 -2.59 -2.85
C SER A 72 -4.92 -3.84 -3.70
N ASP A 73 -4.42 -3.63 -4.91
CA ASP A 73 -4.13 -4.73 -5.81
C ASP A 73 -3.04 -5.63 -5.23
N TRP A 74 -1.98 -5.02 -4.73
CA TRP A 74 -0.87 -5.77 -4.14
C TRP A 74 -1.38 -6.73 -3.07
N ILE A 75 -2.38 -6.29 -2.30
CA ILE A 75 -2.94 -7.12 -1.25
C ILE A 75 -3.54 -8.40 -1.81
N ASP A 76 -4.62 -8.27 -2.58
CA ASP A 76 -5.28 -9.41 -3.17
C ASP A 76 -4.25 -10.38 -3.77
N ALA A 77 -3.09 -9.84 -4.14
CA ALA A 77 -2.03 -10.66 -4.73
C ALA A 77 -1.13 -11.25 -3.64
N CYS A 78 -1.00 -10.53 -2.53
CA CYS A 78 -0.17 -10.98 -1.42
C CYS A 78 -0.89 -12.05 -0.60
N GLU A 79 -2.21 -11.93 -0.50
CA GLU A 79 -3.02 -12.87 0.25
C GLU A 79 -2.75 -14.31 -0.22
N SER A 80 -2.78 -14.50 -1.54
CA SER A 80 -2.55 -15.83 -2.11
C SER A 80 -1.48 -15.77 -3.20
N GLY A 81 -1.00 -16.93 -3.61
CA GLY A 81 0.02 -16.99 -4.65
C GLY A 81 -0.57 -17.19 -6.03
N PRO A 82 0.31 -17.20 -7.05
CA PRO A 82 -0.11 -17.38 -8.45
C PRO A 82 -0.60 -18.80 -8.73
N SER A 83 -0.55 -19.65 -7.71
CA SER A 83 -0.99 -21.03 -7.84
C SER A 83 0.10 -21.88 -8.48
N SER A 84 0.64 -21.40 -9.59
CA SER A 84 1.69 -22.12 -10.31
C SER A 84 2.61 -22.85 -9.33
N GLY A 85 3.05 -24.04 -9.72
CA GLY A 85 3.93 -24.82 -8.87
C GLY A 85 3.19 -25.55 -7.77
ZN ZN B . 7.53 -4.79 4.33
N GLY A 1 -18.98 30.77 33.31
CA GLY A 1 -18.51 29.53 32.70
C GLY A 1 -18.13 29.71 31.25
N SER A 2 -19.10 30.12 30.43
CA SER A 2 -18.85 30.32 29.00
C SER A 2 -17.88 29.28 28.47
N SER A 3 -18.34 28.03 28.38
CA SER A 3 -17.51 26.95 27.88
C SER A 3 -18.36 25.71 27.59
N GLY A 4 -17.71 24.67 27.06
CA GLY A 4 -18.43 23.45 26.75
C GLY A 4 -17.97 22.27 27.60
N SER A 5 -17.18 21.38 27.00
CA SER A 5 -16.68 20.21 27.72
C SER A 5 -15.46 19.62 27.00
N SER A 6 -14.56 19.03 27.77
CA SER A 6 -13.36 18.44 27.22
C SER A 6 -12.66 17.56 28.26
N GLY A 7 -11.84 16.62 27.78
CA GLY A 7 -11.12 15.74 28.67
C GLY A 7 -9.86 16.37 29.24
N ARG A 8 -8.73 15.70 29.04
CA ARG A 8 -7.46 16.20 29.53
C ARG A 8 -6.30 15.33 29.01
N LYS A 9 -6.36 14.97 27.74
CA LYS A 9 -5.32 14.15 27.13
C LYS A 9 -5.30 14.34 25.62
N PRO A 10 -4.79 15.50 25.17
CA PRO A 10 -4.71 15.83 23.75
C PRO A 10 -3.66 14.98 23.02
N PRO A 11 -4.07 14.36 21.91
CA PRO A 11 -3.18 13.50 21.10
C PRO A 11 -2.12 14.31 20.37
N PRO A 12 -0.85 14.07 20.71
CA PRO A 12 0.28 14.77 20.10
C PRO A 12 0.49 14.36 18.64
N LYS A 13 0.19 13.10 18.33
CA LYS A 13 0.34 12.58 16.97
C LYS A 13 -0.99 12.09 16.44
N LYS A 14 -0.96 11.47 15.26
CA LYS A 14 -2.16 10.95 14.62
C LYS A 14 -3.18 12.05 14.38
N LYS A 15 -3.42 12.37 13.12
CA LYS A 15 -4.37 13.41 12.75
C LYS A 15 -5.11 13.04 11.47
N MET A 16 -6.20 13.75 11.19
CA MET A 16 -6.99 13.49 9.99
C MET A 16 -6.27 14.01 8.75
N THR A 17 -5.79 13.07 7.93
CA THR A 17 -5.08 13.42 6.71
C THR A 17 -5.98 13.29 5.49
N GLY A 18 -5.72 14.11 4.47
CA GLY A 18 -6.52 14.07 3.26
C GLY A 18 -5.72 14.42 2.02
N THR A 19 -5.03 13.43 1.46
CA THR A 19 -4.22 13.64 0.27
C THR A 19 -3.62 12.33 -0.22
N LEU A 20 -3.66 12.12 -1.54
CA LEU A 20 -3.13 10.91 -2.14
C LEU A 20 -1.62 10.82 -1.94
N GLU A 21 -1.21 10.39 -0.75
CA GLU A 21 0.20 10.25 -0.42
C GLU A 21 0.78 8.98 -1.03
N THR A 22 2.05 9.04 -1.42
CA THR A 22 2.72 7.90 -2.02
C THR A 22 3.25 6.95 -0.95
N GLN A 23 2.43 6.70 0.06
CA GLN A 23 2.80 5.81 1.15
C GLN A 23 1.63 4.93 1.57
N PHE A 24 1.94 3.68 1.95
CA PHE A 24 0.91 2.74 2.37
C PHE A 24 1.49 1.71 3.34
N THR A 25 0.60 1.00 4.02
CA THR A 25 1.01 -0.02 4.98
C THR A 25 1.42 -1.30 4.28
N CYS A 26 2.47 -1.94 4.78
CA CYS A 26 2.96 -3.19 4.20
C CYS A 26 2.41 -4.40 4.94
N PRO A 27 1.57 -5.19 4.27
CA PRO A 27 0.96 -6.39 4.85
C PRO A 27 1.97 -7.50 5.08
N PHE A 28 3.16 -7.34 4.50
CA PHE A 28 4.22 -8.34 4.65
C PHE A 28 4.86 -8.24 6.03
N CYS A 29 5.38 -7.07 6.36
CA CYS A 29 6.02 -6.86 7.66
C CYS A 29 5.11 -6.05 8.58
N ASN A 30 4.44 -5.05 8.01
CA ASN A 30 3.54 -4.20 8.79
C ASN A 30 4.32 -3.10 9.51
N HIS A 31 4.64 -2.03 8.79
CA HIS A 31 5.37 -0.92 9.36
C HIS A 31 4.77 0.41 8.92
N GLU A 32 3.94 0.99 9.79
CA GLU A 32 3.29 2.26 9.50
C GLU A 32 4.21 3.17 8.67
N LYS A 33 3.78 3.49 7.46
CA LYS A 33 4.56 4.34 6.57
C LYS A 33 5.89 3.70 6.22
N SER A 34 5.87 2.82 5.22
CA SER A 34 7.08 2.13 4.80
C SER A 34 6.89 1.50 3.42
N CYS A 35 6.20 2.22 2.54
CA CYS A 35 5.94 1.75 1.19
C CYS A 35 6.03 2.88 0.18
N ASP A 36 6.64 2.61 -0.97
CA ASP A 36 6.78 3.62 -2.01
C ASP A 36 6.12 3.17 -3.30
N VAL A 37 5.20 3.98 -3.81
CA VAL A 37 4.49 3.65 -5.04
C VAL A 37 5.06 4.43 -6.23
N LYS A 38 5.64 3.71 -7.18
CA LYS A 38 6.22 4.33 -8.36
C LYS A 38 5.28 4.21 -9.56
N MET A 39 4.52 5.26 -9.82
CA MET A 39 3.59 5.27 -10.94
C MET A 39 4.31 5.56 -12.25
N ASP A 40 4.68 4.50 -12.97
CA ASP A 40 5.37 4.65 -14.24
C ASP A 40 4.39 4.82 -15.39
N ARG A 41 4.24 6.05 -15.87
CA ARG A 41 3.32 6.34 -16.96
C ARG A 41 3.83 5.73 -18.27
N ALA A 42 4.98 6.22 -18.73
CA ALA A 42 5.57 5.73 -19.97
C ALA A 42 5.42 4.22 -20.09
N ARG A 43 5.52 3.53 -18.96
CA ARG A 43 5.40 2.07 -18.94
C ARG A 43 3.96 1.65 -18.66
N ASN A 44 3.22 2.53 -17.99
CA ASN A 44 1.82 2.24 -17.65
C ASN A 44 1.73 1.11 -16.63
N THR A 45 2.74 1.01 -15.77
CA THR A 45 2.78 -0.03 -14.75
C THR A 45 3.32 0.52 -13.44
N GLY A 46 2.49 0.48 -12.39
CA GLY A 46 2.91 0.97 -11.10
C GLY A 46 3.70 -0.06 -10.31
N VAL A 47 4.85 0.35 -9.79
CA VAL A 47 5.70 -0.55 -9.02
C VAL A 47 5.83 -0.07 -7.57
N ILE A 48 5.44 -0.94 -6.64
CA ILE A 48 5.50 -0.61 -5.22
C ILE A 48 6.64 -1.36 -4.54
N SER A 49 7.04 -0.87 -3.37
CA SER A 49 8.13 -1.48 -2.62
C SER A 49 8.02 -1.15 -1.13
N CYS A 50 8.79 -1.86 -0.31
CA CYS A 50 8.78 -1.64 1.13
C CYS A 50 10.13 -1.10 1.60
N THR A 51 10.16 -0.57 2.82
CA THR A 51 11.39 -0.02 3.40
C THR A 51 11.72 -0.70 4.72
N VAL A 52 11.32 -1.96 4.85
CA VAL A 52 11.58 -2.71 6.07
C VAL A 52 11.94 -4.17 5.74
N CYS A 53 11.08 -4.82 4.97
CA CYS A 53 11.30 -6.21 4.59
C CYS A 53 12.06 -6.29 3.27
N LEU A 54 12.02 -5.22 2.49
CA LEU A 54 12.70 -5.18 1.21
C LEU A 54 11.94 -6.00 0.16
N GLU A 55 10.69 -5.63 -0.09
CA GLU A 55 9.87 -6.32 -1.06
C GLU A 55 9.54 -5.42 -2.24
N GLU A 56 8.91 -5.99 -3.27
CA GLU A 56 8.54 -5.24 -4.46
C GLU A 56 7.43 -5.94 -5.22
N PHE A 57 6.53 -5.16 -5.81
CA PHE A 57 5.42 -5.70 -6.58
C PHE A 57 5.10 -4.83 -7.78
N GLN A 58 4.71 -5.46 -8.88
CA GLN A 58 4.38 -4.75 -10.10
C GLN A 58 2.90 -4.89 -10.44
N THR A 59 2.36 -3.90 -11.15
CA THR A 59 0.95 -3.91 -11.53
C THR A 59 0.68 -2.92 -12.65
N PRO A 60 -0.16 -3.33 -13.62
CA PRO A 60 -0.52 -2.49 -14.75
C PRO A 60 -1.41 -1.31 -14.35
N ILE A 61 -0.93 -0.10 -14.62
CA ILE A 61 -1.67 1.10 -14.28
C ILE A 61 -1.94 1.95 -15.52
N THR A 62 -2.71 3.01 -15.36
CA THR A 62 -3.04 3.90 -16.47
C THR A 62 -3.07 5.36 -16.01
N TYR A 63 -3.40 6.26 -16.92
CA TYR A 63 -3.48 7.68 -16.62
C TYR A 63 -4.54 7.97 -15.56
N LEU A 64 -5.59 7.15 -15.55
CA LEU A 64 -6.68 7.31 -14.60
C LEU A 64 -6.34 6.64 -13.28
N SER A 65 -5.52 5.59 -13.33
CA SER A 65 -5.11 4.86 -12.14
C SER A 65 -4.67 5.81 -11.04
N GLU A 66 -4.56 5.30 -9.82
CA GLU A 66 -4.15 6.12 -8.68
C GLU A 66 -3.11 5.38 -7.84
N PRO A 67 -2.36 6.13 -7.03
CA PRO A 67 -1.31 5.58 -6.17
C PRO A 67 -1.90 4.75 -5.02
N VAL A 68 -3.20 4.83 -4.84
CA VAL A 68 -3.88 4.09 -3.79
C VAL A 68 -4.30 2.70 -4.28
N ASP A 69 -4.68 2.62 -5.54
CA ASP A 69 -5.11 1.36 -6.13
C ASP A 69 -3.98 0.34 -6.08
N VAL A 70 -2.79 0.75 -6.51
CA VAL A 70 -1.63 -0.12 -6.52
C VAL A 70 -1.51 -0.90 -5.21
N TYR A 71 -1.79 -0.23 -4.10
CA TYR A 71 -1.73 -0.85 -2.79
C TYR A 71 -2.76 -1.96 -2.65
N SER A 72 -4.02 -1.62 -2.91
CA SER A 72 -5.11 -2.59 -2.81
C SER A 72 -4.83 -3.80 -3.69
N ASP A 73 -4.33 -3.55 -4.89
CA ASP A 73 -4.01 -4.64 -5.83
C ASP A 73 -2.95 -5.56 -5.25
N TRP A 74 -1.90 -4.97 -4.68
CA TRP A 74 -0.81 -5.75 -4.09
C TRP A 74 -1.35 -6.75 -3.07
N ILE A 75 -2.36 -6.34 -2.32
CA ILE A 75 -2.97 -7.20 -1.31
C ILE A 75 -3.56 -8.46 -1.95
N ASP A 76 -4.58 -8.27 -2.78
CA ASP A 76 -5.23 -9.39 -3.44
C ASP A 76 -4.24 -10.15 -4.32
N ALA A 77 -3.23 -9.45 -4.81
CA ALA A 77 -2.21 -10.06 -5.66
C ALA A 77 -1.41 -11.11 -4.88
N CYS A 78 -1.17 -10.83 -3.61
CA CYS A 78 -0.41 -11.76 -2.76
C CYS A 78 -1.31 -12.84 -2.19
N GLU A 79 -2.47 -12.42 -1.69
CA GLU A 79 -3.43 -13.37 -1.12
C GLU A 79 -3.41 -14.70 -1.87
N SER A 80 -3.42 -14.61 -3.20
CA SER A 80 -3.42 -15.81 -4.03
C SER A 80 -2.28 -16.74 -3.64
N GLY A 81 -2.46 -18.03 -3.90
CA GLY A 81 -1.44 -19.00 -3.56
C GLY A 81 -1.94 -20.05 -2.58
N PRO A 82 -1.85 -19.72 -1.28
CA PRO A 82 -2.29 -20.62 -0.21
C PRO A 82 -3.80 -20.78 -0.17
N SER A 83 -4.27 -21.65 0.73
CA SER A 83 -5.70 -21.89 0.86
C SER A 83 -6.30 -21.00 1.94
N SER A 84 -5.98 -19.71 1.88
CA SER A 84 -6.49 -18.75 2.85
C SER A 84 -6.02 -19.11 4.26
N GLY A 85 -5.29 -18.18 4.89
CA GLY A 85 -4.80 -18.42 6.23
C GLY A 85 -4.81 -17.17 7.08
ZN ZN B . 7.32 -4.80 4.27
N GLY A 1 24.08 -14.92 37.50
CA GLY A 1 23.33 -15.31 36.32
C GLY A 1 22.56 -14.14 35.73
N SER A 2 23.22 -13.01 35.57
CA SER A 2 22.60 -11.82 35.01
C SER A 2 21.27 -11.52 35.72
N SER A 3 20.63 -10.44 35.31
CA SER A 3 19.35 -10.04 35.90
C SER A 3 18.59 -9.11 34.97
N GLY A 4 17.27 -9.06 35.15
CA GLY A 4 16.44 -8.21 34.32
C GLY A 4 15.01 -8.10 34.84
N SER A 5 14.26 -7.16 34.28
CA SER A 5 12.87 -6.95 34.69
C SER A 5 11.98 -6.67 33.48
N SER A 6 10.67 -6.80 33.68
CA SER A 6 9.71 -6.56 32.61
C SER A 6 9.27 -5.11 32.58
N GLY A 7 9.46 -4.45 31.44
CA GLY A 7 9.07 -3.06 31.31
C GLY A 7 8.67 -2.70 29.88
N ARG A 8 7.49 -2.13 29.74
CA ARG A 8 6.99 -1.74 28.42
C ARG A 8 6.04 -0.55 28.53
N LYS A 9 6.35 0.52 27.81
CA LYS A 9 5.52 1.72 27.83
C LYS A 9 4.65 1.79 26.58
N PRO A 10 3.42 2.28 26.75
CA PRO A 10 2.46 2.42 25.64
C PRO A 10 2.86 3.52 24.65
N PRO A 11 3.27 3.10 23.45
CA PRO A 11 3.68 4.04 22.39
C PRO A 11 2.52 4.84 21.84
N PRO A 12 2.74 6.15 21.64
CA PRO A 12 1.72 7.06 21.11
C PRO A 12 1.41 6.80 19.64
N LYS A 13 0.20 7.14 19.23
CA LYS A 13 -0.23 6.94 17.85
C LYS A 13 -0.38 8.27 17.12
N LYS A 14 -0.11 8.27 15.82
CA LYS A 14 -0.22 9.47 15.01
C LYS A 14 -1.00 9.20 13.73
N LYS A 15 -2.05 8.38 13.84
CA LYS A 15 -2.87 8.04 12.70
C LYS A 15 -3.20 9.28 11.87
N MET A 16 -3.14 9.15 10.55
CA MET A 16 -3.43 10.26 9.67
C MET A 16 -3.97 9.76 8.32
N THR A 17 -5.18 10.19 7.98
CA THR A 17 -5.81 9.77 6.73
C THR A 17 -6.56 10.92 6.08
N GLY A 18 -6.57 10.95 4.75
CA GLY A 18 -7.26 12.01 4.04
C GLY A 18 -6.31 12.87 3.22
N THR A 19 -5.40 12.23 2.51
CA THR A 19 -4.43 12.95 1.68
C THR A 19 -3.78 12.01 0.67
N LEU A 20 -3.31 12.59 -0.44
CA LEU A 20 -2.66 11.81 -1.49
C LEU A 20 -1.17 11.64 -1.20
N GLU A 21 -0.82 10.54 -0.55
CA GLU A 21 0.59 10.27 -0.22
C GLU A 21 1.01 8.92 -0.78
N THR A 22 2.27 8.83 -1.20
CA THR A 22 2.82 7.61 -1.76
C THR A 22 3.29 6.66 -0.66
N GLN A 23 2.53 6.58 0.42
CA GLN A 23 2.87 5.72 1.54
C GLN A 23 1.67 4.87 1.96
N PHE A 24 1.91 3.59 2.18
CA PHE A 24 0.85 2.67 2.58
C PHE A 24 1.40 1.53 3.45
N THR A 25 0.51 0.85 4.16
CA THR A 25 0.92 -0.25 5.03
C THR A 25 1.36 -1.46 4.21
N CYS A 26 2.37 -2.16 4.71
CA CYS A 26 2.89 -3.35 4.03
C CYS A 26 2.27 -4.61 4.60
N PRO A 27 1.68 -5.43 3.71
CA PRO A 27 1.04 -6.70 4.10
C PRO A 27 2.05 -7.75 4.53
N PHE A 28 3.31 -7.54 4.16
CA PHE A 28 4.38 -8.47 4.50
C PHE A 28 4.82 -8.29 5.96
N CYS A 29 5.43 -7.15 6.23
CA CYS A 29 5.90 -6.85 7.58
C CYS A 29 4.85 -6.04 8.35
N ASN A 30 4.27 -5.04 7.69
CA ASN A 30 3.27 -4.19 8.31
C ASN A 30 3.90 -3.20 9.26
N HIS A 31 4.95 -2.52 8.79
CA HIS A 31 5.66 -1.54 9.60
C HIS A 31 5.10 -0.14 9.36
N GLU A 32 3.78 -0.04 9.26
CA GLU A 32 3.12 1.24 9.04
C GLU A 32 3.72 1.94 7.82
N LYS A 33 3.25 3.16 7.58
CA LYS A 33 3.74 3.95 6.45
C LYS A 33 5.22 3.67 6.18
N SER A 34 5.48 2.76 5.26
CA SER A 34 6.85 2.40 4.91
C SER A 34 6.91 1.75 3.53
N CYS A 35 6.20 2.34 2.57
CA CYS A 35 6.17 1.82 1.21
C CYS A 35 6.07 2.96 0.19
N ASP A 36 6.75 2.80 -0.93
CA ASP A 36 6.73 3.82 -1.98
C ASP A 36 6.12 3.26 -3.26
N VAL A 37 5.23 4.04 -3.87
CA VAL A 37 4.56 3.63 -5.10
C VAL A 37 5.18 4.32 -6.31
N LYS A 38 5.54 3.52 -7.31
CA LYS A 38 6.15 4.06 -8.53
C LYS A 38 5.14 4.05 -9.68
N MET A 39 4.59 5.22 -9.97
CA MET A 39 3.62 5.35 -11.05
C MET A 39 4.32 5.57 -12.39
N ASP A 40 4.53 4.48 -13.13
CA ASP A 40 5.19 4.55 -14.43
C ASP A 40 4.16 4.66 -15.55
N ARG A 41 4.06 5.84 -16.14
CA ARG A 41 3.12 6.07 -17.23
C ARG A 41 3.65 5.50 -18.55
N ALA A 42 4.83 5.98 -18.95
CA ALA A 42 5.44 5.52 -20.19
C ALA A 42 5.17 4.04 -20.42
N ARG A 43 5.26 3.25 -19.35
CA ARG A 43 5.01 1.81 -19.44
C ARG A 43 3.63 1.46 -18.91
N ASN A 44 3.05 2.36 -18.13
CA ASN A 44 1.73 2.14 -17.55
C ASN A 44 1.75 0.97 -16.59
N THR A 45 2.76 0.93 -15.72
CA THR A 45 2.90 -0.14 -14.74
C THR A 45 3.35 0.41 -13.39
N GLY A 46 2.50 0.25 -12.38
CA GLY A 46 2.84 0.73 -11.05
C GLY A 46 3.67 -0.27 -10.27
N VAL A 47 4.84 0.15 -9.81
CA VAL A 47 5.71 -0.71 -9.04
C VAL A 47 5.83 -0.24 -7.60
N ILE A 48 5.37 -1.06 -6.66
CA ILE A 48 5.43 -0.72 -5.24
C ILE A 48 6.57 -1.45 -4.55
N SER A 49 6.95 -0.96 -3.38
CA SER A 49 8.03 -1.57 -2.61
C SER A 49 7.93 -1.20 -1.14
N CYS A 50 8.70 -1.89 -0.31
CA CYS A 50 8.70 -1.63 1.14
C CYS A 50 10.00 -0.98 1.57
N THR A 51 10.02 -0.49 2.81
CA THR A 51 11.21 0.16 3.35
C THR A 51 11.63 -0.46 4.68
N VAL A 52 11.05 -1.62 4.98
CA VAL A 52 11.36 -2.33 6.22
C VAL A 52 11.81 -3.76 5.94
N CYS A 53 11.06 -4.44 5.07
CA CYS A 53 11.39 -5.82 4.72
C CYS A 53 12.12 -5.88 3.38
N LEU A 54 12.04 -4.79 2.62
CA LEU A 54 12.70 -4.71 1.32
C LEU A 54 11.97 -5.57 0.29
N GLU A 55 10.70 -5.27 0.06
CA GLU A 55 9.89 -6.02 -0.89
C GLU A 55 9.60 -5.17 -2.14
N GLU A 56 8.91 -5.76 -3.10
CA GLU A 56 8.55 -5.07 -4.33
C GLU A 56 7.50 -5.83 -5.12
N PHE A 57 6.56 -5.10 -5.69
CA PHE A 57 5.48 -5.71 -6.47
C PHE A 57 5.15 -4.88 -7.70
N GLN A 58 4.81 -5.56 -8.79
CA GLN A 58 4.47 -4.88 -10.03
C GLN A 58 3.00 -5.06 -10.38
N THR A 59 2.42 -4.07 -11.05
CA THR A 59 1.02 -4.11 -11.44
C THR A 59 0.71 -3.10 -12.53
N PRO A 60 -0.13 -3.50 -13.50
CA PRO A 60 -0.52 -2.64 -14.61
C PRO A 60 -1.42 -1.48 -14.18
N ILE A 61 -1.10 -0.28 -14.63
CA ILE A 61 -1.88 0.89 -14.28
C ILE A 61 -2.15 1.77 -15.51
N THR A 62 -2.88 2.85 -15.31
CA THR A 62 -3.21 3.76 -16.40
C THR A 62 -3.12 5.21 -15.96
N TYR A 63 -3.32 6.13 -16.89
CA TYR A 63 -3.27 7.55 -16.59
C TYR A 63 -4.18 7.89 -15.42
N LEU A 64 -5.37 7.30 -15.40
CA LEU A 64 -6.34 7.54 -14.34
C LEU A 64 -5.88 6.90 -13.04
N SER A 65 -5.34 5.69 -13.13
CA SER A 65 -4.87 4.97 -11.95
C SER A 65 -4.22 5.92 -10.96
N GLU A 66 -4.30 5.58 -9.68
CA GLU A 66 -3.72 6.40 -8.63
C GLU A 66 -2.77 5.59 -7.76
N PRO A 67 -1.90 6.29 -7.01
CA PRO A 67 -0.92 5.65 -6.13
C PRO A 67 -1.58 4.98 -4.91
N VAL A 68 -2.89 5.14 -4.80
CA VAL A 68 -3.64 4.56 -3.70
C VAL A 68 -4.24 3.22 -4.09
N ASP A 69 -4.63 3.09 -5.36
CA ASP A 69 -5.23 1.86 -5.86
C ASP A 69 -4.18 0.75 -5.93
N VAL A 70 -3.03 1.05 -6.51
CA VAL A 70 -1.95 0.08 -6.64
C VAL A 70 -1.74 -0.68 -5.34
N TYR A 71 -1.85 0.03 -4.21
CA TYR A 71 -1.67 -0.59 -2.91
C TYR A 71 -2.69 -1.70 -2.69
N SER A 72 -3.96 -1.37 -2.83
CA SER A 72 -5.03 -2.34 -2.64
C SER A 72 -4.79 -3.59 -3.49
N ASP A 73 -4.43 -3.37 -4.75
CA ASP A 73 -4.17 -4.48 -5.66
C ASP A 73 -3.05 -5.38 -5.12
N TRP A 74 -1.95 -4.77 -4.74
CA TRP A 74 -0.81 -5.51 -4.20
C TRP A 74 -1.27 -6.51 -3.15
N ILE A 75 -2.24 -6.12 -2.34
CA ILE A 75 -2.76 -6.99 -1.30
C ILE A 75 -3.34 -8.27 -1.89
N ASP A 76 -4.37 -8.13 -2.72
CA ASP A 76 -5.01 -9.28 -3.35
C ASP A 76 -4.02 -10.02 -4.24
N ALA A 77 -3.04 -9.30 -4.76
CA ALA A 77 -2.03 -9.90 -5.63
C ALA A 77 -1.20 -10.94 -4.88
N CYS A 78 -0.94 -10.67 -3.61
CA CYS A 78 -0.16 -11.59 -2.79
C CYS A 78 -1.05 -12.65 -2.16
N GLU A 79 -2.19 -12.22 -1.62
CA GLU A 79 -3.13 -13.15 -0.99
C GLU A 79 -3.23 -14.44 -1.78
N SER A 80 -3.36 -14.33 -3.10
CA SER A 80 -3.47 -15.49 -3.97
C SER A 80 -2.10 -16.12 -4.21
N GLY A 81 -1.09 -15.28 -4.40
CA GLY A 81 0.26 -15.78 -4.64
C GLY A 81 0.69 -16.78 -3.58
N PRO A 82 1.51 -17.76 -4.00
CA PRO A 82 2.01 -18.81 -3.09
C PRO A 82 3.02 -18.26 -2.08
N SER A 83 3.26 -16.96 -2.15
CA SER A 83 4.20 -16.31 -1.24
C SER A 83 4.07 -16.88 0.17
N SER A 84 2.93 -16.63 0.80
CA SER A 84 2.67 -17.11 2.14
C SER A 84 1.26 -17.68 2.27
N GLY A 85 1.04 -18.48 3.31
CA GLY A 85 -0.27 -19.08 3.52
C GLY A 85 -0.79 -18.84 4.92
ZN ZN B . 7.32 -4.83 4.29
N GLY A 1 -4.87 -37.95 -3.63
CA GLY A 1 -5.17 -37.91 -2.21
C GLY A 1 -5.77 -36.58 -1.78
N SER A 2 -5.30 -36.05 -0.66
CA SER A 2 -5.80 -34.79 -0.14
C SER A 2 -4.71 -34.04 0.64
N SER A 3 -3.95 -34.80 1.43
CA SER A 3 -2.87 -34.20 2.23
C SER A 3 -3.40 -33.06 3.08
N GLY A 4 -2.51 -32.49 3.90
CA GLY A 4 -2.91 -31.38 4.76
C GLY A 4 -3.19 -30.12 3.98
N SER A 5 -2.63 -29.00 4.43
CA SER A 5 -2.82 -27.72 3.77
C SER A 5 -1.80 -26.69 4.25
N SER A 6 -1.67 -26.56 5.57
CA SER A 6 -0.73 -25.61 6.16
C SER A 6 -1.01 -24.20 5.65
N GLY A 7 -1.99 -23.55 6.26
CA GLY A 7 -2.34 -22.18 5.86
C GLY A 7 -2.67 -21.30 7.04
N ARG A 8 -2.41 -20.01 6.90
CA ARG A 8 -2.68 -19.05 7.97
C ARG A 8 -2.95 -17.66 7.40
N LYS A 9 -3.60 -17.61 6.24
CA LYS A 9 -3.93 -16.35 5.59
C LYS A 9 -5.15 -15.71 6.22
N PRO A 10 -5.06 -14.39 6.51
CA PRO A 10 -6.16 -13.64 7.11
C PRO A 10 -7.32 -13.44 6.15
N PRO A 11 -8.46 -12.99 6.69
CA PRO A 11 -9.67 -12.75 5.90
C PRO A 11 -9.53 -11.54 4.97
N PRO A 12 -10.44 -11.44 3.99
CA PRO A 12 -10.42 -10.34 3.02
C PRO A 12 -10.81 -9.01 3.65
N LYS A 13 -9.80 -8.28 4.15
CA LYS A 13 -10.04 -6.99 4.78
C LYS A 13 -10.50 -5.96 3.75
N LYS A 14 -11.52 -5.19 4.11
CA LYS A 14 -12.07 -4.16 3.23
C LYS A 14 -11.48 -2.80 3.56
N LYS A 15 -11.24 -2.00 2.53
CA LYS A 15 -10.68 -0.66 2.71
C LYS A 15 -10.90 0.19 1.46
N MET A 16 -11.89 1.07 1.51
CA MET A 16 -12.19 1.95 0.38
C MET A 16 -11.62 3.35 0.62
N THR A 17 -11.54 4.13 -0.46
CA THR A 17 -11.02 5.49 -0.37
C THR A 17 -9.58 5.49 0.13
N GLY A 18 -8.84 6.53 -0.23
CA GLY A 18 -7.46 6.63 0.20
C GLY A 18 -6.91 8.04 0.09
N THR A 19 -5.66 8.23 0.48
CA THR A 19 -5.03 9.54 0.42
C THR A 19 -3.72 9.50 -0.37
N LEU A 20 -3.56 10.43 -1.29
CA LEU A 20 -2.35 10.50 -2.11
C LEU A 20 -1.16 10.99 -1.28
N GLU A 21 -0.49 10.06 -0.61
CA GLU A 21 0.67 10.41 0.21
C GLU A 21 1.85 9.49 -0.09
N THR A 22 1.91 9.01 -1.33
CA THR A 22 2.98 8.12 -1.75
C THR A 22 3.42 7.21 -0.61
N GLN A 23 2.46 6.82 0.23
CA GLN A 23 2.74 5.95 1.37
C GLN A 23 1.57 5.02 1.64
N PHE A 24 1.88 3.81 2.10
CA PHE A 24 0.86 2.82 2.41
C PHE A 24 1.41 1.73 3.33
N THR A 25 0.52 0.87 3.82
CA THR A 25 0.90 -0.21 4.72
C THR A 25 1.37 -1.43 3.93
N CYS A 26 2.31 -2.18 4.52
CA CYS A 26 2.84 -3.37 3.88
C CYS A 26 2.26 -4.63 4.51
N PRO A 27 1.72 -5.53 3.68
CA PRO A 27 1.13 -6.79 4.13
C PRO A 27 2.18 -7.76 4.64
N PHE A 28 3.38 -7.69 4.08
CA PHE A 28 4.47 -8.57 4.48
C PHE A 28 4.88 -8.30 5.93
N CYS A 29 5.43 -7.14 6.19
CA CYS A 29 5.87 -6.76 7.53
C CYS A 29 4.81 -5.90 8.22
N ASN A 30 4.34 -4.88 7.52
CA ASN A 30 3.34 -3.97 8.06
C ASN A 30 3.95 -3.01 9.07
N HIS A 31 4.50 -1.91 8.55
CA HIS A 31 5.12 -0.89 9.40
C HIS A 31 4.35 0.41 9.36
N GLU A 32 3.02 0.31 9.26
CA GLU A 32 2.17 1.49 9.20
C GLU A 32 2.26 2.16 7.83
N LYS A 33 3.38 2.82 7.58
CA LYS A 33 3.60 3.50 6.31
C LYS A 33 5.07 3.43 5.90
N SER A 34 5.49 2.27 5.41
CA SER A 34 6.86 2.07 4.99
C SER A 34 6.92 1.48 3.58
N CYS A 35 6.34 2.19 2.63
CA CYS A 35 6.32 1.74 1.24
C CYS A 35 6.30 2.92 0.28
N ASP A 36 6.61 2.66 -0.99
CA ASP A 36 6.62 3.70 -2.00
C ASP A 36 6.07 3.19 -3.33
N VAL A 37 5.13 3.93 -3.90
CA VAL A 37 4.51 3.55 -5.17
C VAL A 37 5.10 4.35 -6.33
N LYS A 38 5.57 3.64 -7.34
CA LYS A 38 6.15 4.28 -8.51
C LYS A 38 5.22 4.19 -9.72
N MET A 39 4.47 5.25 -9.96
CA MET A 39 3.53 5.28 -11.07
C MET A 39 4.25 5.59 -12.39
N ASP A 40 4.62 4.54 -13.12
CA ASP A 40 5.31 4.69 -14.38
C ASP A 40 4.33 4.82 -15.54
N ARG A 41 4.15 6.04 -16.03
CA ARG A 41 3.22 6.30 -17.13
C ARG A 41 3.76 5.71 -18.43
N ALA A 42 4.93 6.17 -18.86
CA ALA A 42 5.54 5.68 -20.08
C ALA A 42 5.44 4.16 -20.18
N ARG A 43 5.57 3.49 -19.04
CA ARG A 43 5.49 2.04 -19.00
C ARG A 43 4.07 1.57 -18.70
N ASN A 44 3.26 2.47 -18.14
CA ASN A 44 1.88 2.15 -17.79
C ASN A 44 1.82 1.02 -16.77
N THR A 45 2.82 0.95 -15.91
CA THR A 45 2.88 -0.08 -14.88
C THR A 45 3.39 0.49 -13.56
N GLY A 46 2.57 0.37 -12.52
CA GLY A 46 2.95 0.87 -11.22
C GLY A 46 3.74 -0.13 -10.41
N VAL A 47 4.95 0.24 -10.01
CA VAL A 47 5.81 -0.64 -9.23
C VAL A 47 5.93 -0.17 -7.79
N ILE A 48 5.52 -1.02 -6.85
CA ILE A 48 5.59 -0.68 -5.44
C ILE A 48 6.70 -1.46 -4.73
N SER A 49 7.10 -0.98 -3.56
CA SER A 49 8.15 -1.63 -2.80
C SER A 49 8.09 -1.21 -1.32
N CYS A 50 8.69 -2.02 -0.46
CA CYS A 50 8.71 -1.74 0.97
C CYS A 50 10.05 -1.16 1.40
N THR A 51 10.07 -0.51 2.56
CA THR A 51 11.29 0.08 3.08
C THR A 51 11.62 -0.46 4.47
N VAL A 52 11.47 -1.77 4.65
CA VAL A 52 11.74 -2.40 5.93
C VAL A 52 12.00 -3.90 5.76
N CYS A 53 11.21 -4.54 4.90
CA CYS A 53 11.35 -5.97 4.65
C CYS A 53 12.04 -6.20 3.30
N LEU A 54 12.15 -5.15 2.51
CA LEU A 54 12.79 -5.25 1.19
C LEU A 54 11.92 -6.04 0.22
N GLU A 55 10.71 -5.55 -0.01
CA GLU A 55 9.78 -6.22 -0.93
C GLU A 55 9.54 -5.37 -2.17
N GLU A 56 8.81 -5.92 -3.13
CA GLU A 56 8.50 -5.22 -4.37
C GLU A 56 7.42 -5.94 -5.16
N PHE A 57 6.62 -5.18 -5.90
CA PHE A 57 5.54 -5.75 -6.70
C PHE A 57 5.30 -4.92 -7.96
N GLN A 58 4.69 -5.54 -8.96
CA GLN A 58 4.41 -4.87 -10.22
C GLN A 58 2.93 -5.00 -10.59
N THR A 59 2.39 -3.97 -11.23
CA THR A 59 0.99 -3.97 -11.64
C THR A 59 0.72 -2.91 -12.71
N PRO A 60 -0.13 -3.25 -13.68
CA PRO A 60 -0.49 -2.35 -14.78
C PRO A 60 -1.33 -1.17 -14.31
N ILE A 61 -0.92 0.04 -14.66
CA ILE A 61 -1.65 1.24 -14.28
C ILE A 61 -1.80 2.19 -15.46
N THR A 62 -2.74 3.12 -15.34
CA THR A 62 -2.99 4.10 -16.40
C THR A 62 -3.03 5.51 -15.85
N TYR A 63 -3.38 6.47 -16.70
CA TYR A 63 -3.45 7.86 -16.30
C TYR A 63 -4.59 8.09 -15.31
N LEU A 64 -5.61 7.25 -15.38
CA LEU A 64 -6.76 7.35 -14.48
C LEU A 64 -6.45 6.71 -13.13
N SER A 65 -5.62 5.68 -13.15
CA SER A 65 -5.25 4.99 -11.92
C SER A 65 -4.64 5.95 -10.91
N GLU A 66 -4.34 5.44 -9.72
CA GLU A 66 -3.75 6.25 -8.66
C GLU A 66 -2.75 5.45 -7.84
N PRO A 67 -1.88 6.16 -7.12
CA PRO A 67 -0.84 5.53 -6.28
C PRO A 67 -1.45 4.83 -5.06
N VAL A 68 -2.76 4.97 -4.89
CA VAL A 68 -3.45 4.35 -3.77
C VAL A 68 -4.03 2.99 -4.16
N ASP A 69 -4.52 2.90 -5.39
CA ASP A 69 -5.10 1.66 -5.89
C ASP A 69 -4.07 0.54 -5.89
N VAL A 70 -2.88 0.84 -6.38
CA VAL A 70 -1.80 -0.15 -6.45
C VAL A 70 -1.69 -0.91 -5.13
N TYR A 71 -1.77 -0.20 -4.02
CA TYR A 71 -1.67 -0.80 -2.70
C TYR A 71 -2.71 -1.92 -2.53
N SER A 72 -3.98 -1.54 -2.65
CA SER A 72 -5.07 -2.51 -2.51
C SER A 72 -4.81 -3.75 -3.36
N ASP A 73 -4.30 -3.53 -4.57
CA ASP A 73 -4.00 -4.64 -5.47
C ASP A 73 -2.91 -5.54 -4.90
N TRP A 74 -1.80 -4.92 -4.50
CA TRP A 74 -0.67 -5.66 -3.94
C TRP A 74 -1.16 -6.63 -2.86
N ILE A 75 -2.04 -6.14 -1.98
CA ILE A 75 -2.57 -6.96 -0.90
C ILE A 75 -3.19 -8.25 -1.44
N ASP A 76 -4.26 -8.09 -2.23
CA ASP A 76 -4.95 -9.23 -2.81
C ASP A 76 -4.00 -10.05 -3.68
N ALA A 77 -2.98 -9.39 -4.22
CA ALA A 77 -2.00 -10.06 -5.06
C ALA A 77 -1.25 -11.14 -4.31
N CYS A 78 -1.00 -10.88 -3.02
CA CYS A 78 -0.28 -11.83 -2.17
C CYS A 78 -1.23 -12.84 -1.55
N GLU A 79 -2.39 -12.35 -1.10
CA GLU A 79 -3.39 -13.21 -0.48
C GLU A 79 -3.74 -14.39 -1.40
N SER A 80 -4.00 -14.08 -2.66
CA SER A 80 -4.35 -15.11 -3.64
C SER A 80 -5.75 -15.65 -3.38
N GLY A 81 -6.73 -15.18 -4.15
CA GLY A 81 -8.09 -15.63 -4.00
C GLY A 81 -9.06 -14.82 -4.83
N PRO A 82 -9.64 -13.77 -4.22
CA PRO A 82 -10.61 -12.90 -4.90
C PRO A 82 -9.96 -12.04 -5.97
N SER A 83 -8.72 -12.37 -6.31
CA SER A 83 -7.98 -11.62 -7.33
C SER A 83 -8.93 -11.07 -8.40
N SER A 84 -9.66 -11.97 -9.04
CA SER A 84 -10.60 -11.58 -10.09
C SER A 84 -9.88 -10.89 -11.23
N GLY A 85 -10.15 -11.36 -12.45
CA GLY A 85 -9.52 -10.77 -13.62
C GLY A 85 -10.43 -9.83 -14.37
ZN ZN B . 7.26 -4.82 4.22
N GLY A 1 -46.88 19.54 22.22
CA GLY A 1 -46.10 19.23 23.40
C GLY A 1 -44.74 18.64 23.05
N SER A 2 -44.36 17.60 23.78
CA SER A 2 -43.08 16.94 23.55
C SER A 2 -41.92 17.92 23.74
N SER A 3 -41.24 17.82 24.88
CA SER A 3 -40.12 18.70 25.17
C SER A 3 -39.16 18.04 26.17
N GLY A 4 -37.94 18.56 26.24
CA GLY A 4 -36.95 18.01 27.15
C GLY A 4 -35.59 17.87 26.50
N SER A 5 -34.63 17.32 27.24
CA SER A 5 -33.28 17.12 26.75
C SER A 5 -32.89 15.66 26.78
N SER A 6 -32.88 15.02 25.61
CA SER A 6 -32.54 13.61 25.52
C SER A 6 -31.17 13.35 26.15
N GLY A 7 -30.14 13.99 25.62
CA GLY A 7 -28.80 13.82 26.14
C GLY A 7 -27.80 14.77 25.52
N ARG A 8 -27.31 15.71 26.31
CA ARG A 8 -26.35 16.69 25.84
C ARG A 8 -25.40 16.08 24.81
N LYS A 9 -25.37 16.65 23.61
CA LYS A 9 -24.51 16.16 22.55
C LYS A 9 -23.36 17.13 22.29
N PRO A 10 -22.20 16.57 21.89
CA PRO A 10 -21.01 17.37 21.59
C PRO A 10 -21.16 18.19 20.32
N PRO A 11 -20.23 19.15 20.11
CA PRO A 11 -20.24 20.02 18.94
C PRO A 11 -19.90 19.26 17.65
N PRO A 12 -20.49 19.71 16.53
CA PRO A 12 -20.26 19.09 15.22
C PRO A 12 -18.86 19.34 14.70
N LYS A 13 -17.99 18.35 14.84
CA LYS A 13 -16.61 18.47 14.38
C LYS A 13 -16.48 18.06 12.91
N LYS A 14 -15.54 18.68 12.21
CA LYS A 14 -15.32 18.37 10.80
C LYS A 14 -13.97 18.90 10.33
N LYS A 15 -13.58 18.55 9.12
CA LYS A 15 -12.31 18.98 8.55
C LYS A 15 -12.21 18.60 7.08
N MET A 16 -12.61 17.39 6.76
CA MET A 16 -12.57 16.90 5.38
C MET A 16 -11.15 16.98 4.83
N THR A 17 -10.44 15.86 4.87
CA THR A 17 -9.07 15.81 4.36
C THR A 17 -9.03 15.32 2.92
N GLY A 18 -8.32 16.05 2.06
CA GLY A 18 -8.22 15.68 0.67
C GLY A 18 -6.79 15.65 0.18
N THR A 19 -6.11 14.53 0.43
CA THR A 19 -4.73 14.37 0.01
C THR A 19 -4.37 12.90 -0.19
N LEU A 20 -3.74 12.60 -1.31
CA LEU A 20 -3.35 11.23 -1.62
C LEU A 20 -1.86 11.01 -1.36
N GLU A 21 -1.54 10.56 -0.14
CA GLU A 21 -0.16 10.32 0.25
C GLU A 21 0.44 9.17 -0.56
N THR A 22 1.69 9.31 -0.95
CA THR A 22 2.38 8.29 -1.74
C THR A 22 2.98 7.21 -0.83
N GLN A 23 2.27 6.90 0.26
CA GLN A 23 2.74 5.89 1.20
C GLN A 23 1.59 4.98 1.63
N PHE A 24 1.89 3.70 1.80
CA PHE A 24 0.89 2.72 2.21
C PHE A 24 1.49 1.67 3.12
N THR A 25 0.66 1.06 3.96
CA THR A 25 1.11 0.03 4.88
C THR A 25 1.51 -1.24 4.15
N CYS A 26 2.45 -1.98 4.71
CA CYS A 26 2.92 -3.22 4.11
C CYS A 26 2.38 -4.44 4.86
N PRO A 27 1.60 -5.28 4.15
CA PRO A 27 1.01 -6.48 4.74
C PRO A 27 2.05 -7.55 5.03
N PHE A 28 3.18 -7.49 4.33
CA PHE A 28 4.26 -8.46 4.53
C PHE A 28 4.87 -8.31 5.92
N CYS A 29 5.22 -7.08 6.28
CA CYS A 29 5.82 -6.80 7.58
C CYS A 29 4.94 -5.88 8.40
N ASN A 30 4.38 -4.86 7.75
CA ASN A 30 3.52 -3.90 8.42
C ASN A 30 4.30 -3.07 9.43
N HIS A 31 4.82 -1.93 8.98
CA HIS A 31 5.59 -1.05 9.84
C HIS A 31 4.99 0.35 9.86
N GLU A 32 3.66 0.42 9.74
CA GLU A 32 2.96 1.70 9.75
C GLU A 32 3.55 2.65 8.71
N LYS A 33 2.98 2.63 7.51
CA LYS A 33 3.44 3.48 6.42
C LYS A 33 4.94 3.29 6.18
N SER A 34 5.25 2.42 5.23
CA SER A 34 6.65 2.15 4.89
C SER A 34 6.76 1.54 3.50
N CYS A 35 6.13 2.18 2.53
CA CYS A 35 6.15 1.71 1.15
C CYS A 35 5.96 2.87 0.17
N ASP A 36 6.64 2.79 -0.97
CA ASP A 36 6.55 3.83 -1.98
C ASP A 36 6.00 3.27 -3.29
N VAL A 37 5.04 4.00 -3.88
CA VAL A 37 4.43 3.57 -5.13
C VAL A 37 5.00 4.35 -6.31
N LYS A 38 5.54 3.63 -7.29
CA LYS A 38 6.12 4.25 -8.47
C LYS A 38 5.16 4.13 -9.66
N MET A 39 4.47 5.23 -9.96
CA MET A 39 3.53 5.26 -11.07
C MET A 39 4.25 5.52 -12.39
N ASP A 40 4.59 4.45 -13.09
CA ASP A 40 5.28 4.55 -14.37
C ASP A 40 4.29 4.71 -15.53
N ARG A 41 4.27 5.89 -16.13
CA ARG A 41 3.36 6.17 -17.23
C ARG A 41 3.91 5.58 -18.54
N ALA A 42 5.12 5.99 -18.90
CA ALA A 42 5.75 5.50 -20.12
C ALA A 42 5.42 4.03 -20.37
N ARG A 43 5.38 3.25 -19.29
CA ARG A 43 5.07 1.84 -19.40
C ARG A 43 3.68 1.54 -18.85
N ASN A 44 3.12 2.49 -18.12
CA ASN A 44 1.79 2.33 -17.54
C ASN A 44 1.75 1.15 -16.58
N THR A 45 2.74 1.09 -15.69
CA THR A 45 2.82 0.01 -14.71
C THR A 45 3.30 0.53 -13.36
N GLY A 46 2.44 0.40 -12.35
CA GLY A 46 2.79 0.85 -11.02
C GLY A 46 3.60 -0.16 -10.25
N VAL A 47 4.82 0.22 -9.87
CA VAL A 47 5.71 -0.66 -9.12
C VAL A 47 5.89 -0.17 -7.70
N ILE A 48 5.47 -0.99 -6.74
CA ILE A 48 5.59 -0.63 -5.33
C ILE A 48 6.74 -1.40 -4.67
N SER A 49 7.14 -0.96 -3.48
CA SER A 49 8.22 -1.60 -2.75
C SER A 49 8.18 -1.22 -1.26
N CYS A 50 8.79 -2.04 -0.44
CA CYS A 50 8.82 -1.80 1.00
C CYS A 50 10.19 -1.28 1.44
N THR A 51 10.25 -0.69 2.62
CA THR A 51 11.50 -0.15 3.16
C THR A 51 11.89 -0.85 4.46
N VAL A 52 11.20 -1.93 4.77
CA VAL A 52 11.48 -2.69 5.98
C VAL A 52 11.88 -4.13 5.66
N CYS A 53 11.04 -4.81 4.88
CA CYS A 53 11.30 -6.19 4.50
C CYS A 53 12.03 -6.25 3.16
N LEU A 54 11.98 -5.15 2.41
CA LEU A 54 12.63 -5.07 1.11
C LEU A 54 11.87 -5.89 0.07
N GLU A 55 10.60 -5.54 -0.12
CA GLU A 55 9.75 -6.24 -1.09
C GLU A 55 9.48 -5.34 -2.30
N GLU A 56 8.80 -5.91 -3.30
CA GLU A 56 8.47 -5.18 -4.51
C GLU A 56 7.41 -5.92 -5.33
N PHE A 57 6.51 -5.16 -5.94
CA PHE A 57 5.45 -5.75 -6.75
C PHE A 57 5.15 -4.87 -7.97
N GLN A 58 4.67 -5.50 -9.03
CA GLN A 58 4.36 -4.79 -10.26
C GLN A 58 2.88 -4.95 -10.61
N THR A 59 2.31 -3.92 -11.26
CA THR A 59 0.91 -3.96 -11.65
C THR A 59 0.62 -2.91 -12.72
N PRO A 60 -0.24 -3.27 -13.67
CA PRO A 60 -0.62 -2.37 -14.77
C PRO A 60 -1.49 -1.20 -14.30
N ILE A 61 -1.11 0.00 -14.69
CA ILE A 61 -1.85 1.20 -14.30
C ILE A 61 -2.01 2.15 -15.48
N THR A 62 -2.56 3.33 -15.21
CA THR A 62 -2.78 4.33 -16.25
C THR A 62 -2.84 5.73 -15.65
N TYR A 63 -2.72 6.74 -16.51
CA TYR A 63 -2.76 8.13 -16.07
C TYR A 63 -3.99 8.39 -15.20
N LEU A 64 -5.07 7.66 -15.47
CA LEU A 64 -6.30 7.81 -14.72
C LEU A 64 -6.24 7.03 -13.41
N SER A 65 -5.34 6.05 -13.35
CA SER A 65 -5.18 5.23 -12.16
C SER A 65 -4.66 6.06 -10.99
N GLU A 66 -4.85 5.56 -9.78
CA GLU A 66 -4.40 6.26 -8.59
C GLU A 66 -3.32 5.46 -7.86
N PRO A 67 -2.51 6.16 -7.05
CA PRO A 67 -1.42 5.53 -6.28
C PRO A 67 -1.94 4.65 -5.16
N VAL A 68 -3.25 4.71 -4.92
CA VAL A 68 -3.87 3.91 -3.87
C VAL A 68 -4.35 2.57 -4.41
N ASP A 69 -4.66 2.53 -5.70
CA ASP A 69 -5.12 1.31 -6.34
C ASP A 69 -4.01 0.27 -6.39
N VAL A 70 -2.82 0.70 -6.79
CA VAL A 70 -1.67 -0.19 -6.89
C VAL A 70 -1.42 -0.90 -5.56
N TYR A 71 -1.63 -0.18 -4.46
CA TYR A 71 -1.43 -0.75 -3.13
C TYR A 71 -2.42 -1.86 -2.85
N SER A 72 -3.71 -1.55 -3.01
CA SER A 72 -4.77 -2.53 -2.76
C SER A 72 -4.52 -3.81 -3.55
N ASP A 73 -4.11 -3.65 -4.81
CA ASP A 73 -3.83 -4.81 -5.67
C ASP A 73 -2.79 -5.71 -5.03
N TRP A 74 -1.70 -5.12 -4.55
CA TRP A 74 -0.62 -5.88 -3.92
C TRP A 74 -1.17 -6.79 -2.82
N ILE A 75 -2.13 -6.27 -2.06
CA ILE A 75 -2.73 -7.03 -0.97
C ILE A 75 -3.35 -8.32 -1.49
N ASP A 76 -4.30 -8.19 -2.40
CA ASP A 76 -4.97 -9.36 -2.99
C ASP A 76 -4.02 -10.16 -3.86
N ALA A 77 -2.96 -9.51 -4.32
CA ALA A 77 -1.96 -10.16 -5.16
C ALA A 77 -1.12 -11.15 -4.35
N CYS A 78 -0.93 -10.83 -3.07
CA CYS A 78 -0.14 -11.70 -2.19
C CYS A 78 -1.02 -12.72 -1.50
N GLU A 79 -2.20 -12.28 -1.06
CA GLU A 79 -3.14 -13.16 -0.37
C GLU A 79 -3.47 -14.38 -1.24
N SER A 80 -3.65 -14.14 -2.53
CA SER A 80 -3.98 -15.22 -3.46
C SER A 80 -5.44 -15.64 -3.31
N GLY A 81 -6.28 -15.14 -4.21
CA GLY A 81 -7.70 -15.47 -4.16
C GLY A 81 -8.17 -16.15 -5.43
N PRO A 82 -7.73 -17.39 -5.64
CA PRO A 82 -8.11 -18.17 -6.82
C PRO A 82 -9.56 -18.61 -6.80
N SER A 83 -10.27 -18.25 -5.72
CA SER A 83 -11.67 -18.59 -5.58
C SER A 83 -12.41 -18.47 -6.91
N SER A 84 -12.52 -17.24 -7.40
CA SER A 84 -13.20 -16.98 -8.67
C SER A 84 -13.07 -15.51 -9.07
N GLY A 85 -11.89 -15.14 -9.54
CA GLY A 85 -11.65 -13.76 -9.94
C GLY A 85 -11.91 -12.78 -8.82
ZN ZN B . 7.27 -4.88 4.20
N GLY A 1 9.84 -19.08 6.75
CA GLY A 1 8.56 -19.27 6.09
C GLY A 1 7.58 -20.04 6.94
N SER A 2 6.69 -19.33 7.61
CA SER A 2 5.69 -19.96 8.47
C SER A 2 4.40 -19.14 8.50
N SER A 3 3.29 -19.79 8.18
CA SER A 3 1.99 -19.12 8.16
C SER A 3 0.86 -20.15 8.20
N GLY A 4 0.04 -20.07 9.25
CA GLY A 4 -1.06 -20.99 9.40
C GLY A 4 -2.08 -20.52 10.43
N SER A 5 -2.94 -19.60 10.04
CA SER A 5 -3.96 -19.07 10.94
C SER A 5 -4.74 -17.94 10.27
N SER A 6 -6.07 -18.00 10.39
CA SER A 6 -6.93 -16.98 9.80
C SER A 6 -8.20 -16.80 10.63
N GLY A 7 -8.22 -15.78 11.46
CA GLY A 7 -9.38 -15.51 12.28
C GLY A 7 -10.48 -14.78 11.53
N ARG A 8 -11.72 -14.99 11.95
CA ARG A 8 -12.86 -14.34 11.32
C ARG A 8 -13.27 -13.08 12.08
N LYS A 9 -12.85 -11.93 11.57
CA LYS A 9 -13.17 -10.66 12.20
C LYS A 9 -12.65 -9.50 11.37
N PRO A 10 -13.37 -8.35 11.42
CA PRO A 10 -13.00 -7.14 10.68
C PRO A 10 -11.73 -6.50 11.23
N PRO A 11 -10.90 -5.97 10.32
CA PRO A 11 -9.64 -5.30 10.68
C PRO A 11 -9.88 -3.98 11.40
N PRO A 12 -8.86 -3.50 12.13
CA PRO A 12 -8.92 -2.25 12.88
C PRO A 12 -8.94 -1.03 11.95
N LYS A 13 -9.24 0.13 12.52
CA LYS A 13 -9.28 1.37 11.75
C LYS A 13 -7.88 1.93 11.55
N LYS A 14 -7.78 2.95 10.70
CA LYS A 14 -6.49 3.58 10.41
C LYS A 14 -6.67 5.06 10.12
N LYS A 15 -6.00 5.90 10.91
CA LYS A 15 -6.09 7.35 10.73
C LYS A 15 -5.01 7.84 9.77
N MET A 16 -5.27 8.96 9.12
CA MET A 16 -4.32 9.55 8.17
C MET A 16 -4.79 10.92 7.72
N THR A 17 -3.82 11.82 7.51
CA THR A 17 -4.13 13.18 7.08
C THR A 17 -3.10 13.68 6.06
N GLY A 18 -3.18 13.16 4.84
CA GLY A 18 -2.24 13.57 3.80
C GLY A 18 -2.72 13.19 2.42
N THR A 19 -3.54 14.04 1.81
CA THR A 19 -4.06 13.79 0.48
C THR A 19 -2.98 13.27 -0.45
N LEU A 20 -3.37 12.45 -1.42
CA LEU A 20 -2.43 11.89 -2.37
C LEU A 20 -1.06 11.68 -1.73
N GLU A 21 -0.95 10.65 -0.90
CA GLU A 21 0.30 10.34 -0.22
C GLU A 21 0.99 9.14 -0.86
N THR A 22 2.28 9.27 -1.13
CA THR A 22 3.05 8.19 -1.74
C THR A 22 3.56 7.22 -0.69
N GLN A 23 2.66 6.74 0.17
CA GLN A 23 3.01 5.80 1.22
C GLN A 23 1.81 4.98 1.66
N PHE A 24 2.05 3.71 1.95
CA PHE A 24 0.97 2.81 2.37
C PHE A 24 1.50 1.75 3.33
N THR A 25 0.58 0.98 3.92
CA THR A 25 0.96 -0.06 4.86
C THR A 25 1.40 -1.33 4.14
N CYS A 26 2.39 -2.02 4.69
CA CYS A 26 2.91 -3.24 4.08
C CYS A 26 2.38 -4.47 4.81
N PRO A 27 1.63 -5.33 4.09
CA PRO A 27 1.05 -6.54 4.65
C PRO A 27 2.12 -7.59 4.98
N PHE A 28 3.27 -7.47 4.34
CA PHE A 28 4.38 -8.40 4.55
C PHE A 28 4.97 -8.23 5.95
N CYS A 29 5.32 -7.00 6.28
CA CYS A 29 5.90 -6.69 7.59
C CYS A 29 4.96 -5.83 8.41
N ASN A 30 4.31 -4.87 7.75
CA ASN A 30 3.38 -3.97 8.43
C ASN A 30 4.10 -3.14 9.48
N HIS A 31 4.76 -2.08 9.03
CA HIS A 31 5.50 -1.19 9.93
C HIS A 31 4.84 0.19 9.98
N GLU A 32 3.53 0.23 9.77
CA GLU A 32 2.79 1.48 9.79
C GLU A 32 3.40 2.49 8.82
N LYS A 33 2.87 2.55 7.61
CA LYS A 33 3.35 3.46 6.59
C LYS A 33 4.84 3.24 6.33
N SER A 34 5.14 2.44 5.32
CA SER A 34 6.53 2.14 4.96
C SER A 34 6.61 1.52 3.57
N CYS A 35 5.85 2.09 2.64
CA CYS A 35 5.84 1.59 1.26
C CYS A 35 6.11 2.72 0.28
N ASP A 36 6.45 2.36 -0.96
CA ASP A 36 6.74 3.35 -1.99
C ASP A 36 6.15 2.91 -3.33
N VAL A 37 5.25 3.73 -3.87
CA VAL A 37 4.61 3.42 -5.15
C VAL A 37 5.22 4.25 -6.27
N LYS A 38 5.52 3.59 -7.39
CA LYS A 38 6.10 4.26 -8.54
C LYS A 38 5.16 4.22 -9.74
N MET A 39 4.43 5.32 -9.95
CA MET A 39 3.49 5.40 -11.06
C MET A 39 4.21 5.73 -12.36
N ASP A 40 4.37 4.72 -13.21
CA ASP A 40 5.05 4.90 -14.49
C ASP A 40 4.04 4.92 -15.64
N ARG A 41 3.76 6.10 -16.16
CA ARG A 41 2.82 6.25 -17.26
C ARG A 41 3.41 5.71 -18.56
N ALA A 42 4.58 6.23 -18.93
CA ALA A 42 5.25 5.79 -20.16
C ALA A 42 5.08 4.29 -20.38
N ARG A 43 5.19 3.53 -19.29
CA ARG A 43 5.06 2.07 -19.37
C ARG A 43 3.68 1.63 -18.85
N ASN A 44 2.96 2.56 -18.24
CA ASN A 44 1.65 2.27 -17.69
C ASN A 44 1.70 1.07 -16.75
N THR A 45 2.69 1.08 -15.86
CA THR A 45 2.85 -0.01 -14.89
C THR A 45 3.26 0.52 -13.53
N GLY A 46 2.38 0.34 -12.55
CA GLY A 46 2.67 0.81 -11.20
C GLY A 46 3.49 -0.19 -10.40
N VAL A 47 4.70 0.22 -10.01
CA VAL A 47 5.58 -0.65 -9.25
C VAL A 47 5.73 -0.16 -7.81
N ILE A 48 5.33 -0.99 -6.85
CA ILE A 48 5.41 -0.63 -5.44
C ILE A 48 6.55 -1.37 -4.77
N SER A 49 6.90 -0.93 -3.56
CA SER A 49 7.98 -1.54 -2.79
C SER A 49 7.88 -1.17 -1.32
N CYS A 50 8.63 -1.88 -0.49
CA CYS A 50 8.64 -1.63 0.95
C CYS A 50 9.97 -1.04 1.39
N THR A 51 9.99 -0.47 2.58
CA THR A 51 11.20 0.13 3.13
C THR A 51 11.57 -0.49 4.47
N VAL A 52 11.08 -1.69 4.72
CA VAL A 52 11.36 -2.40 5.97
C VAL A 52 11.80 -3.83 5.70
N CYS A 53 11.07 -4.52 4.83
CA CYS A 53 11.39 -5.90 4.49
C CYS A 53 12.09 -5.98 3.14
N LEU A 54 12.03 -4.89 2.38
CA LEU A 54 12.67 -4.83 1.07
C LEU A 54 11.90 -5.67 0.06
N GLU A 55 10.62 -5.37 -0.12
CA GLU A 55 9.78 -6.09 -1.06
C GLU A 55 9.48 -5.25 -2.30
N GLU A 56 8.76 -5.84 -3.24
CA GLU A 56 8.41 -5.13 -4.47
C GLU A 56 7.32 -5.87 -5.24
N PHE A 57 6.42 -5.12 -5.87
CA PHE A 57 5.32 -5.71 -6.63
C PHE A 57 4.95 -4.83 -7.82
N GLN A 58 4.85 -5.45 -8.99
CA GLN A 58 4.51 -4.72 -10.20
C GLN A 58 3.05 -4.96 -10.59
N THR A 59 2.44 -3.96 -11.22
CA THR A 59 1.04 -4.06 -11.63
C THR A 59 0.72 -3.04 -12.72
N PRO A 60 -0.12 -3.45 -13.69
CA PRO A 60 -0.53 -2.59 -14.80
C PRO A 60 -1.44 -1.45 -14.34
N ILE A 61 -1.08 -0.22 -14.71
CA ILE A 61 -1.87 0.95 -14.33
C ILE A 61 -2.03 1.89 -15.52
N THR A 62 -2.63 3.05 -15.27
CA THR A 62 -2.85 4.04 -16.31
C THR A 62 -2.79 5.45 -15.75
N TYR A 63 -2.46 6.41 -16.62
CA TYR A 63 -2.36 7.81 -16.20
C TYR A 63 -3.43 8.15 -15.18
N LEU A 64 -4.65 7.67 -15.43
CA LEU A 64 -5.77 7.93 -14.52
C LEU A 64 -5.58 7.20 -13.20
N SER A 65 -5.09 5.96 -13.28
CA SER A 65 -4.87 5.16 -12.08
C SER A 65 -4.27 6.00 -10.96
N GLU A 66 -4.48 5.56 -9.72
CA GLU A 66 -3.96 6.28 -8.56
C GLU A 66 -2.93 5.44 -7.81
N PRO A 67 -2.07 6.11 -7.03
CA PRO A 67 -1.02 5.44 -6.24
C PRO A 67 -1.59 4.62 -5.10
N VAL A 68 -2.88 4.80 -4.82
CA VAL A 68 -3.55 4.07 -3.76
C VAL A 68 -4.10 2.74 -4.25
N ASP A 69 -4.49 2.70 -5.52
CA ASP A 69 -5.03 1.48 -6.12
C ASP A 69 -3.97 0.38 -6.16
N VAL A 70 -2.80 0.71 -6.70
CA VAL A 70 -1.72 -0.25 -6.80
C VAL A 70 -1.52 -1.01 -5.50
N TYR A 71 -1.65 -0.30 -4.38
CA TYR A 71 -1.49 -0.91 -3.07
C TYR A 71 -2.53 -2.00 -2.85
N SER A 72 -3.80 -1.62 -2.89
CA SER A 72 -4.89 -2.57 -2.69
C SER A 72 -4.68 -3.82 -3.55
N ASP A 73 -4.17 -3.63 -4.76
CA ASP A 73 -3.93 -4.75 -5.67
C ASP A 73 -2.87 -5.69 -5.10
N TRP A 74 -1.74 -5.12 -4.69
CA TRP A 74 -0.65 -5.90 -4.13
C TRP A 74 -1.15 -6.80 -3.00
N ILE A 75 -2.09 -6.28 -2.22
CA ILE A 75 -2.65 -7.04 -1.11
C ILE A 75 -3.30 -8.33 -1.59
N ASP A 76 -4.30 -8.19 -2.46
CA ASP A 76 -5.00 -9.34 -3.01
C ASP A 76 -4.06 -10.21 -3.83
N ALA A 77 -3.01 -9.59 -4.38
CA ALA A 77 -2.05 -10.31 -5.20
C ALA A 77 -1.24 -11.30 -4.35
N CYS A 78 -1.00 -10.93 -3.10
CA CYS A 78 -0.23 -11.78 -2.20
C CYS A 78 -1.14 -12.77 -1.48
N GLU A 79 -2.27 -12.28 -0.98
CA GLU A 79 -3.23 -13.12 -0.27
C GLU A 79 -3.58 -14.36 -1.10
N SER A 80 -3.74 -14.16 -2.40
CA SER A 80 -4.08 -15.27 -3.30
C SER A 80 -4.32 -14.76 -4.72
N GLY A 81 -3.25 -14.65 -5.49
CA GLY A 81 -3.37 -14.17 -6.86
C GLY A 81 -4.11 -15.15 -7.76
N PRO A 82 -5.02 -14.63 -8.59
CA PRO A 82 -5.81 -15.46 -9.51
C PRO A 82 -4.95 -16.03 -10.64
N SER A 83 -5.22 -17.28 -11.00
CA SER A 83 -4.48 -17.94 -12.07
C SER A 83 -5.27 -17.94 -13.37
N SER A 84 -5.86 -16.79 -13.69
CA SER A 84 -6.65 -16.65 -14.90
C SER A 84 -7.84 -17.58 -14.88
N GLY A 85 -9.04 -17.01 -14.96
CA GLY A 85 -10.25 -17.81 -14.94
C GLY A 85 -10.86 -17.96 -16.33
ZN ZN B . 7.30 -4.75 4.19
N GLY A 1 25.77 -10.77 18.06
CA GLY A 1 24.78 -9.81 18.52
C GLY A 1 23.45 -10.44 18.84
N SER A 2 22.61 -9.72 19.60
CA SER A 2 21.30 -10.22 19.97
C SER A 2 20.37 -9.07 20.37
N SER A 3 19.07 -9.30 20.20
CA SER A 3 18.08 -8.28 20.53
C SER A 3 16.73 -8.91 20.83
N GLY A 4 15.97 -8.29 21.73
CA GLY A 4 14.65 -8.81 22.08
C GLY A 4 13.74 -7.75 22.65
N SER A 5 12.44 -7.99 22.56
CA SER A 5 11.45 -7.04 23.07
C SER A 5 10.04 -7.62 22.97
N SER A 6 9.07 -6.87 23.48
CA SER A 6 7.68 -7.30 23.46
C SER A 6 6.76 -6.25 24.09
N GLY A 7 6.12 -5.45 23.25
CA GLY A 7 5.23 -4.42 23.74
C GLY A 7 3.78 -4.68 23.39
N ARG A 8 3.00 -3.61 23.27
CA ARG A 8 1.59 -3.73 22.93
C ARG A 8 1.24 -2.86 21.72
N LYS A 9 0.03 -3.03 21.21
CA LYS A 9 -0.42 -2.27 20.05
C LYS A 9 -1.19 -1.03 20.48
N PRO A 10 -0.95 0.09 19.79
CA PRO A 10 -1.62 1.36 20.08
C PRO A 10 -3.10 1.34 19.73
N PRO A 11 -3.91 2.05 20.53
CA PRO A 11 -5.36 2.12 20.32
C PRO A 11 -5.73 2.93 19.08
N PRO A 12 -6.83 2.53 18.43
CA PRO A 12 -7.31 3.21 17.22
C PRO A 12 -7.87 4.61 17.51
N LYS A 13 -7.81 5.48 16.52
CA LYS A 13 -8.31 6.84 16.66
C LYS A 13 -9.20 7.22 15.49
N LYS A 14 -9.79 8.41 15.57
CA LYS A 14 -10.66 8.91 14.51
C LYS A 14 -10.06 8.64 13.13
N LYS A 15 -10.90 8.58 12.12
CA LYS A 15 -10.45 8.34 10.74
C LYS A 15 -9.77 6.97 10.63
N MET A 16 -9.89 6.36 9.46
CA MET A 16 -9.29 5.06 9.22
C MET A 16 -8.04 5.18 8.35
N THR A 17 -7.26 6.23 8.60
CA THR A 17 -6.04 6.47 7.84
C THR A 17 -6.35 6.77 6.38
N GLY A 18 -7.34 7.63 6.15
CA GLY A 18 -7.72 7.98 4.79
C GLY A 18 -6.78 9.00 4.18
N THR A 19 -7.33 9.91 3.39
CA THR A 19 -6.54 10.93 2.73
C THR A 19 -5.55 10.32 1.74
N LEU A 20 -5.56 10.84 0.52
CA LEU A 20 -4.67 10.34 -0.53
C LEU A 20 -3.22 10.65 -0.20
N GLU A 21 -2.58 9.75 0.55
CA GLU A 21 -1.18 9.94 0.94
C GLU A 21 -0.27 9.04 0.10
N THR A 22 0.97 9.49 -0.09
CA THR A 22 1.94 8.73 -0.86
C THR A 22 2.61 7.65 -0.02
N GLN A 23 1.81 6.97 0.79
CA GLN A 23 2.33 5.90 1.64
C GLN A 23 1.24 4.88 1.95
N PHE A 24 1.66 3.66 2.27
CA PHE A 24 0.72 2.59 2.59
C PHE A 24 1.37 1.54 3.50
N THR A 25 0.55 0.62 3.99
CA THR A 25 1.05 -0.43 4.88
C THR A 25 1.46 -1.67 4.08
N CYS A 26 2.55 -2.30 4.51
CA CYS A 26 3.04 -3.49 3.84
C CYS A 26 2.40 -4.76 4.41
N PRO A 27 1.70 -5.51 3.55
CA PRO A 27 1.03 -6.74 3.95
C PRO A 27 2.01 -7.86 4.28
N PHE A 28 3.28 -7.65 3.93
CA PHE A 28 4.31 -8.64 4.20
C PHE A 28 4.84 -8.52 5.62
N CYS A 29 5.40 -7.36 5.94
CA CYS A 29 5.94 -7.12 7.28
C CYS A 29 4.97 -6.29 8.12
N ASN A 30 4.31 -5.32 7.48
CA ASN A 30 3.35 -4.48 8.18
C ASN A 30 4.07 -3.47 9.08
N HIS A 31 4.52 -2.36 8.48
CA HIS A 31 5.22 -1.32 9.23
C HIS A 31 4.65 0.05 8.91
N GLU A 32 3.80 0.55 9.81
CA GLU A 32 3.18 1.86 9.62
C GLU A 32 4.11 2.79 8.85
N LYS A 33 3.68 3.19 7.66
CA LYS A 33 4.48 4.09 6.83
C LYS A 33 5.82 3.46 6.46
N SER A 34 5.82 2.65 5.41
CA SER A 34 7.04 1.99 4.96
C SER A 34 6.85 1.40 3.56
N CYS A 35 6.17 2.13 2.70
CA CYS A 35 5.92 1.69 1.33
C CYS A 35 5.95 2.86 0.36
N ASP A 36 6.50 2.63 -0.82
CA ASP A 36 6.59 3.67 -1.84
C ASP A 36 5.99 3.20 -3.15
N VAL A 37 5.16 4.03 -3.77
CA VAL A 37 4.52 3.69 -5.03
C VAL A 37 5.20 4.39 -6.19
N LYS A 38 5.45 3.65 -7.27
CA LYS A 38 6.10 4.20 -8.45
C LYS A 38 5.20 4.07 -9.68
N MET A 39 4.50 5.15 -10.01
CA MET A 39 3.60 5.15 -11.15
C MET A 39 4.37 5.38 -12.44
N ASP A 40 4.72 4.28 -13.11
CA ASP A 40 5.47 4.35 -14.36
C ASP A 40 4.53 4.52 -15.54
N ARG A 41 4.45 5.74 -16.07
CA ARG A 41 3.59 6.04 -17.21
C ARG A 41 4.15 5.43 -18.50
N ALA A 42 5.47 5.53 -18.67
CA ALA A 42 6.13 4.99 -19.85
C ALA A 42 5.59 3.61 -20.18
N ARG A 43 5.48 2.75 -19.19
CA ARG A 43 4.98 1.40 -19.38
C ARG A 43 3.60 1.22 -18.73
N ASN A 44 2.99 2.34 -18.36
CA ASN A 44 1.68 2.30 -17.73
C ASN A 44 1.59 1.19 -16.69
N THR A 45 2.66 1.03 -15.92
CA THR A 45 2.72 0.00 -14.89
C THR A 45 3.26 0.57 -13.57
N GLY A 46 2.50 0.35 -12.49
CA GLY A 46 2.92 0.85 -11.19
C GLY A 46 3.76 -0.15 -10.44
N VAL A 47 4.87 0.31 -9.88
CA VAL A 47 5.77 -0.56 -9.13
C VAL A 47 5.90 -0.10 -7.68
N ILE A 48 5.42 -0.94 -6.76
CA ILE A 48 5.48 -0.60 -5.34
C ILE A 48 6.63 -1.34 -4.66
N SER A 49 7.07 -0.81 -3.52
CA SER A 49 8.17 -1.40 -2.76
C SER A 49 8.04 -1.10 -1.28
N CYS A 50 8.79 -1.83 -0.47
CA CYS A 50 8.77 -1.64 0.98
C CYS A 50 10.06 -1.00 1.48
N THR A 51 10.05 -0.55 2.73
CA THR A 51 11.23 0.08 3.32
C THR A 51 11.59 -0.58 4.64
N VAL A 52 11.08 -1.78 4.87
CA VAL A 52 11.36 -2.52 6.09
C VAL A 52 11.81 -3.94 5.78
N CYS A 53 11.12 -4.60 4.86
CA CYS A 53 11.46 -5.97 4.47
C CYS A 53 12.19 -5.98 3.13
N LEU A 54 12.16 -4.86 2.44
CA LEU A 54 12.82 -4.75 1.14
C LEU A 54 12.11 -5.59 0.09
N GLU A 55 10.84 -5.28 -0.15
CA GLU A 55 10.05 -6.02 -1.14
C GLU A 55 9.66 -5.11 -2.30
N GLU A 56 9.15 -5.71 -3.37
CA GLU A 56 8.73 -4.96 -4.55
C GLU A 56 7.68 -5.73 -5.33
N PHE A 57 6.71 -4.99 -5.88
CA PHE A 57 5.64 -5.59 -6.66
C PHE A 57 5.29 -4.73 -7.86
N GLN A 58 4.80 -5.38 -8.93
CA GLN A 58 4.43 -4.67 -10.14
C GLN A 58 2.94 -4.86 -10.45
N THR A 59 2.36 -3.89 -11.14
CA THR A 59 0.95 -3.94 -11.50
C THR A 59 0.63 -2.97 -12.63
N PRO A 60 -0.27 -3.39 -13.54
CA PRO A 60 -0.68 -2.57 -14.68
C PRO A 60 -1.53 -1.38 -14.26
N ILE A 61 -1.10 -0.18 -14.63
CA ILE A 61 -1.82 1.03 -14.29
C ILE A 61 -2.07 1.90 -15.52
N THR A 62 -2.87 2.95 -15.36
CA THR A 62 -3.17 3.85 -16.46
C THR A 62 -3.22 5.30 -15.99
N TYR A 63 -3.15 6.23 -16.93
CA TYR A 63 -3.17 7.65 -16.61
C TYR A 63 -4.24 7.95 -15.56
N LEU A 64 -5.32 7.17 -15.57
CA LEU A 64 -6.40 7.35 -14.62
C LEU A 64 -6.06 6.74 -13.27
N SER A 65 -5.36 5.60 -13.31
CA SER A 65 -4.97 4.91 -12.09
C SER A 65 -4.46 5.89 -11.05
N GLU A 66 -4.31 5.41 -9.81
CA GLU A 66 -3.83 6.25 -8.72
C GLU A 66 -2.85 5.48 -7.84
N PRO A 67 -2.07 6.23 -7.04
CA PRO A 67 -1.07 5.64 -6.14
C PRO A 67 -1.72 4.90 -4.98
N VAL A 68 -3.04 4.99 -4.88
CA VAL A 68 -3.77 4.32 -3.80
C VAL A 68 -4.27 2.95 -4.25
N ASP A 69 -4.62 2.85 -5.54
CA ASP A 69 -5.12 1.60 -6.10
C ASP A 69 -4.04 0.53 -6.07
N VAL A 70 -2.84 0.88 -6.53
CA VAL A 70 -1.71 -0.04 -6.56
C VAL A 70 -1.59 -0.80 -5.23
N TYR A 71 -1.81 -0.09 -4.13
CA TYR A 71 -1.72 -0.68 -2.81
C TYR A 71 -2.77 -1.78 -2.64
N SER A 72 -4.04 -1.39 -2.71
CA SER A 72 -5.13 -2.34 -2.55
C SER A 72 -4.90 -3.58 -3.40
N ASP A 73 -4.47 -3.38 -4.65
CA ASP A 73 -4.21 -4.48 -5.57
C ASP A 73 -3.09 -5.37 -5.04
N TRP A 74 -1.99 -4.74 -4.61
CA TRP A 74 -0.85 -5.48 -4.08
C TRP A 74 -1.28 -6.45 -2.99
N ILE A 75 -2.21 -6.00 -2.14
CA ILE A 75 -2.71 -6.83 -1.05
C ILE A 75 -3.31 -8.12 -1.57
N ASP A 76 -4.37 -8.00 -2.36
CA ASP A 76 -5.06 -9.16 -2.92
C ASP A 76 -4.11 -9.94 -3.84
N ALA A 77 -3.14 -9.23 -4.43
CA ALA A 77 -2.18 -9.85 -5.33
C ALA A 77 -1.34 -10.89 -4.60
N CYS A 78 -1.03 -10.62 -3.35
CA CYS A 78 -0.22 -11.53 -2.55
C CYS A 78 -1.10 -12.56 -1.85
N GLU A 79 -2.22 -12.10 -1.29
CA GLU A 79 -3.15 -12.98 -0.60
C GLU A 79 -3.54 -14.16 -1.48
N SER A 80 -3.96 -13.86 -2.70
CA SER A 80 -4.36 -14.90 -3.64
C SER A 80 -4.31 -14.38 -5.08
N GLY A 81 -3.13 -14.48 -5.69
CA GLY A 81 -2.95 -14.01 -7.05
C GLY A 81 -1.58 -14.35 -7.61
N PRO A 82 -0.92 -13.35 -8.22
CA PRO A 82 0.41 -13.52 -8.80
C PRO A 82 1.49 -13.73 -7.75
N SER A 83 2.69 -14.06 -8.20
CA SER A 83 3.82 -14.29 -7.29
C SER A 83 3.70 -15.66 -6.62
N SER A 84 2.52 -15.94 -6.07
CA SER A 84 2.28 -17.22 -5.40
C SER A 84 0.78 -17.50 -5.27
N GLY A 85 0.33 -18.56 -5.92
CA GLY A 85 -1.07 -18.91 -5.87
C GLY A 85 -1.33 -20.33 -6.34
ZN ZN B . 7.46 -5.01 3.99
N GLY A 1 34.10 12.22 15.56
CA GLY A 1 34.42 11.00 16.27
C GLY A 1 33.28 10.50 17.12
N SER A 2 32.08 10.47 16.54
CA SER A 2 30.90 10.02 17.26
C SER A 2 29.67 10.03 16.35
N SER A 3 28.59 9.42 16.82
CA SER A 3 27.35 9.35 16.06
C SER A 3 26.19 8.89 16.94
N GLY A 4 25.09 9.65 16.89
CA GLY A 4 23.92 9.30 17.68
C GLY A 4 22.65 9.29 16.85
N SER A 5 22.28 8.12 16.36
CA SER A 5 21.07 7.98 15.55
C SER A 5 19.84 8.42 16.34
N SER A 6 19.67 7.85 17.53
CA SER A 6 18.53 8.19 18.37
C SER A 6 17.22 7.80 17.70
N GLY A 7 16.16 7.71 18.49
CA GLY A 7 14.86 7.35 17.95
C GLY A 7 13.73 8.19 18.54
N ARG A 8 13.93 9.50 18.57
CA ARG A 8 12.93 10.41 19.11
C ARG A 8 11.72 10.51 18.19
N LYS A 9 10.64 9.82 18.55
CA LYS A 9 9.43 9.83 17.74
C LYS A 9 8.19 9.61 18.61
N PRO A 10 7.44 10.69 18.88
CA PRO A 10 6.24 10.63 19.70
C PRO A 10 5.10 9.89 19.01
N PRO A 11 4.05 9.55 19.77
CA PRO A 11 2.88 8.84 19.25
C PRO A 11 2.04 9.72 18.32
N PRO A 12 2.00 9.35 17.04
CA PRO A 12 1.23 10.08 16.02
C PRO A 12 -0.27 9.93 16.21
N LYS A 13 -0.86 10.88 16.94
CA LYS A 13 -2.30 10.85 17.20
C LYS A 13 -3.07 11.42 16.01
N LYS A 14 -2.87 12.69 15.72
CA LYS A 14 -3.54 13.35 14.62
C LYS A 14 -2.82 13.07 13.29
N LYS A 15 -3.36 13.61 12.21
CA LYS A 15 -2.76 13.42 10.89
C LYS A 15 -3.13 14.56 9.96
N MET A 16 -4.41 14.93 9.94
CA MET A 16 -4.90 16.01 9.09
C MET A 16 -4.77 15.65 7.62
N THR A 17 -5.26 16.53 6.76
CA THR A 17 -5.21 16.30 5.32
C THR A 17 -3.93 15.59 4.93
N GLY A 18 -4.08 14.44 4.26
CA GLY A 18 -2.91 13.68 3.83
C GLY A 18 -3.28 12.59 2.84
N THR A 19 -4.22 12.88 1.96
CA THR A 19 -4.66 11.92 0.95
C THR A 19 -3.62 11.78 -0.16
N LEU A 20 -3.55 10.59 -0.74
CA LEU A 20 -2.60 10.32 -1.83
C LEU A 20 -1.19 10.76 -1.44
N GLU A 21 -0.54 9.96 -0.60
CA GLU A 21 0.81 10.26 -0.15
C GLU A 21 1.81 9.23 -0.68
N THR A 22 1.53 8.71 -1.87
CA THR A 22 2.41 7.72 -2.49
C THR A 22 3.01 6.80 -1.44
N GLN A 23 2.26 6.54 -0.37
CA GLN A 23 2.74 5.67 0.70
C GLN A 23 1.57 4.90 1.33
N PHE A 24 1.87 3.71 1.83
CA PHE A 24 0.85 2.88 2.46
C PHE A 24 1.49 1.84 3.37
N THR A 25 0.67 1.22 4.23
CA THR A 25 1.16 0.20 5.15
C THR A 25 1.50 -1.09 4.42
N CYS A 26 2.49 -1.81 4.92
CA CYS A 26 2.91 -3.07 4.33
C CYS A 26 2.37 -4.25 5.12
N PRO A 27 1.51 -5.05 4.47
CA PRO A 27 0.89 -6.23 5.09
C PRO A 27 1.90 -7.35 5.32
N PHE A 28 3.02 -7.28 4.61
CA PHE A 28 4.07 -8.29 4.73
C PHE A 28 4.76 -8.20 6.08
N CYS A 29 5.26 -7.02 6.41
CA CYS A 29 5.95 -6.80 7.68
C CYS A 29 5.07 -6.01 8.64
N ASN A 30 4.39 -4.99 8.12
CA ASN A 30 3.52 -4.16 8.93
C ASN A 30 4.32 -3.13 9.71
N HIS A 31 4.81 -2.11 9.02
CA HIS A 31 5.60 -1.06 9.65
C HIS A 31 5.13 0.32 9.20
N GLU A 32 3.94 0.71 9.63
CA GLU A 32 3.38 2.00 9.26
C GLU A 32 3.62 2.30 7.79
N LYS A 33 3.42 3.56 7.40
CA LYS A 33 3.62 3.97 6.02
C LYS A 33 5.07 3.80 5.60
N SER A 34 5.42 2.60 5.15
CA SER A 34 6.79 2.31 4.72
C SER A 34 6.79 1.68 3.33
N CYS A 35 6.04 2.27 2.42
CA CYS A 35 5.96 1.77 1.05
C CYS A 35 6.00 2.91 0.05
N ASP A 36 6.70 2.70 -1.06
CA ASP A 36 6.81 3.72 -2.10
C ASP A 36 6.18 3.24 -3.41
N VAL A 37 5.22 4.01 -3.91
CA VAL A 37 4.54 3.66 -5.15
C VAL A 37 5.07 4.49 -6.31
N LYS A 38 5.57 3.80 -7.34
CA LYS A 38 6.12 4.45 -8.52
C LYS A 38 5.12 4.39 -9.67
N MET A 39 4.48 5.52 -9.96
CA MET A 39 3.51 5.59 -11.05
C MET A 39 4.21 5.85 -12.38
N ASP A 40 4.45 4.79 -13.14
CA ASP A 40 5.10 4.89 -14.43
C ASP A 40 4.08 4.92 -15.56
N ARG A 41 3.86 6.11 -16.12
CA ARG A 41 2.89 6.28 -17.20
C ARG A 41 3.47 5.75 -18.51
N ALA A 42 4.61 6.29 -18.92
CA ALA A 42 5.26 5.86 -20.15
C ALA A 42 5.03 4.38 -20.41
N ARG A 43 5.22 3.56 -19.38
CA ARG A 43 5.04 2.12 -19.49
C ARG A 43 3.66 1.71 -19.03
N ASN A 44 3.04 2.56 -18.21
CA ASN A 44 1.70 2.27 -17.69
C ASN A 44 1.73 1.10 -16.73
N THR A 45 2.69 1.09 -15.81
CA THR A 45 2.83 0.02 -14.83
C THR A 45 3.30 0.56 -13.49
N GLY A 46 2.47 0.40 -12.47
CA GLY A 46 2.83 0.87 -11.14
C GLY A 46 3.70 -0.11 -10.39
N VAL A 47 4.82 0.37 -9.88
CA VAL A 47 5.75 -0.47 -9.14
C VAL A 47 5.83 -0.05 -7.68
N ILE A 48 5.45 -0.95 -6.78
CA ILE A 48 5.48 -0.67 -5.35
C ILE A 48 6.63 -1.41 -4.67
N SER A 49 6.99 -0.95 -3.47
CA SER A 49 8.08 -1.57 -2.72
C SER A 49 7.98 -1.21 -1.24
N CYS A 50 8.72 -1.94 -0.41
CA CYS A 50 8.72 -1.69 1.03
C CYS A 50 10.08 -1.16 1.49
N THR A 51 10.11 -0.61 2.70
CA THR A 51 11.33 -0.07 3.26
C THR A 51 11.68 -0.72 4.59
N VAL A 52 11.08 -1.89 4.83
CA VAL A 52 11.33 -2.62 6.07
C VAL A 52 11.70 -4.08 5.79
N CYS A 53 10.92 -4.72 4.93
CA CYS A 53 11.16 -6.11 4.57
C CYS A 53 11.90 -6.21 3.24
N LEU A 54 11.96 -5.09 2.52
CA LEU A 54 12.62 -5.05 1.22
C LEU A 54 11.85 -5.85 0.18
N GLU A 55 10.59 -5.46 -0.04
CA GLU A 55 9.74 -6.14 -1.02
C GLU A 55 9.50 -5.26 -2.23
N GLU A 56 8.82 -5.81 -3.23
CA GLU A 56 8.52 -5.08 -4.45
C GLU A 56 7.51 -5.84 -5.31
N PHE A 57 6.54 -5.11 -5.85
CA PHE A 57 5.50 -5.71 -6.69
C PHE A 57 5.22 -4.84 -7.91
N GLN A 58 4.67 -5.46 -8.95
CA GLN A 58 4.34 -4.74 -10.17
C GLN A 58 2.86 -4.91 -10.53
N THR A 59 2.31 -3.90 -11.20
CA THR A 59 0.90 -3.94 -11.60
C THR A 59 0.62 -2.91 -12.70
N PRO A 60 -0.25 -3.29 -13.65
CA PRO A 60 -0.62 -2.42 -14.76
C PRO A 60 -1.49 -1.25 -14.31
N ILE A 61 -1.04 -0.04 -14.64
CA ILE A 61 -1.77 1.18 -14.26
C ILE A 61 -1.83 2.16 -15.42
N THR A 62 -2.52 3.27 -15.22
CA THR A 62 -2.66 4.30 -16.24
C THR A 62 -2.64 5.70 -15.64
N TYR A 63 -2.35 6.69 -16.47
CA TYR A 63 -2.30 8.08 -16.01
C TYR A 63 -3.41 8.36 -15.01
N LEU A 64 -4.57 7.75 -15.23
CA LEU A 64 -5.72 7.94 -14.36
C LEU A 64 -5.53 7.18 -13.05
N SER A 65 -4.93 6.00 -13.13
CA SER A 65 -4.70 5.17 -11.95
C SER A 65 -4.18 6.02 -10.80
N GLU A 66 -4.33 5.50 -9.58
CA GLU A 66 -3.88 6.20 -8.38
C GLU A 66 -2.90 5.36 -7.59
N PRO A 67 -2.09 6.03 -6.74
CA PRO A 67 -1.08 5.37 -5.92
C PRO A 67 -1.71 4.53 -4.82
N VAL A 68 -3.03 4.61 -4.69
CA VAL A 68 -3.75 3.85 -3.67
C VAL A 68 -4.28 2.55 -4.23
N ASP A 69 -4.55 2.52 -5.53
CA ASP A 69 -5.07 1.33 -6.20
C ASP A 69 -4.01 0.23 -6.22
N VAL A 70 -2.80 0.59 -6.63
CA VAL A 70 -1.70 -0.36 -6.70
C VAL A 70 -1.56 -1.13 -5.40
N TYR A 71 -1.75 -0.44 -4.28
CA TYR A 71 -1.64 -1.06 -2.97
C TYR A 71 -2.68 -2.17 -2.80
N SER A 72 -3.94 -1.84 -3.03
CA SER A 72 -5.02 -2.80 -2.91
C SER A 72 -4.73 -4.06 -3.72
N ASP A 73 -4.24 -3.87 -4.94
CA ASP A 73 -3.91 -4.98 -5.81
C ASP A 73 -2.85 -5.89 -5.18
N TRP A 74 -1.81 -5.28 -4.65
CA TRP A 74 -0.73 -6.02 -4.01
C TRP A 74 -1.28 -6.95 -2.94
N ILE A 75 -2.33 -6.52 -2.26
CA ILE A 75 -2.95 -7.32 -1.21
C ILE A 75 -3.50 -8.63 -1.77
N ASP A 76 -4.46 -8.51 -2.69
CA ASP A 76 -5.08 -9.67 -3.30
C ASP A 76 -4.04 -10.51 -4.05
N ALA A 77 -2.97 -9.84 -4.50
CA ALA A 77 -1.91 -10.53 -5.23
C ALA A 77 -1.19 -11.53 -4.33
N CYS A 78 -1.07 -11.20 -3.06
CA CYS A 78 -0.40 -12.08 -2.09
C CYS A 78 -1.37 -13.12 -1.54
N GLU A 79 -2.56 -12.67 -1.18
CA GLU A 79 -3.58 -13.56 -0.63
C GLU A 79 -3.51 -14.93 -1.29
N SER A 80 -3.38 -14.94 -2.61
CA SER A 80 -3.31 -16.17 -3.38
C SER A 80 -1.91 -16.78 -3.31
N GLY A 81 -1.83 -18.07 -3.02
CA GLY A 81 -0.55 -18.74 -2.93
C GLY A 81 0.45 -17.97 -2.10
N PRO A 82 0.16 -17.84 -0.79
CA PRO A 82 1.04 -17.12 0.14
C PRO A 82 2.35 -17.86 0.40
N SER A 83 3.25 -17.21 1.13
CA SER A 83 4.55 -17.81 1.44
C SER A 83 4.94 -17.52 2.89
N SER A 84 4.58 -18.41 3.80
CA SER A 84 4.89 -18.25 5.21
C SER A 84 6.40 -18.10 5.42
N GLY A 85 6.81 -16.90 5.81
CA GLY A 85 8.23 -16.65 6.04
C GLY A 85 8.48 -15.82 7.29
ZN ZN B . 7.22 -4.80 4.23
N GLY A 1 -10.51 -12.88 47.44
CA GLY A 1 -11.42 -13.64 46.59
C GLY A 1 -12.23 -12.74 45.68
N SER A 2 -11.97 -12.85 44.38
CA SER A 2 -12.69 -12.05 43.39
C SER A 2 -12.76 -12.77 42.05
N SER A 3 -13.63 -12.28 41.16
CA SER A 3 -13.80 -12.88 39.84
C SER A 3 -14.14 -11.81 38.80
N GLY A 4 -13.92 -12.15 37.54
CA GLY A 4 -14.21 -11.21 36.47
C GLY A 4 -13.80 -11.74 35.11
N SER A 5 -13.96 -10.91 34.08
CA SER A 5 -13.60 -11.30 32.72
C SER A 5 -13.93 -10.19 31.73
N SER A 6 -12.97 -9.30 31.51
CA SER A 6 -13.16 -8.18 30.59
C SER A 6 -11.85 -7.82 29.90
N GLY A 7 -11.83 -7.93 28.58
CA GLY A 7 -10.63 -7.61 27.82
C GLY A 7 -10.85 -7.70 26.32
N ARG A 8 -11.08 -6.54 25.69
CA ARG A 8 -11.30 -6.49 24.26
C ARG A 8 -11.40 -5.05 23.77
N LYS A 9 -10.55 -4.69 22.82
CA LYS A 9 -10.53 -3.34 22.27
C LYS A 9 -9.73 -3.29 20.97
N PRO A 10 -10.34 -3.78 19.87
CA PRO A 10 -9.70 -3.79 18.55
C PRO A 10 -9.53 -2.39 17.98
N PRO A 11 -8.53 -2.23 17.10
CA PRO A 11 -8.24 -0.95 16.45
C PRO A 11 -9.32 -0.56 15.44
N PRO A 12 -9.49 0.77 15.24
CA PRO A 12 -10.47 1.30 14.31
C PRO A 12 -10.10 1.02 12.85
N LYS A 13 -11.02 0.41 12.11
CA LYS A 13 -10.79 0.09 10.71
C LYS A 13 -11.72 0.91 9.81
N LYS A 14 -11.24 2.08 9.38
CA LYS A 14 -12.02 2.94 8.52
C LYS A 14 -11.50 2.89 7.08
N LYS A 15 -12.42 2.94 6.12
CA LYS A 15 -12.05 2.90 4.70
C LYS A 15 -12.23 4.28 4.06
N MET A 16 -11.88 5.32 4.80
CA MET A 16 -12.01 6.68 4.30
C MET A 16 -10.64 7.36 4.24
N THR A 17 -10.52 8.36 3.37
CA THR A 17 -9.26 9.09 3.22
C THR A 17 -9.47 10.37 2.41
N GLY A 18 -8.74 11.42 2.78
CA GLY A 18 -8.86 12.69 2.09
C GLY A 18 -7.64 13.01 1.26
N THR A 19 -6.50 13.19 1.94
CA THR A 19 -5.25 13.51 1.26
C THR A 19 -4.67 12.29 0.57
N LEU A 20 -3.96 12.52 -0.53
CA LEU A 20 -3.35 11.43 -1.30
C LEU A 20 -1.86 11.32 -0.99
N GLU A 21 -1.53 10.58 0.07
CA GLU A 21 -0.14 10.40 0.47
C GLU A 21 0.49 9.24 -0.29
N THR A 22 1.76 9.39 -0.66
CA THR A 22 2.48 8.36 -1.40
C THR A 22 3.05 7.31 -0.45
N GLN A 23 2.25 6.90 0.53
CA GLN A 23 2.68 5.90 1.50
C GLN A 23 1.54 4.95 1.84
N PHE A 24 1.89 3.72 2.19
CA PHE A 24 0.89 2.71 2.54
C PHE A 24 1.48 1.67 3.48
N THR A 25 0.61 0.86 4.07
CA THR A 25 1.04 -0.19 4.99
C THR A 25 1.46 -1.45 4.24
N CYS A 26 2.51 -2.10 4.73
CA CYS A 26 3.01 -3.31 4.09
C CYS A 26 2.46 -4.55 4.80
N PRO A 27 1.65 -5.33 4.06
CA PRO A 27 1.04 -6.56 4.58
C PRO A 27 2.06 -7.66 4.82
N PHE A 28 3.31 -7.41 4.42
CA PHE A 28 4.38 -8.39 4.59
C PHE A 28 5.02 -8.27 5.96
N CYS A 29 5.46 -7.06 6.31
CA CYS A 29 6.09 -6.81 7.60
C CYS A 29 5.15 -6.03 8.52
N ASN A 30 4.16 -5.37 7.93
CA ASN A 30 3.20 -4.59 8.69
C ASN A 30 3.89 -3.43 9.41
N HIS A 31 4.28 -2.42 8.64
CA HIS A 31 4.96 -1.25 9.20
C HIS A 31 4.29 0.04 8.73
N GLU A 32 3.67 0.76 9.66
CA GLU A 32 2.99 2.01 9.33
C GLU A 32 3.92 2.94 8.56
N LYS A 33 3.47 3.39 7.40
CA LYS A 33 4.26 4.29 6.57
C LYS A 33 5.62 3.66 6.22
N SER A 34 5.60 2.68 5.32
CA SER A 34 6.82 2.01 4.92
C SER A 34 6.66 1.39 3.53
N CYS A 35 6.04 2.14 2.62
CA CYS A 35 5.82 1.65 1.26
C CYS A 35 5.93 2.80 0.26
N ASP A 36 6.42 2.49 -0.94
CA ASP A 36 6.58 3.48 -1.98
C ASP A 36 6.01 2.99 -3.30
N VAL A 37 5.10 3.77 -3.89
CA VAL A 37 4.48 3.42 -5.15
C VAL A 37 5.10 4.18 -6.32
N LYS A 38 5.42 3.47 -7.39
CA LYS A 38 6.02 4.08 -8.57
C LYS A 38 5.06 4.02 -9.75
N MET A 39 4.36 5.13 -9.99
CA MET A 39 3.40 5.20 -11.10
C MET A 39 4.13 5.46 -12.41
N ASP A 40 4.15 4.46 -13.28
CA ASP A 40 4.81 4.58 -14.58
C ASP A 40 3.79 4.58 -15.71
N ARG A 41 3.59 5.75 -16.31
CA ARG A 41 2.63 5.88 -17.40
C ARG A 41 3.19 5.30 -18.70
N ALA A 42 4.35 5.83 -19.12
CA ALA A 42 5.00 5.36 -20.34
C ALA A 42 4.79 3.86 -20.53
N ARG A 43 5.00 3.09 -19.46
CA ARG A 43 4.85 1.65 -19.51
C ARG A 43 3.47 1.24 -19.00
N ASN A 44 2.86 2.09 -18.19
CA ASN A 44 1.55 1.81 -17.62
C ASN A 44 1.61 0.68 -16.60
N THR A 45 2.64 0.73 -15.75
CA THR A 45 2.81 -0.29 -14.72
C THR A 45 3.30 0.33 -13.42
N GLY A 46 2.51 0.20 -12.36
CA GLY A 46 2.89 0.75 -11.07
C GLY A 46 3.72 -0.20 -10.25
N VAL A 47 4.95 0.20 -9.95
CA VAL A 47 5.86 -0.64 -9.17
C VAL A 47 5.96 -0.13 -7.73
N ILE A 48 5.55 -0.97 -6.79
CA ILE A 48 5.60 -0.61 -5.37
C ILE A 48 6.75 -1.32 -4.67
N SER A 49 7.10 -0.82 -3.48
CA SER A 49 8.19 -1.40 -2.72
C SER A 49 8.04 -1.07 -1.23
N CYS A 50 8.82 -1.74 -0.40
CA CYS A 50 8.76 -1.53 1.05
C CYS A 50 10.06 -0.90 1.56
N THR A 51 10.02 -0.40 2.78
CA THR A 51 11.19 0.24 3.38
C THR A 51 11.51 -0.38 4.74
N VAL A 52 11.20 -1.66 4.90
CA VAL A 52 11.46 -2.35 6.15
C VAL A 52 11.86 -3.81 5.90
N CYS A 53 11.15 -4.45 4.98
CA CYS A 53 11.42 -5.85 4.64
C CYS A 53 12.14 -5.96 3.30
N LEU A 54 12.15 -4.85 2.55
CA LEU A 54 12.80 -4.82 1.24
C LEU A 54 12.04 -5.68 0.23
N GLU A 55 10.79 -5.32 -0.01
CA GLU A 55 9.96 -6.05 -0.96
C GLU A 55 9.53 -5.14 -2.12
N GLU A 56 9.03 -5.77 -3.19
CA GLU A 56 8.60 -5.02 -4.36
C GLU A 56 7.53 -5.79 -5.13
N PHE A 57 6.58 -5.06 -5.70
CA PHE A 57 5.49 -5.68 -6.45
C PHE A 57 5.18 -4.87 -7.71
N GLN A 58 4.63 -5.54 -8.72
CA GLN A 58 4.28 -4.89 -9.97
C GLN A 58 2.79 -5.02 -10.26
N THR A 59 2.23 -4.04 -10.97
CA THR A 59 0.81 -4.05 -11.31
C THR A 59 0.52 -3.08 -12.44
N PRO A 60 -0.39 -3.48 -13.35
CA PRO A 60 -0.78 -2.65 -14.49
C PRO A 60 -1.60 -1.43 -14.07
N ILE A 61 -1.12 -0.25 -14.46
CA ILE A 61 -1.82 1.00 -14.13
C ILE A 61 -1.84 1.94 -15.31
N THR A 62 -2.44 3.12 -15.12
CA THR A 62 -2.54 4.12 -16.17
C THR A 62 -2.52 5.53 -15.59
N TYR A 63 -2.23 6.50 -16.44
CA TYR A 63 -2.18 7.89 -16.02
C TYR A 63 -3.31 8.20 -15.03
N LEU A 64 -4.51 7.70 -15.33
CA LEU A 64 -5.66 7.92 -14.48
C LEU A 64 -5.48 7.22 -13.13
N SER A 65 -4.96 6.01 -13.16
CA SER A 65 -4.73 5.24 -11.94
C SER A 65 -4.11 6.11 -10.85
N GLU A 66 -4.37 5.76 -9.60
CA GLU A 66 -3.84 6.52 -8.46
C GLU A 66 -2.85 5.67 -7.66
N PRO A 67 -2.00 6.34 -6.87
CA PRO A 67 -1.00 5.68 -6.05
C PRO A 67 -1.62 4.90 -4.90
N VAL A 68 -2.93 5.04 -4.73
CA VAL A 68 -3.65 4.35 -3.65
C VAL A 68 -4.23 3.03 -4.15
N ASP A 69 -4.59 2.99 -5.43
CA ASP A 69 -5.16 1.79 -6.03
C ASP A 69 -4.12 0.68 -6.10
N VAL A 70 -2.92 1.02 -6.55
CA VAL A 70 -1.84 0.05 -6.65
C VAL A 70 -1.72 -0.79 -5.39
N TYR A 71 -1.77 -0.13 -4.24
CA TYR A 71 -1.67 -0.81 -2.96
C TYR A 71 -2.68 -1.95 -2.87
N SER A 72 -3.96 -1.62 -3.01
CA SER A 72 -5.02 -2.63 -2.93
C SER A 72 -4.66 -3.86 -3.76
N ASP A 73 -4.34 -3.64 -5.03
CA ASP A 73 -3.98 -4.73 -5.93
C ASP A 73 -2.88 -5.60 -5.31
N TRP A 74 -1.83 -4.95 -4.82
CA TRP A 74 -0.72 -5.66 -4.21
C TRP A 74 -1.22 -6.68 -3.18
N ILE A 75 -2.22 -6.29 -2.41
CA ILE A 75 -2.79 -7.17 -1.40
C ILE A 75 -3.32 -8.46 -2.02
N ASP A 76 -4.37 -8.33 -2.82
CA ASP A 76 -4.97 -9.50 -3.48
C ASP A 76 -3.93 -10.22 -4.34
N ALA A 77 -2.95 -9.47 -4.84
CA ALA A 77 -1.91 -10.04 -5.68
C ALA A 77 -1.11 -11.10 -4.91
N CYS A 78 -0.88 -10.85 -3.63
CA CYS A 78 -0.13 -11.78 -2.79
C CYS A 78 -1.04 -12.87 -2.24
N GLU A 79 -2.21 -12.46 -1.76
CA GLU A 79 -3.18 -13.41 -1.21
C GLU A 79 -3.48 -14.53 -2.20
N SER A 80 -3.70 -14.16 -3.45
CA SER A 80 -4.00 -15.13 -4.50
C SER A 80 -2.80 -15.33 -5.41
N GLY A 81 -2.86 -16.38 -6.24
CA GLY A 81 -1.77 -16.66 -7.16
C GLY A 81 -1.96 -15.99 -8.50
N PRO A 82 -1.36 -16.58 -9.55
CA PRO A 82 -1.44 -16.05 -10.91
C PRO A 82 -2.84 -16.20 -11.50
N SER A 83 -3.61 -15.11 -11.47
CA SER A 83 -4.98 -15.12 -12.00
C SER A 83 -5.65 -13.77 -11.78
N SER A 84 -5.38 -12.82 -12.68
CA SER A 84 -5.96 -11.50 -12.58
C SER A 84 -5.48 -10.61 -13.74
N GLY A 85 -6.07 -9.42 -13.85
CA GLY A 85 -5.70 -8.51 -14.90
C GLY A 85 -6.57 -7.26 -14.94
ZN ZN B . 7.42 -4.80 4.17
N GLY A 1 -10.18 -10.24 20.24
CA GLY A 1 -11.24 -10.39 21.21
C GLY A 1 -11.75 -9.05 21.72
N SER A 2 -13.02 -9.01 22.12
CA SER A 2 -13.64 -7.79 22.61
C SER A 2 -15.03 -8.07 23.17
N SER A 3 -15.41 -7.30 24.18
CA SER A 3 -16.72 -7.46 24.80
C SER A 3 -17.41 -6.11 24.98
N GLY A 4 -18.24 -5.75 24.00
CA GLY A 4 -18.96 -4.49 24.05
C GLY A 4 -19.87 -4.30 22.86
N SER A 5 -20.62 -3.20 22.86
CA SER A 5 -21.54 -2.89 21.78
C SER A 5 -21.96 -1.43 21.82
N SER A 6 -21.31 -0.60 21.00
CA SER A 6 -21.62 0.81 20.94
C SER A 6 -23.08 1.04 20.62
N GLY A 7 -23.62 2.16 21.10
CA GLY A 7 -25.02 2.47 20.86
C GLY A 7 -25.26 3.96 20.75
N ARG A 8 -24.81 4.71 21.75
CA ARG A 8 -25.00 6.16 21.78
C ARG A 8 -23.66 6.87 21.97
N LYS A 9 -22.62 6.35 21.31
CA LYS A 9 -21.28 6.94 21.40
C LYS A 9 -20.44 6.59 20.18
N PRO A 10 -20.59 7.40 19.12
CA PRO A 10 -19.85 7.19 17.87
C PRO A 10 -18.36 7.48 18.02
N PRO A 11 -17.53 6.59 17.47
CA PRO A 11 -16.07 6.74 17.53
C PRO A 11 -15.56 7.89 16.67
N PRO A 12 -14.30 8.28 16.88
CA PRO A 12 -13.67 9.37 16.12
C PRO A 12 -13.41 8.99 14.67
N LYS A 13 -14.11 9.67 13.76
CA LYS A 13 -13.96 9.41 12.34
C LYS A 13 -13.21 10.55 11.65
N LYS A 14 -12.54 10.24 10.55
CA LYS A 14 -11.78 11.24 9.80
C LYS A 14 -11.83 10.95 8.30
N LYS A 15 -12.02 11.99 7.51
CA LYS A 15 -12.08 11.85 6.06
C LYS A 15 -10.79 12.36 5.41
N MET A 16 -9.92 11.42 5.05
CA MET A 16 -8.65 11.76 4.41
C MET A 16 -8.82 11.89 2.90
N THR A 17 -8.51 13.06 2.36
CA THR A 17 -8.62 13.30 0.93
C THR A 17 -7.61 14.35 0.47
N GLY A 18 -7.37 15.34 1.32
CA GLY A 18 -6.42 16.39 0.97
C GLY A 18 -5.16 15.84 0.31
N THR A 19 -4.67 16.56 -0.69
CA THR A 19 -3.48 16.15 -1.41
C THR A 19 -3.50 14.65 -1.70
N LEU A 20 -2.36 14.12 -2.12
CA LEU A 20 -2.26 12.70 -2.43
C LEU A 20 -0.92 12.13 -1.94
N GLU A 21 -0.97 11.36 -0.86
CA GLU A 21 0.22 10.76 -0.28
C GLU A 21 0.62 9.52 -1.06
N THR A 22 1.93 9.25 -1.10
CA THR A 22 2.44 8.08 -1.81
C THR A 22 2.96 7.03 -0.83
N GLN A 23 2.29 6.89 0.30
CA GLN A 23 2.68 5.91 1.31
C GLN A 23 1.53 4.96 1.63
N PHE A 24 1.87 3.74 2.02
CA PHE A 24 0.87 2.74 2.36
C PHE A 24 1.46 1.65 3.26
N THR A 25 0.59 0.88 3.90
CA THR A 25 1.03 -0.19 4.79
C THR A 25 1.41 -1.44 4.00
N CYS A 26 2.38 -2.18 4.53
CA CYS A 26 2.85 -3.40 3.89
C CYS A 26 2.21 -4.64 4.51
N PRO A 27 1.59 -5.46 3.67
CA PRO A 27 0.93 -6.70 4.12
C PRO A 27 1.92 -7.75 4.59
N PHE A 28 3.16 -7.64 4.13
CA PHE A 28 4.21 -8.59 4.50
C PHE A 28 4.66 -8.35 5.95
N CYS A 29 5.34 -7.23 6.17
CA CYS A 29 5.83 -6.89 7.50
C CYS A 29 4.80 -6.05 8.26
N ASN A 30 4.28 -5.03 7.59
CA ASN A 30 3.30 -4.14 8.20
C ASN A 30 3.97 -3.11 9.09
N HIS A 31 4.43 -2.02 8.49
CA HIS A 31 5.10 -0.96 9.23
C HIS A 31 4.53 0.41 8.85
N GLU A 32 3.67 0.94 9.71
CA GLU A 32 3.05 2.24 9.47
C GLU A 32 3.99 3.14 8.67
N LYS A 33 3.57 3.49 7.46
CA LYS A 33 4.36 4.35 6.59
C LYS A 33 5.72 3.71 6.28
N SER A 34 5.76 2.88 5.25
CA SER A 34 6.99 2.20 4.86
C SER A 34 6.84 1.56 3.48
N CYS A 35 6.18 2.27 2.57
CA CYS A 35 5.97 1.77 1.22
C CYS A 35 5.99 2.91 0.21
N ASP A 36 6.62 2.68 -0.94
CA ASP A 36 6.71 3.68 -1.99
C ASP A 36 6.12 3.16 -3.29
N VAL A 37 5.17 3.90 -3.84
CA VAL A 37 4.53 3.52 -5.10
C VAL A 37 5.09 4.32 -6.27
N LYS A 38 5.66 3.62 -7.23
CA LYS A 38 6.24 4.26 -8.41
C LYS A 38 5.27 4.19 -9.59
N MET A 39 4.54 5.27 -9.82
CA MET A 39 3.58 5.32 -10.93
C MET A 39 4.28 5.63 -12.24
N ASP A 40 4.63 4.60 -12.98
CA ASP A 40 5.30 4.76 -14.26
C ASP A 40 4.29 4.89 -15.40
N ARG A 41 4.13 6.12 -15.91
CA ARG A 41 3.20 6.37 -16.99
C ARG A 41 3.75 5.85 -18.32
N ALA A 42 4.90 6.37 -18.71
CA ALA A 42 5.55 5.96 -19.96
C ALA A 42 5.39 4.46 -20.18
N ARG A 43 5.51 3.68 -19.12
CA ARG A 43 5.38 2.23 -19.20
C ARG A 43 3.99 1.79 -18.78
N ASN A 44 3.27 2.67 -18.08
CA ASN A 44 1.93 2.36 -17.62
C ASN A 44 1.93 1.15 -16.70
N THR A 45 2.89 1.13 -15.76
CA THR A 45 3.00 0.03 -14.81
C THR A 45 3.36 0.54 -13.42
N GLY A 46 2.47 0.33 -12.47
CA GLY A 46 2.71 0.78 -11.11
C GLY A 46 3.58 -0.19 -10.33
N VAL A 47 4.80 0.24 -10.02
CA VAL A 47 5.73 -0.60 -9.27
C VAL A 47 5.87 -0.11 -7.83
N ILE A 48 5.44 -0.93 -6.88
CA ILE A 48 5.53 -0.59 -5.47
C ILE A 48 6.66 -1.35 -4.79
N SER A 49 7.04 -0.88 -3.60
CA SER A 49 8.11 -1.51 -2.84
C SER A 49 7.99 -1.20 -1.36
N CYS A 50 8.69 -1.98 -0.53
CA CYS A 50 8.65 -1.78 0.91
C CYS A 50 9.97 -1.17 1.40
N THR A 51 9.96 -0.71 2.65
CA THR A 51 11.16 -0.11 3.24
C THR A 51 11.48 -0.74 4.59
N VAL A 52 11.11 -2.00 4.75
CA VAL A 52 11.35 -2.72 6.00
C VAL A 52 11.76 -4.16 5.73
N CYS A 53 11.02 -4.82 4.83
CA CYS A 53 11.30 -6.21 4.49
C CYS A 53 12.03 -6.30 3.15
N LEU A 54 12.02 -5.19 2.40
CA LEU A 54 12.68 -5.15 1.10
C LEU A 54 11.88 -5.94 0.06
N GLU A 55 10.63 -5.57 -0.14
CA GLU A 55 9.76 -6.24 -1.10
C GLU A 55 9.41 -5.31 -2.25
N GLU A 56 8.95 -5.89 -3.36
CA GLU A 56 8.57 -5.11 -4.53
C GLU A 56 7.56 -5.87 -5.39
N PHE A 57 6.63 -5.12 -5.98
CA PHE A 57 5.60 -5.72 -6.81
C PHE A 57 5.36 -4.88 -8.07
N GLN A 58 4.91 -5.53 -9.13
CA GLN A 58 4.64 -4.85 -10.39
C GLN A 58 3.20 -5.07 -10.83
N THR A 59 2.61 -4.05 -11.46
CA THR A 59 1.24 -4.12 -11.93
C THR A 59 0.94 -3.03 -12.94
N PRO A 60 0.14 -3.37 -13.97
CA PRO A 60 -0.23 -2.42 -15.02
C PRO A 60 -1.18 -1.34 -14.53
N ILE A 61 -0.86 -0.10 -14.86
CA ILE A 61 -1.69 1.04 -14.43
C ILE A 61 -1.79 2.08 -15.54
N THR A 62 -2.70 3.03 -15.37
CA THR A 62 -2.90 4.09 -16.36
C THR A 62 -3.10 5.44 -15.68
N TYR A 63 -2.73 6.51 -16.37
CA TYR A 63 -2.86 7.85 -15.84
C TYR A 63 -4.11 7.97 -14.96
N LEU A 64 -5.17 7.27 -15.36
CA LEU A 64 -6.43 7.29 -14.62
C LEU A 64 -6.24 6.68 -13.23
N SER A 65 -5.61 5.52 -13.18
CA SER A 65 -5.37 4.84 -11.91
C SER A 65 -4.80 5.80 -10.87
N GLU A 66 -4.63 5.31 -9.64
CA GLU A 66 -4.10 6.12 -8.57
C GLU A 66 -3.04 5.37 -7.77
N PRO A 67 -2.22 6.10 -7.02
CA PRO A 67 -1.14 5.52 -6.21
C PRO A 67 -1.69 4.74 -5.01
N VAL A 68 -3.00 4.79 -4.82
CA VAL A 68 -3.65 4.09 -3.73
C VAL A 68 -4.17 2.73 -4.18
N ASP A 69 -4.60 2.65 -5.43
CA ASP A 69 -5.13 1.40 -5.99
C ASP A 69 -4.06 0.33 -6.05
N VAL A 70 -2.89 0.71 -6.58
CA VAL A 70 -1.77 -0.22 -6.70
C VAL A 70 -1.57 -1.00 -5.40
N TYR A 71 -1.75 -0.33 -4.27
CA TYR A 71 -1.59 -0.95 -2.97
C TYR A 71 -2.63 -2.05 -2.77
N SER A 72 -3.91 -1.68 -2.84
CA SER A 72 -4.99 -2.64 -2.66
C SER A 72 -4.76 -3.90 -3.49
N ASP A 73 -4.37 -3.70 -4.74
CA ASP A 73 -4.12 -4.81 -5.65
C ASP A 73 -3.03 -5.73 -5.08
N TRP A 74 -1.92 -5.13 -4.68
CA TRP A 74 -0.80 -5.89 -4.12
C TRP A 74 -1.27 -6.78 -2.97
N ILE A 75 -2.23 -6.29 -2.19
CA ILE A 75 -2.76 -7.04 -1.07
C ILE A 75 -3.44 -8.32 -1.53
N ASP A 76 -4.53 -8.17 -2.29
CA ASP A 76 -5.27 -9.31 -2.80
C ASP A 76 -4.38 -10.17 -3.69
N ALA A 77 -3.28 -9.60 -4.17
CA ALA A 77 -2.35 -10.32 -5.03
C ALA A 77 -1.41 -11.19 -4.20
N CYS A 78 -1.18 -10.80 -2.95
CA CYS A 78 -0.28 -11.54 -2.07
C CYS A 78 -1.08 -12.53 -1.21
N GLU A 79 -2.10 -12.02 -0.53
CA GLU A 79 -2.93 -12.87 0.33
C GLU A 79 -3.51 -14.04 -0.46
N SER A 80 -3.62 -13.86 -1.77
CA SER A 80 -4.16 -14.91 -2.64
C SER A 80 -3.45 -16.23 -2.40
N GLY A 81 -4.22 -17.31 -2.28
CA GLY A 81 -3.64 -18.62 -2.06
C GLY A 81 -3.58 -18.98 -0.59
N PRO A 82 -2.67 -19.90 -0.24
CA PRO A 82 -2.49 -20.36 1.14
C PRO A 82 -1.88 -19.28 2.03
N SER A 83 -2.16 -19.36 3.32
CA SER A 83 -1.64 -18.39 4.28
C SER A 83 -1.27 -19.06 5.59
N SER A 84 -0.38 -18.43 6.35
CA SER A 84 0.06 -18.97 7.63
C SER A 84 -0.65 -18.27 8.78
N GLY A 85 -0.92 -19.02 9.85
CA GLY A 85 -1.59 -18.46 11.00
C GLY A 85 -2.85 -17.70 10.63
ZN ZN B . 7.22 -5.01 4.11
N GLY A 1 -2.51 -22.35 4.87
CA GLY A 1 -3.93 -22.06 4.97
C GLY A 1 -4.20 -20.65 5.46
N SER A 2 -4.68 -20.54 6.69
CA SER A 2 -4.99 -19.24 7.27
C SER A 2 -4.77 -19.26 8.78
N SER A 3 -3.77 -18.52 9.24
CA SER A 3 -3.45 -18.46 10.67
C SER A 3 -4.70 -18.19 11.49
N GLY A 4 -4.69 -18.64 12.74
CA GLY A 4 -5.83 -18.45 13.61
C GLY A 4 -6.40 -17.04 13.52
N SER A 5 -7.70 -16.92 13.74
CA SER A 5 -8.37 -15.62 13.67
C SER A 5 -9.26 -15.42 14.89
N SER A 6 -9.22 -14.22 15.45
CA SER A 6 -10.04 -13.89 16.62
C SER A 6 -11.33 -13.20 16.21
N GLY A 7 -12.35 -14.00 15.90
CA GLY A 7 -13.63 -13.45 15.50
C GLY A 7 -13.48 -12.29 14.53
N ARG A 8 -14.54 -11.51 14.39
CA ARG A 8 -14.52 -10.35 13.50
C ARG A 8 -15.78 -9.50 13.68
N LYS A 9 -15.58 -8.22 13.99
CA LYS A 9 -16.69 -7.30 14.19
C LYS A 9 -16.36 -5.92 13.63
N PRO A 10 -17.40 -5.20 13.17
CA PRO A 10 -17.25 -3.86 12.61
C PRO A 10 -16.87 -2.83 13.67
N PRO A 11 -15.64 -2.30 13.56
CA PRO A 11 -15.13 -1.29 14.49
C PRO A 11 -15.83 0.05 14.34
N PRO A 12 -16.00 0.77 15.46
CA PRO A 12 -16.66 2.09 15.47
C PRO A 12 -15.81 3.16 14.79
N LYS A 13 -14.64 2.76 14.30
CA LYS A 13 -13.75 3.69 13.62
C LYS A 13 -14.43 4.34 12.42
N LYS A 14 -13.87 5.45 11.97
CA LYS A 14 -14.42 6.17 10.82
C LYS A 14 -13.32 6.87 10.02
N LYS A 15 -13.23 6.55 8.74
CA LYS A 15 -12.21 7.15 7.88
C LYS A 15 -12.84 7.64 6.57
N MET A 16 -12.64 8.91 6.26
CA MET A 16 -13.18 9.50 5.05
C MET A 16 -12.54 8.87 3.81
N THR A 17 -13.38 8.49 2.84
CA THR A 17 -12.89 7.88 1.62
C THR A 17 -12.30 8.92 0.68
N GLY A 18 -10.97 8.88 0.53
CA GLY A 18 -10.30 9.82 -0.35
C GLY A 18 -9.04 10.38 0.28
N THR A 19 -7.99 9.57 0.31
CA THR A 19 -6.71 9.97 0.87
C THR A 19 -5.54 9.35 0.12
N LEU A 20 -4.57 10.18 -0.26
CA LEU A 20 -3.41 9.71 -0.99
C LEU A 20 -2.13 10.36 -0.46
N GLU A 21 -1.28 9.56 0.18
CA GLU A 21 -0.03 10.06 0.73
C GLU A 21 1.16 9.34 0.11
N THR A 22 1.03 8.98 -1.16
CA THR A 22 2.11 8.28 -1.87
C THR A 22 2.76 7.22 -0.99
N GLN A 23 2.00 6.72 -0.01
CA GLN A 23 2.52 5.71 0.90
C GLN A 23 1.38 4.84 1.44
N PHE A 24 1.73 3.64 1.88
CA PHE A 24 0.74 2.72 2.42
C PHE A 24 1.40 1.65 3.28
N THR A 25 0.61 0.96 4.09
CA THR A 25 1.12 -0.09 4.97
C THR A 25 1.53 -1.32 4.18
N CYS A 26 2.52 -2.04 4.68
CA CYS A 26 3.00 -3.24 4.02
C CYS A 26 2.42 -4.50 4.66
N PRO A 27 1.67 -5.28 3.87
CA PRO A 27 1.03 -6.52 4.33
C PRO A 27 2.05 -7.61 4.62
N PHE A 28 3.27 -7.41 4.15
CA PHE A 28 4.34 -8.40 4.35
C PHE A 28 4.91 -8.28 5.76
N CYS A 29 5.18 -7.06 6.20
CA CYS A 29 5.73 -6.81 7.52
C CYS A 29 4.77 -5.98 8.37
N ASN A 30 4.15 -4.98 7.74
CA ASN A 30 3.21 -4.12 8.44
C ASN A 30 3.94 -3.03 9.23
N HIS A 31 4.32 -1.96 8.54
CA HIS A 31 5.03 -0.86 9.18
C HIS A 31 4.60 0.47 8.59
N GLU A 32 3.65 1.14 9.26
CA GLU A 32 3.15 2.43 8.79
C GLU A 32 4.25 3.21 8.08
N LYS A 33 3.91 3.78 6.93
CA LYS A 33 4.86 4.55 6.14
C LYS A 33 6.16 3.78 5.92
N SER A 34 6.15 2.90 4.92
CA SER A 34 7.32 2.09 4.61
C SER A 34 7.34 1.71 3.13
N CYS A 35 6.15 1.51 2.56
CA CYS A 35 6.03 1.13 1.16
C CYS A 35 5.64 2.34 0.31
N ASP A 36 6.35 2.53 -0.80
CA ASP A 36 6.07 3.64 -1.69
C ASP A 36 5.63 3.15 -3.07
N VAL A 37 4.71 3.87 -3.69
CA VAL A 37 4.21 3.50 -5.02
C VAL A 37 4.85 4.36 -6.10
N LYS A 38 5.32 3.70 -7.15
CA LYS A 38 5.96 4.40 -8.26
C LYS A 38 5.06 4.38 -9.50
N MET A 39 4.39 5.50 -9.75
CA MET A 39 3.50 5.60 -10.91
C MET A 39 4.29 5.88 -12.18
N ASP A 40 4.48 4.84 -12.99
CA ASP A 40 5.22 4.97 -14.24
C ASP A 40 4.27 5.06 -15.43
N ARG A 41 4.15 6.25 -16.00
CA ARG A 41 3.27 6.47 -17.14
C ARG A 41 3.91 5.95 -18.43
N ALA A 42 5.11 6.44 -18.72
CA ALA A 42 5.83 6.02 -19.91
C ALA A 42 5.55 4.56 -20.25
N ARG A 43 5.51 3.72 -19.21
CA ARG A 43 5.24 2.30 -19.40
C ARG A 43 3.85 1.93 -18.90
N ASN A 44 3.26 2.82 -18.10
CA ASN A 44 1.93 2.59 -17.55
C ASN A 44 1.93 1.37 -16.63
N THR A 45 2.93 1.28 -15.77
CA THR A 45 3.05 0.17 -14.84
C THR A 45 3.47 0.65 -13.46
N GLY A 46 2.58 0.51 -12.48
CA GLY A 46 2.88 0.94 -11.13
C GLY A 46 3.74 -0.07 -10.38
N VAL A 47 4.89 0.36 -9.90
CA VAL A 47 5.80 -0.51 -9.17
C VAL A 47 5.88 -0.10 -7.70
N ILE A 48 5.54 -1.02 -6.81
CA ILE A 48 5.58 -0.76 -5.39
C ILE A 48 6.72 -1.53 -4.71
N SER A 49 7.14 -1.06 -3.55
CA SER A 49 8.22 -1.71 -2.81
C SER A 49 8.15 -1.35 -1.33
N CYS A 50 8.84 -2.14 -0.50
CA CYS A 50 8.85 -1.92 0.93
C CYS A 50 10.24 -1.46 1.41
N THR A 51 10.30 -0.89 2.60
CA THR A 51 11.55 -0.42 3.16
C THR A 51 11.78 -0.98 4.56
N VAL A 52 11.29 -2.19 4.80
CA VAL A 52 11.44 -2.84 6.09
C VAL A 52 11.70 -4.33 5.93
N CYS A 53 11.05 -4.94 4.95
CA CYS A 53 11.20 -6.37 4.69
C CYS A 53 11.90 -6.60 3.35
N LEU A 54 12.02 -5.54 2.55
CA LEU A 54 12.67 -5.63 1.26
C LEU A 54 11.80 -6.39 0.26
N GLU A 55 10.60 -5.88 0.02
CA GLU A 55 9.66 -6.50 -0.91
C GLU A 55 9.37 -5.58 -2.09
N GLU A 56 8.87 -6.16 -3.17
CA GLU A 56 8.54 -5.38 -4.37
C GLU A 56 7.42 -6.05 -5.15
N PHE A 57 6.69 -5.25 -5.93
CA PHE A 57 5.58 -5.76 -6.72
C PHE A 57 5.27 -4.83 -7.90
N GLN A 58 4.91 -5.42 -9.03
CA GLN A 58 4.60 -4.64 -10.22
C GLN A 58 3.17 -4.88 -10.67
N THR A 59 2.58 -3.88 -11.32
CA THR A 59 1.20 -3.98 -11.79
C THR A 59 0.91 -2.92 -12.85
N PRO A 60 0.13 -3.29 -13.87
CA PRO A 60 -0.25 -2.40 -14.95
C PRO A 60 -1.21 -1.30 -14.50
N ILE A 61 -0.90 -0.06 -14.84
CA ILE A 61 -1.75 1.07 -14.46
C ILE A 61 -2.01 1.98 -15.65
N THR A 62 -2.80 3.02 -15.43
CA THR A 62 -3.13 3.97 -16.49
C THR A 62 -3.18 5.40 -15.95
N TYR A 63 -3.01 6.37 -16.85
CA TYR A 63 -3.03 7.77 -16.47
C TYR A 63 -4.10 8.03 -15.41
N LEU A 64 -5.21 7.32 -15.52
CA LEU A 64 -6.32 7.47 -14.57
C LEU A 64 -6.00 6.79 -13.25
N SER A 65 -5.35 5.63 -13.33
CA SER A 65 -4.99 4.87 -12.14
C SER A 65 -4.51 5.80 -11.03
N GLU A 66 -4.66 5.35 -9.79
CA GLU A 66 -4.25 6.14 -8.63
C GLU A 66 -3.21 5.39 -7.79
N PRO A 67 -2.44 6.14 -6.99
CA PRO A 67 -1.40 5.57 -6.13
C PRO A 67 -1.98 4.76 -4.97
N VAL A 68 -3.31 4.79 -4.84
CA VAL A 68 -3.99 4.06 -3.79
C VAL A 68 -4.43 2.68 -4.26
N ASP A 69 -4.76 2.58 -5.54
CA ASP A 69 -5.19 1.31 -6.12
C ASP A 69 -4.06 0.29 -6.09
N VAL A 70 -2.88 0.70 -6.54
CA VAL A 70 -1.72 -0.19 -6.57
C VAL A 70 -1.57 -0.92 -5.24
N TYR A 71 -1.83 -0.22 -4.15
CA TYR A 71 -1.72 -0.80 -2.81
C TYR A 71 -2.74 -1.92 -2.62
N SER A 72 -4.01 -1.58 -2.79
CA SER A 72 -5.08 -2.56 -2.63
C SER A 72 -4.80 -3.82 -3.45
N ASP A 73 -4.38 -3.63 -4.69
CA ASP A 73 -4.06 -4.75 -5.57
C ASP A 73 -2.96 -5.62 -4.98
N TRP A 74 -1.92 -4.98 -4.47
CA TRP A 74 -0.79 -5.70 -3.87
C TRP A 74 -1.27 -6.64 -2.77
N ILE A 75 -2.21 -6.17 -1.96
CA ILE A 75 -2.76 -6.99 -0.89
C ILE A 75 -3.31 -8.30 -1.41
N ASP A 76 -4.30 -8.23 -2.28
CA ASP A 76 -4.91 -9.41 -2.86
C ASP A 76 -3.88 -10.23 -3.64
N ALA A 77 -2.84 -9.55 -4.11
CA ALA A 77 -1.79 -10.20 -4.88
C ALA A 77 -1.02 -11.21 -4.02
N CYS A 78 -0.88 -10.90 -2.74
CA CYS A 78 -0.17 -11.77 -1.81
C CYS A 78 -1.12 -12.78 -1.18
N GLU A 79 -2.28 -12.30 -0.75
CA GLU A 79 -3.28 -13.15 -0.13
C GLU A 79 -3.67 -14.30 -1.06
N SER A 80 -3.97 -13.95 -2.31
CA SER A 80 -4.35 -14.95 -3.31
C SER A 80 -4.03 -14.46 -4.72
N GLY A 81 -2.85 -14.82 -5.20
CA GLY A 81 -2.44 -14.41 -6.53
C GLY A 81 -2.76 -15.46 -7.58
N PRO A 82 -3.11 -15.00 -8.79
CA PRO A 82 -3.45 -15.88 -9.90
C PRO A 82 -2.25 -16.64 -10.43
N SER A 83 -1.07 -16.03 -10.34
CA SER A 83 0.16 -16.65 -10.81
C SER A 83 1.32 -15.65 -10.76
N SER A 84 2.47 -16.12 -10.27
CA SER A 84 3.65 -15.26 -10.17
C SER A 84 3.36 -14.04 -9.32
N GLY A 85 4.40 -13.23 -9.08
CA GLY A 85 4.23 -12.03 -8.28
C GLY A 85 3.94 -10.81 -9.12
ZN ZN B . 7.30 -4.97 4.15
N GLY A 1 10.41 -26.08 5.81
CA GLY A 1 10.06 -25.23 4.68
C GLY A 1 9.35 -23.96 5.11
N SER A 2 10.00 -22.82 4.91
CA SER A 2 9.43 -21.54 5.28
C SER A 2 8.77 -21.61 6.66
N SER A 3 9.44 -22.28 7.59
CA SER A 3 8.93 -22.44 8.95
C SER A 3 8.49 -21.09 9.52
N GLY A 4 7.19 -20.94 9.73
CA GLY A 4 6.66 -19.71 10.28
C GLY A 4 5.14 -19.68 10.29
N SER A 5 4.57 -19.10 11.34
CA SER A 5 3.12 -19.02 11.48
C SER A 5 2.61 -17.66 11.00
N SER A 6 1.55 -17.68 10.20
CA SER A 6 0.97 -16.46 9.67
C SER A 6 -0.15 -15.95 10.58
N GLY A 7 0.04 -14.75 11.14
CA GLY A 7 -0.95 -14.19 12.02
C GLY A 7 -1.85 -13.18 11.32
N ARG A 8 -3.13 -13.16 11.69
CA ARG A 8 -4.08 -12.24 11.09
C ARG A 8 -4.27 -11.00 11.94
N LYS A 9 -3.93 -9.84 11.39
CA LYS A 9 -4.06 -8.58 12.11
C LYS A 9 -5.07 -7.66 11.42
N PRO A 10 -5.75 -6.81 12.21
CA PRO A 10 -6.74 -5.88 11.70
C PRO A 10 -6.10 -4.75 10.88
N PRO A 11 -6.94 -3.98 10.18
CA PRO A 11 -6.48 -2.86 9.33
C PRO A 11 -5.97 -1.69 10.17
N PRO A 12 -4.72 -1.28 9.90
CA PRO A 12 -4.09 -0.17 10.61
C PRO A 12 -4.72 1.18 10.27
N LYS A 13 -5.64 1.17 9.31
CA LYS A 13 -6.31 2.39 8.88
C LYS A 13 -7.65 2.54 9.60
N LYS A 14 -8.06 3.79 9.83
CA LYS A 14 -9.32 4.07 10.50
C LYS A 14 -9.68 5.55 10.39
N LYS A 15 -8.75 6.41 10.79
CA LYS A 15 -8.96 7.85 10.73
C LYS A 15 -9.12 8.32 9.29
N MET A 16 -10.27 8.91 8.99
CA MET A 16 -10.56 9.41 7.65
C MET A 16 -10.47 10.93 7.60
N THR A 17 -9.58 11.44 6.75
CA THR A 17 -9.39 12.88 6.61
C THR A 17 -9.65 13.33 5.18
N GLY A 18 -9.26 12.49 4.22
CA GLY A 18 -9.45 12.83 2.82
C GLY A 18 -8.21 13.42 2.19
N THR A 19 -7.33 12.56 1.68
CA THR A 19 -6.10 13.00 1.05
C THR A 19 -5.37 11.84 0.40
N LEU A 20 -4.66 12.12 -0.69
CA LEU A 20 -3.91 11.10 -1.41
C LEU A 20 -2.47 11.05 -0.92
N GLU A 21 -2.23 10.28 0.14
CA GLU A 21 -0.89 10.15 0.69
C GLU A 21 -0.05 9.20 -0.15
N THR A 22 1.19 9.61 -0.42
CA THR A 22 2.10 8.81 -1.23
C THR A 22 2.76 7.71 -0.37
N GLN A 23 1.97 7.08 0.48
CA GLN A 23 2.47 6.02 1.34
C GLN A 23 1.37 5.02 1.68
N PHE A 24 1.76 3.83 2.11
CA PHE A 24 0.81 2.78 2.45
C PHE A 24 1.45 1.74 3.36
N THR A 25 0.62 1.02 4.12
CA THR A 25 1.10 0.00 5.03
C THR A 25 1.49 -1.27 4.28
N CYS A 26 2.51 -1.96 4.77
CA CYS A 26 2.97 -3.19 4.15
C CYS A 26 2.40 -4.42 4.86
N PRO A 27 1.66 -5.24 4.11
CA PRO A 27 1.05 -6.46 4.64
C PRO A 27 2.08 -7.53 4.99
N PHE A 28 3.25 -7.45 4.36
CA PHE A 28 4.32 -8.41 4.61
C PHE A 28 4.90 -8.22 6.01
N CYS A 29 5.45 -7.05 6.27
CA CYS A 29 6.03 -6.75 7.57
C CYS A 29 5.14 -5.82 8.38
N ASN A 30 4.56 -4.83 7.71
CA ASN A 30 3.67 -3.88 8.36
C ASN A 30 4.45 -2.98 9.32
N HIS A 31 4.92 -1.85 8.80
CA HIS A 31 5.68 -0.89 9.61
C HIS A 31 4.96 0.45 9.69
N GLU A 32 3.63 0.39 9.74
CA GLU A 32 2.82 1.61 9.82
C GLU A 32 2.69 2.27 8.45
N LYS A 33 3.76 2.89 7.99
CA LYS A 33 3.77 3.55 6.69
C LYS A 33 5.14 3.47 6.04
N SER A 34 5.46 2.29 5.49
CA SER A 34 6.74 2.08 4.83
C SER A 34 6.55 1.42 3.47
N CYS A 35 6.11 2.21 2.50
CA CYS A 35 5.88 1.71 1.15
C CYS A 35 5.99 2.84 0.12
N ASP A 36 6.70 2.56 -0.97
CA ASP A 36 6.87 3.55 -2.03
C ASP A 36 6.19 3.10 -3.32
N VAL A 37 5.36 3.96 -3.89
CA VAL A 37 4.66 3.65 -5.12
C VAL A 37 5.27 4.37 -6.31
N LYS A 38 5.69 3.60 -7.32
CA LYS A 38 6.29 4.17 -8.51
C LYS A 38 5.33 4.13 -9.69
N MET A 39 4.67 5.25 -9.96
CA MET A 39 3.73 5.34 -11.07
C MET A 39 4.46 5.53 -12.40
N ASP A 40 4.68 4.42 -13.10
CA ASP A 40 5.37 4.46 -14.39
C ASP A 40 4.37 4.63 -15.53
N ARG A 41 4.36 5.82 -16.12
CA ARG A 41 3.45 6.12 -17.21
C ARG A 41 3.98 5.54 -18.53
N ALA A 42 5.20 5.93 -18.90
CA ALA A 42 5.81 5.44 -20.13
C ALA A 42 5.46 3.98 -20.38
N ARG A 43 5.50 3.18 -19.31
CA ARG A 43 5.20 1.76 -19.42
C ARG A 43 3.78 1.47 -18.94
N ASN A 44 3.22 2.40 -18.18
CA ASN A 44 1.87 2.25 -17.66
C ASN A 44 1.79 1.08 -16.68
N THR A 45 2.77 0.98 -15.81
CA THR A 45 2.81 -0.10 -14.82
C THR A 45 3.27 0.42 -13.46
N GLY A 46 2.39 0.33 -12.47
CA GLY A 46 2.71 0.79 -11.14
C GLY A 46 3.51 -0.23 -10.35
N VAL A 47 4.66 0.19 -9.83
CA VAL A 47 5.51 -0.70 -9.05
C VAL A 47 5.66 -0.21 -7.62
N ILE A 48 5.27 -1.05 -6.67
CA ILE A 48 5.36 -0.69 -5.25
C ILE A 48 6.54 -1.40 -4.58
N SER A 49 6.94 -0.88 -3.42
CA SER A 49 8.06 -1.48 -2.68
C SER A 49 7.97 -1.11 -1.21
N CYS A 50 8.75 -1.81 -0.39
CA CYS A 50 8.77 -1.57 1.05
C CYS A 50 10.12 -1.02 1.50
N THR A 51 10.17 -0.52 2.73
CA THR A 51 11.39 0.05 3.28
C THR A 51 11.76 -0.62 4.60
N VAL A 52 11.41 -1.89 4.74
CA VAL A 52 11.70 -2.64 5.96
C VAL A 52 12.02 -4.09 5.65
N CYS A 53 11.21 -4.71 4.79
CA CYS A 53 11.41 -6.10 4.41
C CYS A 53 12.16 -6.20 3.09
N LEU A 54 12.18 -5.10 2.34
CA LEU A 54 12.86 -5.06 1.05
C LEU A 54 12.12 -5.89 0.01
N GLU A 55 10.86 -5.53 -0.24
CA GLU A 55 10.04 -6.25 -1.22
C GLU A 55 9.75 -5.37 -2.43
N GLU A 56 8.95 -5.90 -3.35
CA GLU A 56 8.60 -5.17 -4.56
C GLU A 56 7.51 -5.90 -5.34
N PHE A 57 6.59 -5.14 -5.93
CA PHE A 57 5.50 -5.71 -6.70
C PHE A 57 5.23 -4.88 -7.96
N GLN A 58 4.57 -5.50 -8.93
CA GLN A 58 4.25 -4.83 -10.18
C GLN A 58 2.77 -4.95 -10.51
N THR A 59 2.23 -3.94 -11.18
CA THR A 59 0.82 -3.92 -11.55
C THR A 59 0.54 -2.90 -12.64
N PRO A 60 -0.35 -3.26 -13.58
CA PRO A 60 -0.72 -2.38 -14.70
C PRO A 60 -1.53 -1.18 -14.25
N ILE A 61 -1.12 0.01 -14.68
CA ILE A 61 -1.81 1.23 -14.31
C ILE A 61 -1.93 2.17 -15.51
N THR A 62 -2.81 3.16 -15.39
CA THR A 62 -3.03 4.12 -16.46
C THR A 62 -3.07 5.55 -15.93
N TYR A 63 -2.91 6.52 -16.82
CA TYR A 63 -2.92 7.93 -16.43
C TYR A 63 -4.01 8.19 -15.40
N LEU A 64 -5.11 7.46 -15.49
CA LEU A 64 -6.22 7.60 -14.56
C LEU A 64 -5.92 6.91 -13.24
N SER A 65 -5.27 5.75 -13.31
CA SER A 65 -4.93 4.99 -12.12
C SER A 65 -4.43 5.92 -11.01
N GLU A 66 -4.56 5.45 -9.77
CA GLU A 66 -4.12 6.25 -8.62
C GLU A 66 -3.10 5.48 -7.79
N PRO A 67 -2.28 6.22 -7.03
CA PRO A 67 -1.24 5.62 -6.18
C PRO A 67 -1.82 4.87 -4.99
N VAL A 68 -3.14 4.91 -4.86
CA VAL A 68 -3.83 4.22 -3.77
C VAL A 68 -4.32 2.85 -4.21
N ASP A 69 -4.62 2.71 -5.49
CA ASP A 69 -5.10 1.45 -6.03
C ASP A 69 -4.00 0.40 -6.03
N VAL A 70 -2.82 0.77 -6.54
CA VAL A 70 -1.69 -0.13 -6.59
C VAL A 70 -1.53 -0.90 -5.28
N TYR A 71 -1.80 -0.21 -4.17
CA TYR A 71 -1.69 -0.83 -2.85
C TYR A 71 -2.68 -1.97 -2.70
N SER A 72 -3.96 -1.68 -2.93
CA SER A 72 -5.01 -2.69 -2.81
C SER A 72 -4.67 -3.93 -3.65
N ASP A 73 -4.39 -3.71 -4.93
CA ASP A 73 -4.05 -4.80 -5.83
C ASP A 73 -2.94 -5.66 -5.25
N TRP A 74 -1.92 -5.01 -4.69
CA TRP A 74 -0.80 -5.71 -4.10
C TRP A 74 -1.26 -6.68 -3.02
N ILE A 75 -2.19 -6.22 -2.18
CA ILE A 75 -2.72 -7.05 -1.11
C ILE A 75 -3.33 -8.34 -1.65
N ASP A 76 -4.38 -8.20 -2.43
CA ASP A 76 -5.06 -9.35 -3.02
C ASP A 76 -4.10 -10.14 -3.91
N ALA A 77 -3.10 -9.45 -4.45
CA ALA A 77 -2.12 -10.09 -5.32
C ALA A 77 -1.35 -11.18 -4.59
N CYS A 78 -1.09 -10.94 -3.31
CA CYS A 78 -0.35 -11.91 -2.49
C CYS A 78 -1.30 -12.97 -1.94
N GLU A 79 -2.47 -12.54 -1.48
CA GLU A 79 -3.45 -13.46 -0.92
C GLU A 79 -3.47 -14.78 -1.70
N SER A 80 -3.54 -14.67 -3.02
CA SER A 80 -3.56 -15.85 -3.88
C SER A 80 -2.45 -16.82 -3.50
N GLY A 81 -1.23 -16.31 -3.35
CA GLY A 81 -0.11 -17.15 -2.99
C GLY A 81 0.88 -16.44 -2.09
N PRO A 82 0.94 -16.83 -0.81
CA PRO A 82 1.84 -16.23 0.17
C PRO A 82 3.31 -16.58 -0.10
N SER A 83 3.54 -17.32 -1.18
CA SER A 83 4.89 -17.73 -1.56
C SER A 83 5.83 -16.53 -1.58
N SER A 84 5.38 -15.45 -2.20
CA SER A 84 6.18 -14.23 -2.30
C SER A 84 6.93 -13.97 -1.01
N GLY A 85 8.10 -13.34 -1.12
CA GLY A 85 8.90 -13.05 0.05
C GLY A 85 10.39 -13.20 -0.20
ZN ZN B . 7.36 -4.76 4.20
N GLY A 1 18.82 -10.91 37.59
CA GLY A 1 18.30 -9.60 37.23
C GLY A 1 17.61 -9.61 35.89
N SER A 2 16.68 -8.68 35.71
CA SER A 2 15.94 -8.56 34.45
C SER A 2 15.28 -7.20 34.32
N SER A 3 14.80 -6.89 33.12
CA SER A 3 14.14 -5.61 32.86
C SER A 3 12.65 -5.80 32.63
N GLY A 4 11.85 -5.14 33.46
CA GLY A 4 10.41 -5.24 33.34
C GLY A 4 9.80 -4.04 32.65
N SER A 5 10.34 -2.86 32.93
CA SER A 5 9.83 -1.63 32.34
C SER A 5 8.36 -1.42 32.67
N SER A 6 7.88 -0.21 32.44
CA SER A 6 6.48 0.12 32.72
C SER A 6 6.16 1.55 32.30
N GLY A 7 5.54 1.68 31.12
CA GLY A 7 5.19 2.99 30.61
C GLY A 7 3.88 2.99 29.83
N ARG A 8 3.75 2.04 28.92
CA ARG A 8 2.54 1.92 28.11
C ARG A 8 2.24 3.24 27.39
N LYS A 9 3.29 3.92 26.94
CA LYS A 9 3.14 5.19 26.25
C LYS A 9 2.11 5.07 25.13
N PRO A 10 1.23 6.08 25.03
CA PRO A 10 0.19 6.12 24.01
C PRO A 10 0.75 6.34 22.60
N PRO A 11 -0.02 5.94 21.58
CA PRO A 11 0.38 6.08 20.18
C PRO A 11 0.38 7.53 19.72
N PRO A 12 0.93 7.79 18.53
CA PRO A 12 1.00 9.14 17.95
C PRO A 12 -0.38 9.66 17.55
N LYS A 13 -0.43 10.95 17.25
CA LYS A 13 -1.69 11.58 16.83
C LYS A 13 -1.45 12.58 15.71
N LYS A 14 -1.75 12.18 14.49
CA LYS A 14 -1.56 13.04 13.33
C LYS A 14 -2.02 12.35 12.05
N LYS A 15 -2.82 13.05 11.25
CA LYS A 15 -3.32 12.51 10.00
C LYS A 15 -3.46 13.60 8.94
N MET A 16 -3.54 13.19 7.68
CA MET A 16 -3.68 14.13 6.58
C MET A 16 -4.87 13.77 5.70
N THR A 17 -4.94 12.52 5.28
CA THR A 17 -6.03 12.06 4.43
C THR A 17 -6.63 13.20 3.62
N GLY A 18 -5.76 14.00 3.00
CA GLY A 18 -6.22 15.11 2.20
C GLY A 18 -5.65 15.09 0.79
N THR A 19 -4.36 15.39 0.68
CA THR A 19 -3.69 15.40 -0.63
C THR A 19 -3.42 13.99 -1.12
N LEU A 20 -3.17 13.86 -2.42
CA LEU A 20 -2.89 12.56 -3.01
C LEU A 20 -1.66 11.92 -2.37
N GLU A 21 -1.88 11.21 -1.27
CA GLU A 21 -0.79 10.56 -0.56
C GLU A 21 -0.48 9.20 -1.18
N THR A 22 0.79 8.96 -1.48
CA THR A 22 1.22 7.70 -2.08
C THR A 22 1.97 6.84 -1.07
N GLN A 23 1.47 6.81 0.16
CA GLN A 23 2.09 6.02 1.22
C GLN A 23 1.08 5.05 1.83
N PHE A 24 1.54 3.83 2.09
CA PHE A 24 0.68 2.79 2.67
C PHE A 24 1.50 1.80 3.49
N THR A 25 0.84 1.12 4.41
CA THR A 25 1.50 0.14 5.26
C THR A 25 1.80 -1.15 4.49
N CYS A 26 2.87 -1.83 4.87
CA CYS A 26 3.26 -3.07 4.22
C CYS A 26 2.57 -4.27 4.87
N PRO A 27 1.83 -5.03 4.06
CA PRO A 27 1.10 -6.22 4.54
C PRO A 27 2.04 -7.36 4.91
N PHE A 28 3.29 -7.27 4.47
CA PHE A 28 4.29 -8.28 4.76
C PHE A 28 4.86 -8.10 6.16
N CYS A 29 5.55 -6.99 6.37
CA CYS A 29 6.16 -6.69 7.67
C CYS A 29 5.24 -5.82 8.50
N ASN A 30 4.55 -4.88 7.85
CA ASN A 30 3.64 -3.97 8.52
C ASN A 30 4.39 -3.07 9.49
N HIS A 31 4.95 -1.98 8.95
CA HIS A 31 5.70 -1.02 9.77
C HIS A 31 5.06 0.36 9.70
N GLU A 32 3.74 0.41 9.88
CA GLU A 32 3.02 1.67 9.84
C GLU A 32 3.66 2.64 8.86
N LYS A 33 3.20 2.60 7.61
CA LYS A 33 3.72 3.48 6.57
C LYS A 33 5.16 3.09 6.21
N SER A 34 5.31 2.27 5.18
CA SER A 34 6.63 1.82 4.74
C SER A 34 6.56 1.21 3.35
N CYS A 35 5.83 1.87 2.46
CA CYS A 35 5.68 1.39 1.08
C CYS A 35 5.67 2.55 0.10
N ASP A 36 6.43 2.40 -0.99
CA ASP A 36 6.50 3.45 -2.00
C ASP A 36 5.92 2.96 -3.33
N VAL A 37 4.98 3.73 -3.87
CA VAL A 37 4.34 3.37 -5.13
C VAL A 37 4.91 4.19 -6.29
N LYS A 38 5.47 3.49 -7.27
CA LYS A 38 6.05 4.15 -8.44
C LYS A 38 5.10 4.08 -9.64
N MET A 39 4.49 5.22 -9.97
CA MET A 39 3.57 5.30 -11.09
C MET A 39 4.31 5.57 -12.39
N ASP A 40 4.48 4.53 -13.20
CA ASP A 40 5.18 4.67 -14.47
C ASP A 40 4.19 4.72 -15.63
N ARG A 41 4.02 5.90 -16.20
CA ARG A 41 3.09 6.09 -17.32
C ARG A 41 3.69 5.54 -18.61
N ALA A 42 4.90 5.98 -18.94
CA ALA A 42 5.57 5.53 -20.15
C ALA A 42 5.31 4.06 -20.41
N ARG A 43 5.38 3.25 -19.36
CA ARG A 43 5.15 1.81 -19.46
C ARG A 43 3.75 1.45 -18.98
N ASN A 44 3.12 2.36 -18.24
CA ASN A 44 1.79 2.13 -17.72
C ASN A 44 1.77 0.97 -16.74
N THR A 45 2.74 0.96 -15.83
CA THR A 45 2.85 -0.10 -14.83
C THR A 45 3.30 0.45 -13.48
N GLY A 46 2.46 0.30 -12.47
CA GLY A 46 2.79 0.79 -11.14
C GLY A 46 3.57 -0.23 -10.34
N VAL A 47 4.79 0.14 -9.95
CA VAL A 47 5.64 -0.76 -9.17
C VAL A 47 5.77 -0.27 -7.73
N ILE A 48 5.39 -1.12 -6.78
CA ILE A 48 5.47 -0.78 -5.38
C ILE A 48 6.62 -1.50 -4.69
N SER A 49 7.01 -1.01 -3.52
CA SER A 49 8.10 -1.61 -2.76
C SER A 49 8.01 -1.22 -1.29
N CYS A 50 8.81 -1.90 -0.46
CA CYS A 50 8.81 -1.64 0.97
C CYS A 50 10.15 -1.02 1.40
N THR A 51 10.18 -0.47 2.61
CA THR A 51 11.38 0.16 3.13
C THR A 51 11.76 -0.43 4.48
N VAL A 52 11.42 -1.70 4.69
CA VAL A 52 11.73 -2.39 5.95
C VAL A 52 12.10 -3.84 5.70
N CYS A 53 11.37 -4.48 4.79
CA CYS A 53 11.62 -5.88 4.46
C CYS A 53 12.25 -6.01 3.07
N LEU A 54 12.25 -4.91 2.33
CA LEU A 54 12.83 -4.90 0.99
C LEU A 54 11.97 -5.72 0.02
N GLU A 55 10.71 -5.31 -0.13
CA GLU A 55 9.78 -6.00 -1.02
C GLU A 55 9.55 -5.18 -2.29
N GLU A 56 8.93 -5.82 -3.29
CA GLU A 56 8.65 -5.15 -4.55
C GLU A 56 7.56 -5.90 -5.32
N PHE A 57 6.71 -5.15 -6.01
CA PHE A 57 5.63 -5.73 -6.79
C PHE A 57 5.36 -4.92 -8.05
N GLN A 58 4.68 -5.54 -9.01
CA GLN A 58 4.36 -4.88 -10.27
C GLN A 58 2.88 -5.01 -10.61
N THR A 59 2.32 -4.01 -11.27
CA THR A 59 0.91 -4.03 -11.65
C THR A 59 0.63 -3.00 -12.74
N PRO A 60 -0.26 -3.36 -13.68
CA PRO A 60 -0.63 -2.47 -14.78
C PRO A 60 -1.46 -1.28 -14.31
N ILE A 61 -1.06 -0.08 -14.71
CA ILE A 61 -1.77 1.14 -14.33
C ILE A 61 -1.80 2.13 -15.48
N THR A 62 -2.48 3.25 -15.27
CA THR A 62 -2.59 4.28 -16.29
C THR A 62 -2.55 5.67 -15.67
N TYR A 63 -2.18 6.66 -16.48
CA TYR A 63 -2.10 8.04 -16.01
C TYR A 63 -3.21 8.35 -15.00
N LEU A 64 -4.41 7.84 -15.28
CA LEU A 64 -5.55 8.05 -14.41
C LEU A 64 -5.37 7.30 -13.08
N SER A 65 -4.87 6.07 -13.17
CA SER A 65 -4.65 5.26 -11.98
C SER A 65 -4.11 6.09 -10.82
N GLU A 66 -4.43 5.68 -9.60
CA GLU A 66 -3.97 6.40 -8.42
C GLU A 66 -2.99 5.56 -7.61
N PRO A 67 -2.20 6.23 -6.76
CA PRO A 67 -1.20 5.55 -5.92
C PRO A 67 -1.84 4.72 -4.81
N VAL A 68 -3.17 4.77 -4.73
CA VAL A 68 -3.91 4.02 -3.73
C VAL A 68 -4.39 2.68 -4.28
N ASP A 69 -4.77 2.68 -5.55
CA ASP A 69 -5.25 1.47 -6.20
C ASP A 69 -4.17 0.39 -6.23
N VAL A 70 -2.95 0.79 -6.59
CA VAL A 70 -1.83 -0.13 -6.65
C VAL A 70 -1.69 -0.91 -5.34
N TYR A 71 -1.83 -0.20 -4.23
CA TYR A 71 -1.71 -0.82 -2.91
C TYR A 71 -2.72 -1.96 -2.76
N SER A 72 -4.00 -1.63 -2.85
CA SER A 72 -5.05 -2.63 -2.72
C SER A 72 -4.75 -3.87 -3.56
N ASP A 73 -4.45 -3.64 -4.83
CA ASP A 73 -4.13 -4.73 -5.74
C ASP A 73 -3.05 -5.64 -5.16
N TRP A 74 -1.94 -5.04 -4.76
CA TRP A 74 -0.83 -5.79 -4.18
C TRP A 74 -1.33 -6.74 -3.10
N ILE A 75 -2.28 -6.28 -2.30
CA ILE A 75 -2.85 -7.09 -1.22
C ILE A 75 -3.45 -8.38 -1.77
N ASP A 76 -4.48 -8.25 -2.59
CA ASP A 76 -5.15 -9.39 -3.19
C ASP A 76 -4.17 -10.21 -4.03
N ALA A 77 -3.17 -9.55 -4.58
CA ALA A 77 -2.17 -10.21 -5.40
C ALA A 77 -1.38 -11.23 -4.59
N CYS A 78 -1.11 -10.91 -3.33
CA CYS A 78 -0.37 -11.80 -2.45
C CYS A 78 -1.29 -12.83 -1.81
N GLU A 79 -2.39 -12.34 -1.23
CA GLU A 79 -3.36 -13.21 -0.58
C GLU A 79 -3.46 -14.55 -1.31
N SER A 80 -3.49 -14.49 -2.64
CA SER A 80 -3.59 -15.71 -3.44
C SER A 80 -2.37 -15.85 -4.35
N GLY A 81 -1.28 -16.35 -3.78
CA GLY A 81 -0.07 -16.54 -4.55
C GLY A 81 1.13 -16.88 -3.67
N PRO A 82 1.25 -18.15 -3.29
CA PRO A 82 2.34 -18.63 -2.44
C PRO A 82 3.69 -18.63 -3.17
N SER A 83 3.68 -18.12 -4.41
CA SER A 83 4.89 -18.07 -5.21
C SER A 83 5.80 -16.92 -4.75
N SER A 84 5.27 -15.71 -4.77
CA SER A 84 6.02 -14.54 -4.35
C SER A 84 6.23 -14.53 -2.84
N GLY A 85 7.42 -14.10 -2.40
CA GLY A 85 7.71 -14.05 -0.99
C GLY A 85 9.00 -13.33 -0.69
ZN ZN B . 7.60 -4.81 4.22
N GLY A 1 -45.66 17.41 -7.92
CA GLY A 1 -44.93 16.51 -8.79
C GLY A 1 -43.52 16.99 -9.07
N SER A 2 -43.28 17.44 -10.30
CA SER A 2 -41.97 17.92 -10.70
C SER A 2 -41.44 18.96 -9.71
N SER A 3 -40.12 19.11 -9.66
CA SER A 3 -39.50 20.07 -8.75
C SER A 3 -39.58 19.58 -7.30
N GLY A 4 -40.80 19.50 -6.78
CA GLY A 4 -40.99 19.05 -5.41
C GLY A 4 -40.08 17.89 -5.05
N SER A 5 -39.00 18.20 -4.32
CA SER A 5 -38.04 17.18 -3.92
C SER A 5 -37.30 17.61 -2.65
N SER A 6 -36.70 16.65 -1.97
CA SER A 6 -35.96 16.91 -0.75
C SER A 6 -34.48 17.19 -1.05
N GLY A 7 -33.76 17.69 -0.05
CA GLY A 7 -32.34 17.99 -0.23
C GLY A 7 -31.47 16.77 -0.01
N ARG A 8 -30.21 17.02 0.35
CA ARG A 8 -29.27 15.94 0.60
C ARG A 8 -28.30 16.31 1.72
N LYS A 9 -27.77 15.29 2.40
CA LYS A 9 -26.82 15.52 3.49
C LYS A 9 -25.60 14.63 3.33
N PRO A 10 -24.54 15.20 2.71
CA PRO A 10 -23.28 14.48 2.48
C PRO A 10 -22.51 14.24 3.77
N PRO A 11 -21.96 13.02 3.92
CA PRO A 11 -21.19 12.63 5.10
C PRO A 11 -19.85 13.36 5.18
N PRO A 12 -19.45 13.73 6.41
CA PRO A 12 -18.20 14.44 6.66
C PRO A 12 -16.98 13.54 6.43
N LYS A 13 -15.92 14.13 5.88
CA LYS A 13 -14.69 13.39 5.62
C LYS A 13 -13.73 13.48 6.79
N LYS A 14 -13.15 12.34 7.16
CA LYS A 14 -12.20 12.29 8.28
C LYS A 14 -10.76 12.20 7.78
N LYS A 15 -9.82 12.44 8.67
CA LYS A 15 -8.40 12.37 8.31
C LYS A 15 -8.05 13.44 7.28
N MET A 16 -7.03 14.24 7.58
CA MET A 16 -6.59 15.29 6.67
C MET A 16 -6.76 14.86 5.22
N THR A 17 -7.32 15.75 4.40
CA THR A 17 -7.53 15.47 2.99
C THR A 17 -6.94 16.56 2.11
N GLY A 18 -5.82 16.25 1.46
CA GLY A 18 -5.17 17.21 0.59
C GLY A 18 -4.14 16.58 -0.31
N THR A 19 -2.93 16.39 0.21
CA THR A 19 -1.85 15.79 -0.55
C THR A 19 -1.98 14.28 -0.61
N LEU A 20 -1.78 13.71 -1.79
CA LEU A 20 -1.88 12.25 -1.98
C LEU A 20 -0.63 11.56 -1.48
N GLU A 21 -0.58 11.28 -0.18
CA GLU A 21 0.57 10.60 0.42
C GLU A 21 1.00 9.42 -0.44
N THR A 22 2.27 9.42 -0.86
CA THR A 22 2.81 8.35 -1.68
C THR A 22 3.37 7.23 -0.82
N GLN A 23 2.69 6.94 0.30
CA GLN A 23 3.14 5.89 1.21
C GLN A 23 1.95 5.04 1.66
N PHE A 24 2.19 3.74 1.78
CA PHE A 24 1.15 2.81 2.20
C PHE A 24 1.71 1.71 3.09
N THR A 25 0.85 1.08 3.88
CA THR A 25 1.27 0.02 4.79
C THR A 25 1.73 -1.20 4.00
N CYS A 26 2.52 -2.05 4.66
CA CYS A 26 3.03 -3.26 4.03
C CYS A 26 2.44 -4.51 4.69
N PRO A 27 1.72 -5.32 3.89
CA PRO A 27 1.09 -6.55 4.38
C PRO A 27 2.11 -7.63 4.72
N PHE A 28 3.34 -7.45 4.23
CA PHE A 28 4.41 -8.41 4.48
C PHE A 28 4.95 -8.26 5.89
N CYS A 29 5.48 -7.07 6.19
CA CYS A 29 6.03 -6.79 7.52
C CYS A 29 5.09 -5.91 8.33
N ASN A 30 4.45 -4.98 7.65
CA ASN A 30 3.52 -4.07 8.31
C ASN A 30 4.24 -3.18 9.32
N HIS A 31 4.88 -2.12 8.83
CA HIS A 31 5.60 -1.21 9.70
C HIS A 31 4.99 0.19 9.66
N GLU A 32 3.67 0.24 9.70
CA GLU A 32 2.95 1.51 9.67
C GLU A 32 3.39 2.35 8.47
N LYS A 33 2.70 2.16 7.35
CA LYS A 33 3.02 2.91 6.13
C LYS A 33 4.53 2.95 5.89
N SER A 34 5.03 1.96 5.15
CA SER A 34 6.46 1.88 4.86
C SER A 34 6.69 1.33 3.45
N CYS A 35 5.91 1.83 2.50
CA CYS A 35 6.02 1.39 1.10
C CYS A 35 5.94 2.58 0.15
N ASP A 36 6.58 2.45 -1.00
CA ASP A 36 6.57 3.51 -2.00
C ASP A 36 5.98 3.02 -3.31
N VAL A 37 5.03 3.79 -3.85
CA VAL A 37 4.38 3.43 -5.11
C VAL A 37 4.95 4.24 -6.27
N LYS A 38 5.50 3.53 -7.26
CA LYS A 38 6.08 4.18 -8.42
C LYS A 38 5.13 4.09 -9.61
N MET A 39 4.49 5.22 -9.92
CA MET A 39 3.56 5.27 -11.04
C MET A 39 4.28 5.59 -12.34
N ASP A 40 4.64 4.56 -13.10
CA ASP A 40 5.35 4.74 -14.36
C ASP A 40 4.36 4.81 -15.52
N ARG A 41 4.14 6.01 -16.04
CA ARG A 41 3.22 6.22 -17.15
C ARG A 41 3.83 5.69 -18.46
N ALA A 42 5.00 6.20 -18.81
CA ALA A 42 5.68 5.79 -20.03
C ALA A 42 5.44 4.31 -20.31
N ARG A 43 5.43 3.51 -19.26
CA ARG A 43 5.22 2.07 -19.40
C ARG A 43 3.82 1.68 -18.90
N ASN A 44 3.21 2.55 -18.11
CA ASN A 44 1.88 2.30 -17.58
C ASN A 44 1.89 1.08 -16.66
N THR A 45 2.87 1.02 -15.76
CA THR A 45 2.98 -0.09 -14.82
C THR A 45 3.42 0.41 -13.45
N GLY A 46 2.53 0.26 -12.47
CA GLY A 46 2.84 0.70 -11.12
C GLY A 46 3.70 -0.31 -10.37
N VAL A 47 4.79 0.17 -9.79
CA VAL A 47 5.70 -0.70 -9.05
C VAL A 47 5.85 -0.21 -7.60
N ILE A 48 5.36 -1.01 -6.67
CA ILE A 48 5.44 -0.66 -5.25
C ILE A 48 6.58 -1.42 -4.57
N SER A 49 7.09 -0.86 -3.48
CA SER A 49 8.18 -1.48 -2.74
C SER A 49 8.12 -1.09 -1.26
N CYS A 50 8.76 -1.89 -0.43
CA CYS A 50 8.79 -1.64 1.01
C CYS A 50 10.11 -1.02 1.44
N THR A 51 10.14 -0.48 2.66
CA THR A 51 11.35 0.14 3.18
C THR A 51 11.78 -0.51 4.50
N VAL A 52 11.20 -1.67 4.79
CA VAL A 52 11.53 -2.39 6.02
C VAL A 52 11.96 -3.82 5.72
N CYS A 53 11.14 -4.53 4.95
CA CYS A 53 11.44 -5.91 4.58
C CYS A 53 12.18 -5.97 3.24
N LEU A 54 12.13 -4.87 2.50
CA LEU A 54 12.80 -4.81 1.20
C LEU A 54 12.06 -5.65 0.17
N GLU A 55 10.79 -5.32 -0.06
CA GLU A 55 9.98 -6.05 -1.03
C GLU A 55 9.68 -5.19 -2.26
N GLU A 56 8.98 -5.78 -3.22
CA GLU A 56 8.62 -5.07 -4.45
C GLU A 56 7.56 -5.82 -5.23
N PHE A 57 6.70 -5.08 -5.91
CA PHE A 57 5.63 -5.68 -6.70
C PHE A 57 5.34 -4.84 -7.95
N GLN A 58 4.90 -5.52 -9.00
CA GLN A 58 4.59 -4.85 -10.26
C GLN A 58 3.12 -5.04 -10.64
N THR A 59 2.55 -4.03 -11.29
CA THR A 59 1.15 -4.10 -11.71
C THR A 59 0.85 -3.04 -12.77
N PRO A 60 0.04 -3.42 -13.76
CA PRO A 60 -0.35 -2.53 -14.85
C PRO A 60 -1.27 -1.41 -14.39
N ILE A 61 -0.94 -0.18 -14.79
CA ILE A 61 -1.74 0.98 -14.41
C ILE A 61 -1.93 1.92 -15.60
N THR A 62 -2.53 3.09 -15.34
CA THR A 62 -2.78 4.07 -16.39
C THR A 62 -2.97 5.46 -15.80
N TYR A 63 -2.74 6.48 -16.61
CA TYR A 63 -2.90 7.86 -16.17
C TYR A 63 -4.12 8.02 -15.28
N LEU A 64 -5.13 7.18 -15.52
CA LEU A 64 -6.36 7.23 -14.74
C LEU A 64 -6.15 6.65 -13.34
N SER A 65 -5.55 5.46 -13.29
CA SER A 65 -5.28 4.80 -12.02
C SER A 65 -4.68 5.78 -11.00
N GLU A 66 -4.68 5.37 -9.74
CA GLU A 66 -4.12 6.22 -8.68
C GLU A 66 -3.11 5.44 -7.85
N PRO A 67 -2.24 6.19 -7.14
CA PRO A 67 -1.19 5.59 -6.29
C PRO A 67 -1.77 4.91 -5.06
N VAL A 68 -3.08 5.07 -4.85
CA VAL A 68 -3.75 4.47 -3.71
C VAL A 68 -4.36 3.13 -4.08
N ASP A 69 -4.77 2.98 -5.33
CA ASP A 69 -5.37 1.74 -5.81
C ASP A 69 -4.33 0.63 -5.87
N VAL A 70 -3.20 0.93 -6.50
CA VAL A 70 -2.12 -0.05 -6.62
C VAL A 70 -1.88 -0.78 -5.31
N TYR A 71 -1.92 -0.04 -4.21
CA TYR A 71 -1.70 -0.61 -2.89
C TYR A 71 -2.70 -1.74 -2.60
N SER A 72 -3.98 -1.43 -2.79
CA SER A 72 -5.04 -2.41 -2.56
C SER A 72 -4.79 -3.68 -3.38
N ASP A 73 -4.43 -3.49 -4.64
CA ASP A 73 -4.17 -4.62 -5.53
C ASP A 73 -3.09 -5.53 -4.94
N TRP A 74 -1.97 -4.93 -4.53
CA TRP A 74 -0.87 -5.69 -3.96
C TRP A 74 -1.36 -6.62 -2.85
N ILE A 75 -2.34 -6.16 -2.09
CA ILE A 75 -2.91 -6.97 -1.01
C ILE A 75 -3.52 -8.25 -1.54
N ASP A 76 -4.57 -8.12 -2.34
CA ASP A 76 -5.25 -9.28 -2.91
C ASP A 76 -4.30 -10.08 -3.80
N ALA A 77 -3.30 -9.40 -4.35
CA ALA A 77 -2.32 -10.05 -5.21
C ALA A 77 -1.49 -11.06 -4.44
N CYS A 78 -1.20 -10.74 -3.18
CA CYS A 78 -0.41 -11.63 -2.32
C CYS A 78 -1.29 -12.72 -1.72
N GLU A 79 -2.46 -12.33 -1.22
CA GLU A 79 -3.38 -13.28 -0.61
C GLU A 79 -3.38 -14.60 -1.37
N SER A 80 -3.45 -14.52 -2.69
CA SER A 80 -3.46 -15.71 -3.53
C SER A 80 -2.66 -15.48 -4.81
N GLY A 81 -1.54 -16.18 -4.93
CA GLY A 81 -0.70 -16.05 -6.10
C GLY A 81 0.21 -17.23 -6.31
N PRO A 82 -0.12 -18.07 -7.31
CA PRO A 82 0.67 -19.26 -7.62
C PRO A 82 2.02 -18.92 -8.23
N SER A 83 2.09 -17.80 -8.92
CA SER A 83 3.33 -17.36 -9.55
C SER A 83 4.53 -17.66 -8.66
N SER A 84 4.52 -17.11 -7.46
CA SER A 84 5.61 -17.33 -6.50
C SER A 84 5.36 -16.57 -5.20
N GLY A 85 4.99 -15.30 -5.34
CA GLY A 85 4.73 -14.47 -4.17
C GLY A 85 5.57 -13.22 -4.14
ZN ZN B . 7.42 -4.82 4.19
N GLY A 1 16.36 -17.53 2.72
CA GLY A 1 15.62 -16.78 1.73
C GLY A 1 14.44 -16.05 2.33
N SER A 2 14.50 -14.72 2.31
CA SER A 2 13.42 -13.91 2.86
C SER A 2 12.15 -14.08 2.05
N SER A 3 11.12 -14.64 2.68
CA SER A 3 9.84 -14.87 2.03
C SER A 3 8.78 -15.35 3.01
N GLY A 4 7.56 -14.88 2.84
CA GLY A 4 6.48 -15.27 3.73
C GLY A 4 5.12 -15.15 3.08
N SER A 5 4.15 -15.93 3.57
CA SER A 5 2.80 -15.91 3.02
C SER A 5 1.76 -15.88 4.15
N SER A 6 1.45 -14.67 4.62
CA SER A 6 0.48 -14.52 5.70
C SER A 6 -0.94 -14.66 5.17
N GLY A 7 -1.18 -15.71 4.40
CA GLY A 7 -2.50 -15.96 3.85
C GLY A 7 -3.61 -15.61 4.82
N ARG A 8 -4.12 -14.39 4.73
CA ARG A 8 -5.19 -13.93 5.61
C ARG A 8 -6.00 -12.83 4.95
N LYS A 9 -7.31 -13.02 4.89
CA LYS A 9 -8.21 -12.03 4.28
C LYS A 9 -7.99 -10.65 4.89
N PRO A 10 -7.83 -9.64 4.02
CA PRO A 10 -7.62 -8.26 4.45
C PRO A 10 -8.86 -7.65 5.10
N PRO A 11 -8.79 -7.41 6.41
CA PRO A 11 -9.89 -6.82 7.18
C PRO A 11 -10.14 -5.37 6.83
N PRO A 12 -11.41 -4.95 6.83
CA PRO A 12 -11.81 -3.58 6.50
C PRO A 12 -11.38 -2.59 7.58
N LYS A 13 -11.42 -1.30 7.25
CA LYS A 13 -11.05 -0.26 8.20
C LYS A 13 -11.58 1.10 7.75
N LYS A 14 -11.82 1.98 8.71
CA LYS A 14 -12.32 3.32 8.40
C LYS A 14 -11.65 4.36 9.28
N LYS A 15 -10.57 4.96 8.77
CA LYS A 15 -9.84 5.98 9.51
C LYS A 15 -9.86 7.31 8.76
N MET A 16 -11.03 7.68 8.25
CA MET A 16 -11.18 8.92 7.52
C MET A 16 -10.44 8.87 6.19
N THR A 17 -11.16 9.16 5.10
CA THR A 17 -10.58 9.14 3.76
C THR A 17 -9.12 9.60 3.80
N GLY A 18 -8.25 8.84 3.13
CA GLY A 18 -6.84 9.19 3.09
C GLY A 18 -6.51 10.13 1.96
N THR A 19 -5.28 10.66 1.97
CA THR A 19 -4.84 11.57 0.94
C THR A 19 -3.77 10.94 0.05
N LEU A 20 -3.76 11.32 -1.22
CA LEU A 20 -2.79 10.79 -2.17
C LEU A 20 -1.36 11.11 -1.73
N GLU A 21 -0.79 10.23 -0.92
CA GLU A 21 0.58 10.42 -0.42
C GLU A 21 1.49 9.29 -0.88
N THR A 22 1.08 8.60 -1.94
CA THR A 22 1.86 7.49 -2.47
C THR A 22 2.48 6.66 -1.34
N GLN A 23 1.84 6.70 -0.18
CA GLN A 23 2.33 5.94 0.98
C GLN A 23 1.22 5.07 1.57
N PHE A 24 1.59 3.87 1.99
CA PHE A 24 0.64 2.94 2.57
C PHE A 24 1.35 1.90 3.44
N THR A 25 0.60 1.30 4.36
CA THR A 25 1.16 0.29 5.25
C THR A 25 1.47 -0.99 4.49
N CYS A 26 2.48 -1.73 4.96
CA CYS A 26 2.88 -2.97 4.33
C CYS A 26 2.33 -4.17 5.11
N PRO A 27 1.53 -5.00 4.42
CA PRO A 27 0.93 -6.19 5.02
C PRO A 27 1.96 -7.28 5.31
N PHE A 28 3.10 -7.20 4.62
CA PHE A 28 4.17 -8.18 4.81
C PHE A 28 4.83 -8.02 6.18
N CYS A 29 5.31 -6.80 6.45
CA CYS A 29 5.97 -6.52 7.72
C CYS A 29 5.13 -5.56 8.57
N ASN A 30 4.48 -4.61 7.90
CA ASN A 30 3.63 -3.64 8.59
C ASN A 30 4.46 -2.77 9.53
N HIS A 31 5.13 -1.77 8.97
CA HIS A 31 5.96 -0.87 9.76
C HIS A 31 5.39 0.54 9.75
N GLU A 32 4.06 0.63 9.85
CA GLU A 32 3.38 1.92 9.86
C GLU A 32 3.86 2.80 8.70
N LYS A 33 3.20 2.65 7.56
CA LYS A 33 3.55 3.42 6.37
C LYS A 33 5.05 3.31 6.07
N SER A 34 5.39 2.38 5.18
CA SER A 34 6.78 2.17 4.80
C SER A 34 6.87 1.57 3.40
N CYS A 35 6.08 2.11 2.48
CA CYS A 35 6.07 1.64 1.09
C CYS A 35 5.92 2.81 0.12
N ASP A 36 6.59 2.70 -1.03
CA ASP A 36 6.53 3.75 -2.04
C ASP A 36 6.00 3.19 -3.36
N VAL A 37 5.01 3.87 -3.94
CA VAL A 37 4.44 3.44 -5.20
C VAL A 37 4.96 4.27 -6.36
N LYS A 38 5.55 3.60 -7.34
CA LYS A 38 6.11 4.28 -8.51
C LYS A 38 5.14 4.20 -9.69
N MET A 39 4.39 5.28 -9.90
CA MET A 39 3.42 5.33 -11.00
C MET A 39 4.11 5.71 -12.30
N ASP A 40 4.42 4.72 -13.11
CA ASP A 40 5.07 4.95 -14.39
C ASP A 40 4.05 5.02 -15.52
N ARG A 41 3.80 6.23 -16.01
CA ARG A 41 2.85 6.44 -17.10
C ARG A 41 3.37 5.85 -18.40
N ALA A 42 4.55 6.29 -18.81
CA ALA A 42 5.17 5.81 -20.05
C ALA A 42 5.16 4.29 -20.10
N ARG A 43 5.31 3.66 -18.95
CA ARG A 43 5.32 2.20 -18.87
C ARG A 43 3.94 1.67 -18.47
N ASN A 44 3.03 2.58 -18.15
CA ASN A 44 1.68 2.20 -17.75
C ASN A 44 1.71 1.05 -16.75
N THR A 45 2.73 1.04 -15.89
CA THR A 45 2.87 0.00 -14.89
C THR A 45 3.32 0.59 -13.55
N GLY A 46 2.52 0.38 -12.52
CA GLY A 46 2.85 0.90 -11.20
C GLY A 46 3.64 -0.10 -10.38
N VAL A 47 4.90 0.23 -10.12
CA VAL A 47 5.77 -0.65 -9.33
C VAL A 47 5.87 -0.18 -7.88
N ILE A 48 5.46 -1.03 -6.96
CA ILE A 48 5.50 -0.70 -5.54
C ILE A 48 6.58 -1.50 -4.82
N SER A 49 6.97 -1.03 -3.64
CA SER A 49 8.00 -1.69 -2.84
C SER A 49 7.91 -1.27 -1.39
N CYS A 50 8.62 -2.00 -0.53
CA CYS A 50 8.64 -1.70 0.90
C CYS A 50 10.00 -1.17 1.34
N THR A 51 10.04 -0.58 2.53
CA THR A 51 11.28 -0.03 3.08
C THR A 51 11.61 -0.64 4.43
N VAL A 52 11.34 -1.94 4.57
CA VAL A 52 11.61 -2.64 5.82
C VAL A 52 11.89 -4.12 5.57
N CYS A 53 11.04 -4.74 4.76
CA CYS A 53 11.19 -6.15 4.44
C CYS A 53 11.87 -6.34 3.08
N LEU A 54 11.91 -5.26 2.30
CA LEU A 54 12.53 -5.30 0.98
C LEU A 54 11.66 -6.07 0.00
N GLU A 55 10.43 -5.61 -0.19
CA GLU A 55 9.50 -6.25 -1.11
C GLU A 55 9.25 -5.38 -2.33
N GLU A 56 8.54 -5.93 -3.32
CA GLU A 56 8.23 -5.21 -4.54
C GLU A 56 7.17 -5.93 -5.35
N PHE A 57 6.34 -5.16 -6.05
CA PHE A 57 5.28 -5.72 -6.86
C PHE A 57 5.08 -4.91 -8.14
N GLN A 58 4.37 -5.50 -9.11
CA GLN A 58 4.11 -4.83 -10.38
C GLN A 58 2.64 -4.96 -10.76
N THR A 59 2.13 -3.94 -11.44
CA THR A 59 0.73 -3.93 -11.88
C THR A 59 0.50 -2.88 -12.96
N PRO A 60 -0.39 -3.21 -13.91
CA PRO A 60 -0.72 -2.30 -15.02
C PRO A 60 -1.51 -1.09 -14.56
N ILE A 61 -0.96 0.10 -14.78
CA ILE A 61 -1.61 1.34 -14.39
C ILE A 61 -1.57 2.37 -15.52
N THR A 62 -2.28 3.48 -15.33
CA THR A 62 -2.32 4.54 -16.33
C THR A 62 -2.34 5.91 -15.67
N TYR A 63 -1.95 6.93 -16.43
CA TYR A 63 -1.91 8.29 -15.92
C TYR A 63 -3.06 8.53 -14.94
N LEU A 64 -4.24 8.04 -15.29
CA LEU A 64 -5.41 8.20 -14.43
C LEU A 64 -5.26 7.40 -13.14
N SER A 65 -4.79 6.16 -13.27
CA SER A 65 -4.60 5.30 -12.12
C SER A 65 -4.04 6.08 -10.93
N GLU A 66 -4.25 5.54 -9.73
CA GLU A 66 -3.77 6.20 -8.51
C GLU A 66 -2.80 5.30 -7.75
N PRO A 67 -1.91 5.91 -6.96
CA PRO A 67 -0.91 5.19 -6.18
C PRO A 67 -1.54 4.41 -5.03
N VAL A 68 -2.85 4.57 -4.84
CA VAL A 68 -3.56 3.88 -3.78
C VAL A 68 -4.22 2.61 -4.31
N ASP A 69 -4.61 2.63 -5.58
CA ASP A 69 -5.24 1.47 -6.20
C ASP A 69 -4.29 0.27 -6.24
N VAL A 70 -3.03 0.54 -6.61
CA VAL A 70 -2.02 -0.50 -6.68
C VAL A 70 -1.95 -1.30 -5.38
N TYR A 71 -2.03 -0.59 -4.26
CA TYR A 71 -1.97 -1.22 -2.95
C TYR A 71 -2.99 -2.34 -2.84
N SER A 72 -4.26 -2.01 -3.06
CA SER A 72 -5.33 -2.99 -2.98
C SER A 72 -4.98 -4.24 -3.77
N ASP A 73 -4.41 -4.04 -4.96
CA ASP A 73 -4.03 -5.15 -5.82
C ASP A 73 -2.90 -5.97 -5.18
N TRP A 74 -1.91 -5.27 -4.64
CA TRP A 74 -0.78 -5.93 -4.00
C TRP A 74 -1.24 -6.89 -2.92
N ILE A 75 -2.33 -6.53 -2.24
CA ILE A 75 -2.87 -7.37 -1.18
C ILE A 75 -3.39 -8.70 -1.73
N ASP A 76 -4.27 -8.62 -2.72
CA ASP A 76 -4.83 -9.82 -3.33
C ASP A 76 -3.75 -10.63 -4.03
N ALA A 77 -2.64 -9.97 -4.36
CA ALA A 77 -1.53 -10.64 -5.03
C ALA A 77 -0.69 -11.44 -4.04
N CYS A 78 -0.76 -11.07 -2.77
CA CYS A 78 -0.02 -11.75 -1.71
C CYS A 78 -0.87 -12.83 -1.06
N GLU A 79 -2.07 -12.46 -0.64
CA GLU A 79 -2.98 -13.40 0.01
C GLU A 79 -3.30 -14.57 -0.92
N SER A 80 -2.99 -14.41 -2.20
CA SER A 80 -3.24 -15.45 -3.19
C SER A 80 -2.10 -15.53 -4.20
N GLY A 81 -1.57 -16.73 -4.38
CA GLY A 81 -0.47 -16.93 -5.32
C GLY A 81 0.42 -18.09 -4.94
N PRO A 82 1.18 -18.59 -5.93
CA PRO A 82 2.10 -19.72 -5.71
C PRO A 82 3.30 -19.34 -4.84
N SER A 83 3.98 -20.34 -4.30
CA SER A 83 5.14 -20.12 -3.46
C SER A 83 5.91 -21.41 -3.23
N SER A 84 6.89 -21.36 -2.33
CA SER A 84 7.71 -22.52 -2.03
C SER A 84 7.87 -22.70 -0.53
N GLY A 85 8.46 -21.71 0.12
CA GLY A 85 8.67 -21.78 1.57
C GLY A 85 9.86 -20.97 2.03
ZN ZN B . 7.19 -4.70 4.23
N GLY A 1 39.04 38.30 25.57
CA GLY A 1 38.45 37.06 25.13
C GLY A 1 36.99 37.20 24.76
N SER A 2 36.44 36.20 24.08
CA SER A 2 35.03 36.23 23.67
C SER A 2 34.47 34.82 23.58
N SER A 3 33.15 34.73 23.46
CA SER A 3 32.47 33.44 23.37
C SER A 3 31.65 33.34 22.08
N GLY A 4 31.39 32.12 21.65
CA GLY A 4 30.61 31.91 20.43
C GLY A 4 29.67 30.73 20.55
N SER A 5 28.40 30.94 20.18
CA SER A 5 27.40 29.89 20.24
C SER A 5 26.14 30.29 19.49
N SER A 6 25.58 29.35 18.72
CA SER A 6 24.38 29.61 17.94
C SER A 6 23.28 28.61 18.31
N GLY A 7 22.03 29.01 18.07
CA GLY A 7 20.90 28.16 18.38
C GLY A 7 19.57 28.87 18.24
N ARG A 8 18.56 28.15 17.77
CA ARG A 8 17.24 28.72 17.59
C ARG A 8 16.15 27.71 17.94
N LYS A 9 15.04 28.19 18.47
CA LYS A 9 13.92 27.33 18.85
C LYS A 9 12.68 27.65 18.02
N PRO A 10 12.62 27.10 16.80
CA PRO A 10 11.49 27.31 15.90
C PRO A 10 10.21 26.62 16.38
N PRO A 11 9.13 27.40 16.52
CA PRO A 11 7.84 26.90 16.97
C PRO A 11 7.18 25.99 15.94
N PRO A 12 6.25 25.13 16.41
CA PRO A 12 5.53 24.20 15.54
C PRO A 12 4.54 24.91 14.62
N LYS A 13 4.40 24.39 13.41
CA LYS A 13 3.49 24.98 12.43
C LYS A 13 3.02 23.92 11.43
N LYS A 14 2.14 24.32 10.52
CA LYS A 14 1.61 23.42 9.51
C LYS A 14 1.38 24.14 8.18
N LYS A 15 2.13 23.75 7.16
CA LYS A 15 2.01 24.36 5.84
C LYS A 15 1.30 23.42 4.87
N MET A 16 0.24 23.91 4.25
CA MET A 16 -0.52 23.11 3.29
C MET A 16 0.17 23.09 1.93
N THR A 17 0.48 21.89 1.45
CA THR A 17 1.14 21.72 0.16
C THR A 17 0.38 20.76 -0.73
N GLY A 18 0.75 20.73 -2.02
CA GLY A 18 0.09 19.84 -2.95
C GLY A 18 0.51 18.40 -2.79
N THR A 19 1.04 17.81 -3.85
CA THR A 19 1.48 16.42 -3.82
C THR A 19 0.31 15.48 -3.59
N LEU A 20 0.51 14.20 -3.91
CA LEU A 20 -0.53 13.20 -3.74
C LEU A 20 -0.10 12.13 -2.73
N GLU A 21 -0.67 10.94 -2.87
CA GLU A 21 -0.35 9.84 -1.97
C GLU A 21 0.82 9.01 -2.53
N THR A 22 1.76 8.67 -1.66
CA THR A 22 2.92 7.89 -2.05
C THR A 22 3.46 7.07 -0.90
N GLN A 23 2.56 6.57 -0.06
CA GLN A 23 2.94 5.77 1.10
C GLN A 23 1.76 4.96 1.63
N PHE A 24 1.96 3.66 1.77
CA PHE A 24 0.91 2.78 2.27
C PHE A 24 1.48 1.69 3.17
N THR A 25 0.61 1.04 3.92
CA THR A 25 1.04 -0.02 4.84
C THR A 25 1.48 -1.26 4.06
N CYS A 26 2.38 -2.04 4.66
CA CYS A 26 2.88 -3.26 4.04
C CYS A 26 2.32 -4.49 4.73
N PRO A 27 1.54 -5.29 3.97
CA PRO A 27 0.93 -6.51 4.48
C PRO A 27 1.96 -7.61 4.75
N PHE A 28 3.16 -7.43 4.22
CA PHE A 28 4.24 -8.40 4.40
C PHE A 28 4.81 -8.31 5.81
N CYS A 29 5.37 -7.15 6.14
CA CYS A 29 5.96 -6.93 7.45
C CYS A 29 4.98 -6.22 8.38
N ASN A 30 4.28 -5.24 7.84
CA ASN A 30 3.30 -4.48 8.62
C ASN A 30 4.00 -3.47 9.52
N HIS A 31 4.91 -2.69 8.94
CA HIS A 31 5.65 -1.68 9.68
C HIS A 31 5.10 -0.29 9.40
N GLU A 32 3.78 -0.18 9.31
CA GLU A 32 3.13 1.09 9.04
C GLU A 32 3.69 1.74 7.79
N LYS A 33 3.22 2.94 7.48
CA LYS A 33 3.68 3.67 6.30
C LYS A 33 5.16 3.41 6.05
N SER A 34 5.44 2.47 5.15
CA SER A 34 6.82 2.12 4.83
C SER A 34 6.90 1.52 3.42
N CYS A 35 6.19 2.13 2.48
CA CYS A 35 6.19 1.67 1.10
C CYS A 35 6.14 2.84 0.13
N ASP A 36 6.77 2.67 -1.03
CA ASP A 36 6.78 3.71 -2.05
C ASP A 36 6.14 3.22 -3.34
N VAL A 37 5.19 4.02 -3.86
CA VAL A 37 4.50 3.66 -5.09
C VAL A 37 5.06 4.45 -6.27
N LYS A 38 5.65 3.73 -7.23
CA LYS A 38 6.21 4.37 -8.41
C LYS A 38 5.26 4.25 -9.60
N MET A 39 4.50 5.31 -9.85
CA MET A 39 3.55 5.33 -10.95
C MET A 39 4.26 5.62 -12.27
N ASP A 40 4.61 4.56 -13.00
CA ASP A 40 5.29 4.70 -14.27
C ASP A 40 4.29 4.83 -15.41
N ARG A 41 4.12 6.05 -15.91
CA ARG A 41 3.19 6.32 -17.00
C ARG A 41 3.75 5.80 -18.33
N ALA A 42 4.91 6.32 -18.73
CA ALA A 42 5.54 5.91 -19.97
C ALA A 42 5.34 4.42 -20.22
N ARG A 43 5.52 3.61 -19.18
CA ARG A 43 5.37 2.17 -19.29
C ARG A 43 3.96 1.74 -18.88
N ASN A 44 3.28 2.61 -18.15
CA ASN A 44 1.93 2.33 -17.68
C ASN A 44 1.92 1.12 -16.74
N THR A 45 2.86 1.10 -15.80
CA THR A 45 2.96 0.01 -14.84
C THR A 45 3.36 0.52 -13.46
N GLY A 46 2.46 0.35 -12.50
CA GLY A 46 2.73 0.80 -11.15
C GLY A 46 3.58 -0.19 -10.37
N VAL A 47 4.74 0.27 -9.92
CA VAL A 47 5.65 -0.57 -9.17
C VAL A 47 5.79 -0.08 -7.72
N ILE A 48 5.40 -0.93 -6.77
CA ILE A 48 5.49 -0.58 -5.36
C ILE A 48 6.65 -1.30 -4.69
N SER A 49 6.98 -0.86 -3.48
CA SER A 49 8.08 -1.45 -2.72
C SER A 49 7.98 -1.11 -1.24
N CYS A 50 8.71 -1.84 -0.41
CA CYS A 50 8.71 -1.60 1.02
C CYS A 50 10.03 -1.00 1.49
N THR A 51 10.04 -0.48 2.71
CA THR A 51 11.24 0.12 3.27
C THR A 51 11.64 -0.54 4.58
N VAL A 52 11.07 -1.71 4.84
CA VAL A 52 11.36 -2.44 6.06
C VAL A 52 11.79 -3.88 5.76
N CYS A 53 10.98 -4.56 4.94
CA CYS A 53 11.28 -5.94 4.56
C CYS A 53 12.02 -5.98 3.23
N LEU A 54 12.04 -4.86 2.53
CA LEU A 54 12.72 -4.78 1.24
C LEU A 54 11.99 -5.61 0.18
N GLU A 55 10.72 -5.27 -0.06
CA GLU A 55 9.92 -5.98 -1.04
C GLU A 55 9.63 -5.10 -2.25
N GLU A 56 8.98 -5.66 -3.26
CA GLU A 56 8.64 -4.93 -4.47
C GLU A 56 7.65 -5.71 -5.33
N PHE A 57 6.71 -4.99 -5.94
CA PHE A 57 5.70 -5.62 -6.78
C PHE A 57 5.46 -4.80 -8.04
N GLN A 58 4.97 -5.45 -9.09
CA GLN A 58 4.69 -4.78 -10.35
C GLN A 58 3.25 -5.01 -10.78
N THR A 59 2.65 -4.00 -11.41
CA THR A 59 1.28 -4.08 -11.87
C THR A 59 0.98 -3.00 -12.90
N PRO A 60 0.18 -3.36 -13.92
CA PRO A 60 -0.20 -2.44 -14.99
C PRO A 60 -1.16 -1.35 -14.51
N ILE A 61 -0.86 -0.11 -14.88
CA ILE A 61 -1.69 1.03 -14.48
C ILE A 61 -1.83 2.03 -15.62
N THR A 62 -2.74 2.99 -15.44
CA THR A 62 -2.97 4.01 -16.45
C THR A 62 -3.14 5.39 -15.80
N TYR A 63 -2.84 6.44 -16.57
CA TYR A 63 -2.96 7.80 -16.07
C TYR A 63 -4.18 7.95 -15.18
N LEU A 64 -5.23 7.19 -15.48
CA LEU A 64 -6.46 7.24 -14.70
C LEU A 64 -6.24 6.65 -13.31
N SER A 65 -5.61 5.49 -13.26
CA SER A 65 -5.33 4.81 -11.99
C SER A 65 -4.76 5.79 -10.97
N GLU A 66 -4.60 5.32 -9.74
CA GLU A 66 -4.08 6.16 -8.66
C GLU A 66 -3.03 5.41 -7.84
N PRO A 67 -2.21 6.15 -7.09
CA PRO A 67 -1.17 5.57 -6.25
C PRO A 67 -1.73 4.82 -5.06
N VAL A 68 -3.06 4.89 -4.88
CA VAL A 68 -3.71 4.20 -3.78
C VAL A 68 -4.24 2.84 -4.22
N ASP A 69 -4.65 2.74 -5.47
CA ASP A 69 -5.18 1.49 -6.01
C ASP A 69 -4.09 0.42 -6.05
N VAL A 70 -2.94 0.77 -6.60
CA VAL A 70 -1.82 -0.16 -6.70
C VAL A 70 -1.62 -0.91 -5.39
N TYR A 71 -1.81 -0.22 -4.28
CA TYR A 71 -1.64 -0.81 -2.96
C TYR A 71 -2.67 -1.92 -2.73
N SER A 72 -3.95 -1.57 -2.88
CA SER A 72 -5.03 -2.52 -2.70
C SER A 72 -4.78 -3.79 -3.51
N ASP A 73 -4.34 -3.62 -4.74
CA ASP A 73 -4.06 -4.74 -5.62
C ASP A 73 -2.99 -5.65 -5.02
N TRP A 74 -1.94 -5.04 -4.50
CA TRP A 74 -0.85 -5.79 -3.89
C TRP A 74 -1.34 -6.67 -2.76
N ILE A 75 -2.29 -6.16 -1.98
CA ILE A 75 -2.86 -6.91 -0.87
C ILE A 75 -3.51 -8.20 -1.34
N ASP A 76 -4.55 -8.06 -2.17
CA ASP A 76 -5.26 -9.21 -2.71
C ASP A 76 -4.34 -10.07 -3.56
N ALA A 77 -3.33 -9.44 -4.15
CA ALA A 77 -2.37 -10.16 -4.99
C ALA A 77 -1.58 -11.18 -4.18
N CYS A 78 -1.26 -10.83 -2.93
CA CYS A 78 -0.51 -11.72 -2.06
C CYS A 78 -1.45 -12.66 -1.30
N GLU A 79 -2.50 -12.09 -0.72
CA GLU A 79 -3.47 -12.87 0.04
C GLU A 79 -3.95 -14.07 -0.77
N SER A 80 -4.31 -13.82 -2.03
CA SER A 80 -4.80 -14.87 -2.91
C SER A 80 -3.64 -15.75 -3.39
N GLY A 81 -2.57 -15.10 -3.85
CA GLY A 81 -1.41 -15.83 -4.34
C GLY A 81 -1.80 -16.98 -5.26
N PRO A 82 -2.02 -16.67 -6.54
CA PRO A 82 -2.40 -17.67 -7.55
C PRO A 82 -1.26 -18.62 -7.87
N SER A 83 -0.03 -18.14 -7.72
CA SER A 83 1.15 -18.95 -8.00
C SER A 83 1.57 -19.75 -6.77
N SER A 84 1.72 -19.07 -5.65
CA SER A 84 2.12 -19.71 -4.40
C SER A 84 2.14 -18.70 -3.25
N GLY A 85 1.90 -19.20 -2.04
CA GLY A 85 1.90 -18.33 -0.87
C GLY A 85 2.95 -17.24 -0.97
ZN ZN B . 7.26 -4.80 4.13
N GLY A 1 6.33 -35.37 24.73
CA GLY A 1 6.93 -34.86 23.52
C GLY A 1 5.97 -33.99 22.72
N SER A 2 6.39 -33.60 21.52
CA SER A 2 5.57 -32.76 20.66
C SER A 2 5.35 -31.39 21.29
N SER A 3 5.40 -30.35 20.46
CA SER A 3 5.21 -28.99 20.92
C SER A 3 4.97 -28.03 19.75
N GLY A 4 4.39 -26.88 20.04
CA GLY A 4 4.11 -25.90 19.01
C GLY A 4 3.46 -24.65 19.56
N SER A 5 4.15 -23.51 19.41
CA SER A 5 3.63 -22.25 19.90
C SER A 5 3.51 -21.24 18.76
N SER A 6 2.47 -20.41 18.81
CA SER A 6 2.24 -19.40 17.79
C SER A 6 1.77 -18.09 18.41
N GLY A 7 1.83 -17.01 17.62
CA GLY A 7 1.40 -15.71 18.11
C GLY A 7 0.64 -14.93 17.07
N ARG A 8 -0.06 -13.88 17.51
CA ARG A 8 -0.83 -13.05 16.60
C ARG A 8 -0.77 -11.58 17.03
N LYS A 9 -1.11 -10.69 16.11
CA LYS A 9 -1.09 -9.26 16.39
C LYS A 9 -2.49 -8.75 16.70
N PRO A 10 -2.57 -7.60 17.38
CA PRO A 10 -3.85 -6.98 17.75
C PRO A 10 -4.60 -6.42 16.55
N PRO A 11 -5.92 -6.27 16.69
CA PRO A 11 -6.78 -5.74 15.62
C PRO A 11 -6.54 -4.27 15.36
N PRO A 12 -5.95 -3.95 14.19
CA PRO A 12 -5.65 -2.58 13.80
C PRO A 12 -6.90 -1.78 13.48
N LYS A 13 -6.73 -0.51 13.11
CA LYS A 13 -7.86 0.35 12.78
C LYS A 13 -8.29 0.14 11.33
N LYS A 14 -9.59 0.01 11.13
CA LYS A 14 -10.14 -0.18 9.78
C LYS A 14 -10.76 1.10 9.25
N LYS A 15 -9.98 1.84 8.46
CA LYS A 15 -10.44 3.09 7.88
C LYS A 15 -9.46 3.61 6.84
N MET A 16 -9.93 4.50 5.98
CA MET A 16 -9.09 5.08 4.93
C MET A 16 -8.05 6.02 5.54
N THR A 17 -7.17 6.54 4.69
CA THR A 17 -6.12 7.45 5.14
C THR A 17 -6.59 8.90 5.06
N GLY A 18 -7.29 9.24 3.99
CA GLY A 18 -7.78 10.59 3.83
C GLY A 18 -6.98 11.37 2.81
N THR A 19 -5.74 11.71 3.15
CA THR A 19 -4.87 12.46 2.26
C THR A 19 -4.33 11.58 1.14
N LEU A 20 -4.18 12.16 -0.05
CA LEU A 20 -3.67 11.42 -1.21
C LEU A 20 -2.16 11.41 -1.21
N GLU A 21 -1.58 10.46 -0.46
CA GLU A 21 -0.13 10.32 -0.39
C GLU A 21 0.35 9.06 -1.09
N THR A 22 1.57 9.09 -1.61
CA THR A 22 2.13 7.95 -2.31
C THR A 22 2.78 6.96 -1.33
N GLN A 23 2.15 6.82 -0.16
CA GLN A 23 2.67 5.91 0.86
C GLN A 23 1.55 5.02 1.40
N PHE A 24 1.93 3.83 1.86
CA PHE A 24 0.96 2.88 2.40
C PHE A 24 1.64 1.89 3.34
N THR A 25 0.83 1.09 4.02
CA THR A 25 1.36 0.09 4.95
C THR A 25 1.65 -1.22 4.24
N CYS A 26 2.64 -1.96 4.74
CA CYS A 26 3.02 -3.23 4.15
C CYS A 26 2.31 -4.39 4.86
N PRO A 27 1.41 -5.08 4.12
CA PRO A 27 0.66 -6.21 4.66
C PRO A 27 1.53 -7.43 4.91
N PHE A 28 2.83 -7.30 4.61
CA PHE A 28 3.77 -8.39 4.81
C PHE A 28 4.44 -8.29 6.17
N CYS A 29 5.11 -7.17 6.42
CA CYS A 29 5.81 -6.95 7.69
C CYS A 29 4.99 -6.05 8.60
N ASN A 30 4.03 -5.33 8.01
CA ASN A 30 3.18 -4.42 8.77
C ASN A 30 4.00 -3.30 9.40
N HIS A 31 4.47 -2.37 8.57
CA HIS A 31 5.26 -1.25 9.06
C HIS A 31 4.78 0.07 8.44
N GLU A 32 3.85 0.72 9.14
CA GLU A 32 3.30 1.99 8.65
C GLU A 32 4.42 2.91 8.15
N LYS A 33 4.13 3.65 7.08
CA LYS A 33 5.10 4.56 6.50
C LYS A 33 6.36 3.82 6.09
N SER A 34 6.21 2.82 5.23
CA SER A 34 7.35 2.03 4.76
C SER A 34 7.06 1.43 3.39
N CYS A 35 6.23 2.12 2.61
CA CYS A 35 5.87 1.66 1.28
C CYS A 35 5.75 2.84 0.31
N ASP A 36 6.51 2.77 -0.78
CA ASP A 36 6.50 3.83 -1.78
C ASP A 36 5.93 3.33 -3.11
N VAL A 37 4.99 4.07 -3.67
CA VAL A 37 4.37 3.69 -4.93
C VAL A 37 4.95 4.50 -6.10
N LYS A 38 5.65 3.81 -6.99
CA LYS A 38 6.26 4.46 -8.14
C LYS A 38 5.41 4.24 -9.39
N MET A 39 4.60 5.25 -9.74
CA MET A 39 3.75 5.17 -10.91
C MET A 39 4.54 5.48 -12.19
N ASP A 40 4.69 4.46 -13.03
CA ASP A 40 5.43 4.61 -14.28
C ASP A 40 4.47 4.73 -15.46
N ARG A 41 4.31 5.96 -15.96
CA ARG A 41 3.41 6.21 -17.09
C ARG A 41 4.00 5.64 -18.38
N ALA A 42 5.31 5.78 -18.54
CA ALA A 42 6.00 5.29 -19.72
C ALA A 42 5.54 3.87 -20.07
N ARG A 43 5.44 3.01 -19.06
CA ARG A 43 5.02 1.63 -19.26
C ARG A 43 3.66 1.39 -18.62
N ASN A 44 2.98 2.47 -18.25
CA ASN A 44 1.66 2.37 -17.63
C ASN A 44 1.62 1.23 -16.63
N THR A 45 2.66 1.11 -15.83
CA THR A 45 2.75 0.05 -14.82
C THR A 45 3.28 0.59 -13.50
N GLY A 46 2.50 0.44 -12.44
CA GLY A 46 2.91 0.91 -11.13
C GLY A 46 3.88 -0.03 -10.45
N VAL A 47 4.87 0.54 -9.76
CA VAL A 47 5.86 -0.26 -9.07
C VAL A 47 5.93 0.12 -7.58
N ILE A 48 5.47 -0.79 -6.72
CA ILE A 48 5.48 -0.55 -5.29
C ILE A 48 6.59 -1.34 -4.60
N SER A 49 7.02 -0.87 -3.44
CA SER A 49 8.08 -1.53 -2.69
C SER A 49 7.96 -1.24 -1.20
N CYS A 50 8.70 -1.99 -0.39
CA CYS A 50 8.67 -1.82 1.05
C CYS A 50 10.00 -1.26 1.55
N THR A 51 9.99 -0.77 2.79
CA THR A 51 11.19 -0.19 3.39
C THR A 51 11.47 -0.81 4.76
N VAL A 52 11.31 -2.13 4.85
CA VAL A 52 11.55 -2.84 6.09
C VAL A 52 11.84 -4.32 5.85
N CYS A 53 11.09 -4.91 4.92
CA CYS A 53 11.25 -6.32 4.58
C CYS A 53 11.92 -6.47 3.22
N LEU A 54 12.04 -5.37 2.50
CA LEU A 54 12.67 -5.38 1.17
C LEU A 54 11.80 -6.14 0.17
N GLU A 55 10.58 -5.66 -0.03
CA GLU A 55 9.65 -6.30 -0.97
C GLU A 55 9.38 -5.40 -2.17
N GLU A 56 8.92 -6.00 -3.26
CA GLU A 56 8.62 -5.24 -4.47
C GLU A 56 7.57 -5.97 -5.32
N PHE A 57 6.67 -5.20 -5.92
CA PHE A 57 5.62 -5.77 -6.75
C PHE A 57 5.23 -4.81 -7.87
N GLN A 58 4.86 -5.36 -9.02
CA GLN A 58 4.46 -4.56 -10.16
C GLN A 58 2.98 -4.76 -10.49
N THR A 59 2.40 -3.80 -11.20
CA THR A 59 0.99 -3.87 -11.57
C THR A 59 0.67 -2.86 -12.67
N PRO A 60 -0.18 -3.28 -13.62
CA PRO A 60 -0.58 -2.43 -14.75
C PRO A 60 -1.50 -1.29 -14.31
N ILE A 61 -1.08 -0.06 -14.59
CA ILE A 61 -1.85 1.12 -14.22
C ILE A 61 -2.14 1.99 -15.44
N THR A 62 -2.81 3.11 -15.21
CA THR A 62 -3.13 4.04 -16.29
C THR A 62 -3.03 5.49 -15.81
N TYR A 63 -3.31 6.42 -16.72
CA TYR A 63 -3.25 7.85 -16.40
C TYR A 63 -4.34 8.21 -15.38
N LEU A 64 -5.46 7.52 -15.45
CA LEU A 64 -6.58 7.78 -14.54
C LEU A 64 -6.34 7.10 -13.19
N SER A 65 -5.68 5.95 -13.23
CA SER A 65 -5.39 5.21 -12.00
C SER A 65 -4.88 6.14 -10.91
N GLU A 66 -4.76 5.60 -9.70
CA GLU A 66 -4.29 6.38 -8.55
C GLU A 66 -3.26 5.59 -7.74
N PRO A 67 -2.46 6.31 -6.94
CA PRO A 67 -1.43 5.71 -6.10
C PRO A 67 -2.01 4.91 -4.95
N VAL A 68 -3.34 4.92 -4.84
CA VAL A 68 -4.03 4.19 -3.78
C VAL A 68 -4.49 2.83 -4.26
N ASP A 69 -4.79 2.74 -5.56
CA ASP A 69 -5.24 1.49 -6.15
C ASP A 69 -4.12 0.44 -6.14
N VAL A 70 -2.91 0.87 -6.49
CA VAL A 70 -1.76 -0.03 -6.52
C VAL A 70 -1.66 -0.82 -5.23
N TYR A 71 -1.92 -0.16 -4.10
CA TYR A 71 -1.85 -0.80 -2.80
C TYR A 71 -2.79 -2.00 -2.73
N SER A 72 -4.07 -1.76 -3.05
CA SER A 72 -5.07 -2.81 -3.02
C SER A 72 -4.63 -4.01 -3.86
N ASP A 73 -4.26 -3.75 -5.11
CA ASP A 73 -3.81 -4.79 -6.01
C ASP A 73 -2.71 -5.64 -5.37
N TRP A 74 -1.77 -4.97 -4.72
CA TRP A 74 -0.67 -5.66 -4.06
C TRP A 74 -1.19 -6.70 -3.05
N ILE A 75 -2.31 -6.38 -2.42
CA ILE A 75 -2.91 -7.28 -1.44
C ILE A 75 -3.36 -8.59 -2.11
N ASP A 76 -4.30 -8.47 -3.04
CA ASP A 76 -4.82 -9.63 -3.74
C ASP A 76 -3.69 -10.40 -4.42
N ALA A 77 -2.56 -9.73 -4.63
CA ALA A 77 -1.41 -10.35 -5.27
C ALA A 77 -0.62 -11.19 -4.28
N CYS A 78 -0.74 -10.86 -3.00
CA CYS A 78 -0.03 -11.59 -1.95
C CYS A 78 -0.90 -12.70 -1.38
N GLU A 79 -2.09 -12.33 -0.90
CA GLU A 79 -3.02 -13.29 -0.33
C GLU A 79 -3.23 -14.48 -1.27
N SER A 80 -2.86 -14.30 -2.53
CA SER A 80 -3.00 -15.35 -3.53
C SER A 80 -1.87 -16.36 -3.42
N GLY A 81 -2.22 -17.65 -3.44
CA GLY A 81 -1.22 -18.69 -3.34
C GLY A 81 -0.16 -18.57 -4.42
N PRO A 82 -0.37 -19.25 -5.55
CA PRO A 82 0.56 -19.23 -6.68
C PRO A 82 0.59 -17.87 -7.38
N SER A 83 1.47 -17.76 -8.37
CA SER A 83 1.60 -16.51 -9.12
C SER A 83 1.01 -16.65 -10.53
N SER A 84 0.50 -15.54 -11.06
CA SER A 84 -0.10 -15.55 -12.39
C SER A 84 0.95 -15.22 -13.46
N GLY A 85 1.58 -14.06 -13.31
CA GLY A 85 2.59 -13.64 -14.26
C GLY A 85 3.75 -12.92 -13.60
ZN ZN B . 7.30 -5.09 4.21
#